data_6U4O
#
_entry.id   6U4O
#
_cell.length_a   180.650
_cell.length_b   67.860
_cell.length_c   187.270
_cell.angle_alpha   90.000
_cell.angle_beta   118.610
_cell.angle_gamma   90.000
#
_symmetry.space_group_name_H-M   'C 1 2 1'
#
loop_
_entity.id
_entity.type
_entity.pdbx_description
1 polymer 'Fumarate hydratase'
2 non-polymer '(2S)-2-hydroxybutanedioic acid'
3 non-polymer GLYCEROL
4 non-polymer 'ACETATE ION'
5 water water
#
_entity_poly.entity_id   1
_entity_poly.type   'polypeptide(L)'
_entity_poly.pdbx_seq_one_letter_code
;MLETDSQRLRVVEDSLGKINVPLERYYGAQTARSLGNFNVCTRSDTMPLQIVYSLAMIKEVAACTNFKLGRISSKLSDAI
VKACREVYHGQHDNEFPLVIWQTGSGTQTNMNVNEVLSSRASELIDGSRSSRLTVHPNDHVNLGQSSNDIFPTAMNLSIA
METAWKVLPSLNHLINVLKIKMHEFMNVIKIGRTHMQDAVPMSVGQELSGYVSQLQQAVDSIKSQLPLICHLAVGGTAVG
TGLNCSKGFDEELCVSLTQLTDRLYRTMYKESTPVVDLIFKPAENKFAALAGHDALLQLSGCFNTTATALMRLSNDFCLL
SSGPNCGLSEFVLPANEPGSSIMPGKVNPTQCESLRMVCLQIMGNHFTTSMAASQGQLELNVCKPLIAANLLHTCELLTD
STRCFADKCVRDLQLNREKIQEYVDKSLMLVTVLTPHIGYDLSAKLVQHASKFKKGLRESAIELNLLCGEKFDEIVKPME
MAFPHNNK
;
_entity_poly.pdbx_strand_id   C,A,D,B
#
loop_
_chem_comp.id
_chem_comp.type
_chem_comp.name
_chem_comp.formula
ACT non-polymer 'ACETATE ION' 'C2 H3 O2 -1'
GOL non-polymer GLYCEROL 'C3 H8 O3'
LMR non-polymer '(2S)-2-hydroxybutanedioic acid' 'C4 H6 O5'
#
# COMPACT_ATOMS: atom_id res chain seq x y z
N LEU A 9 17.10 -49.26 9.15
CA LEU A 9 15.83 -50.06 9.17
C LEU A 9 15.84 -51.01 10.38
N ARG A 10 15.06 -50.70 11.41
CA ARG A 10 14.86 -51.56 12.61
C ARG A 10 14.03 -52.78 12.21
N VAL A 11 14.12 -53.86 12.99
CA VAL A 11 13.30 -55.09 12.82
C VAL A 11 12.38 -55.22 14.05
N VAL A 12 11.09 -55.45 13.83
CA VAL A 12 10.08 -55.70 14.90
C VAL A 12 9.27 -56.94 14.50
N GLU A 13 8.56 -57.54 15.45
CA GLU A 13 7.83 -58.83 15.26
C GLU A 13 6.44 -58.74 15.92
N ASP A 14 5.52 -59.58 15.47
CA ASP A 14 4.17 -59.76 16.07
C ASP A 14 3.67 -61.16 15.72
N SER A 15 2.45 -61.50 16.16
CA SER A 15 1.74 -62.78 15.90
C SER A 15 1.97 -63.24 14.45
N LEU A 16 1.91 -62.32 13.48
CA LEU A 16 1.95 -62.61 12.02
C LEU A 16 3.39 -62.76 11.51
N GLY A 17 4.41 -62.47 12.33
CA GLY A 17 5.83 -62.71 12.01
C GLY A 17 6.69 -61.47 12.21
N LYS A 18 7.65 -61.25 11.30
CA LYS A 18 8.69 -60.19 11.38
C LYS A 18 8.50 -59.18 10.24
N ILE A 19 8.85 -57.91 10.49
CA ILE A 19 8.64 -56.78 9.52
C ILE A 19 9.62 -55.64 9.86
N ASN A 20 9.96 -54.81 8.87
CA ASN A 20 10.90 -53.66 8.99
C ASN A 20 10.13 -52.35 9.22
N VAL A 21 10.75 -51.42 9.95
CA VAL A 21 10.38 -49.98 10.08
C VAL A 21 11.66 -49.17 9.99
N PRO A 22 11.65 -47.87 9.58
CA PRO A 22 12.85 -47.04 9.71
C PRO A 22 13.34 -46.97 11.17
N LEU A 23 14.66 -46.94 11.37
CA LEU A 23 15.30 -46.97 12.72
C LEU A 23 14.97 -45.68 13.49
N GLU A 24 14.70 -44.57 12.78
CA GLU A 24 14.39 -43.23 13.37
C GLU A 24 13.00 -43.24 14.04
N ARG A 25 12.09 -44.09 13.55
CA ARG A 25 10.63 -44.04 13.86
C ARG A 25 10.34 -44.75 15.19
N TYR A 26 9.28 -44.32 15.87
CA TYR A 26 8.85 -44.80 17.20
C TYR A 26 7.72 -45.83 17.03
N TYR A 27 7.03 -45.81 15.88
CA TYR A 27 5.93 -46.78 15.59
C TYR A 27 6.55 -48.17 15.36
N GLY A 28 5.76 -49.22 15.55
CA GLY A 28 6.20 -50.63 15.50
C GLY A 28 5.37 -51.47 14.52
N ALA A 29 5.23 -52.76 14.83
CA ALA A 29 4.76 -53.83 13.92
C ALA A 29 3.38 -53.49 13.34
N GLN A 30 2.44 -53.10 14.20
CA GLN A 30 1.00 -52.92 13.84
C GLN A 30 0.87 -51.75 12.86
N THR A 31 1.65 -50.70 13.08
CA THR A 31 1.73 -49.51 12.20
C THR A 31 2.37 -49.93 10.87
N ALA A 32 3.51 -50.64 10.93
CA ALA A 32 4.19 -51.18 9.73
C ALA A 32 3.18 -51.95 8.88
N ARG A 33 2.40 -52.83 9.50
CA ARG A 33 1.44 -53.71 8.76
C ARG A 33 0.33 -52.86 8.13
N SER A 34 -0.28 -51.96 8.90
CA SER A 34 -1.38 -51.08 8.41
C SER A 34 -0.88 -50.22 7.25
N LEU A 35 0.36 -49.72 7.30
CA LEU A 35 0.97 -48.93 6.20
C LEU A 35 0.82 -49.70 4.87
N GLY A 36 1.30 -50.95 4.86
CA GLY A 36 1.35 -51.83 3.68
C GLY A 36 -0.04 -52.34 3.28
N ASN A 37 -0.90 -52.62 4.27
CA ASN A 37 -2.21 -53.28 4.05
C ASN A 37 -3.28 -52.30 3.53
N PHE A 38 -3.13 -51.00 3.76
CA PHE A 38 -4.14 -49.96 3.43
C PHE A 38 -3.49 -48.83 2.61
N ASN A 39 -2.98 -49.19 1.43
CA ASN A 39 -2.38 -48.25 0.46
C ASN A 39 -3.50 -47.59 -0.35
N VAL A 40 -4.25 -46.69 0.30
CA VAL A 40 -5.45 -45.98 -0.25
C VAL A 40 -5.26 -44.49 0.02
N CYS A 41 -4.94 -43.72 -1.03
CA CYS A 41 -4.77 -42.25 -0.96
C CYS A 41 -3.80 -41.88 0.16
N THR A 42 -2.68 -42.60 0.29
CA THR A 42 -1.71 -42.41 1.40
C THR A 42 -1.11 -41.00 1.33
N ARG A 43 -1.13 -40.37 0.16
CA ARG A 43 -0.50 -39.03 -0.04
C ARG A 43 -1.36 -37.96 0.65
N SER A 44 -2.69 -38.11 0.64
CA SER A 44 -3.65 -37.02 0.97
C SER A 44 -4.63 -37.37 2.11
N ASP A 45 -4.89 -38.64 2.39
CA ASP A 45 -6.00 -39.07 3.29
C ASP A 45 -5.43 -39.67 4.60
N THR A 46 -4.34 -39.11 5.11
CA THR A 46 -3.75 -39.46 6.43
C THR A 46 -4.85 -39.30 7.48
N MET A 47 -4.92 -40.18 8.48
CA MET A 47 -5.84 -39.96 9.63
C MET A 47 -5.58 -38.55 10.16
N PRO A 48 -6.64 -37.73 10.38
CA PRO A 48 -6.46 -36.38 10.89
C PRO A 48 -5.63 -36.34 12.20
N LEU A 49 -4.65 -35.44 12.28
CA LEU A 49 -3.79 -35.32 13.49
C LEU A 49 -4.62 -34.97 14.72
N GLN A 50 -5.77 -34.28 14.57
CA GLN A 50 -6.62 -33.90 15.73
C GLN A 50 -7.07 -35.18 16.45
N ILE A 51 -7.29 -36.27 15.72
CA ILE A 51 -7.64 -37.59 16.32
C ILE A 51 -6.42 -38.11 17.10
N VAL A 52 -5.21 -38.03 16.51
CA VAL A 52 -3.96 -38.55 17.14
C VAL A 52 -3.69 -37.76 18.42
N TYR A 53 -3.85 -36.43 18.37
CA TYR A 53 -3.64 -35.51 19.52
C TYR A 53 -4.60 -35.82 20.66
N SER A 54 -5.88 -36.04 20.35
CA SER A 54 -6.92 -36.39 21.35
C SER A 54 -6.66 -37.78 21.93
N LEU A 55 -6.21 -38.75 21.12
CA LEU A 55 -5.82 -40.08 21.65
C LEU A 55 -4.68 -39.91 22.66
N ALA A 56 -3.70 -39.04 22.37
CA ALA A 56 -2.55 -38.76 23.26
C ALA A 56 -3.05 -38.17 24.58
N MET A 57 -3.99 -37.22 24.51
N MET A 57 -4.01 -37.25 24.52
CA MET A 57 -4.61 -36.59 25.71
CA MET A 57 -4.58 -36.60 25.73
C MET A 57 -5.28 -37.67 26.57
C MET A 57 -5.31 -37.64 26.57
N ILE A 58 -6.05 -38.55 25.93
CA ILE A 58 -6.81 -39.62 26.64
C ILE A 58 -5.84 -40.60 27.31
N LYS A 59 -4.74 -40.96 26.62
CA LYS A 59 -3.73 -41.93 27.14
C LYS A 59 -3.03 -41.30 28.36
N GLU A 60 -2.78 -39.98 28.33
CA GLU A 60 -2.18 -39.23 29.46
C GLU A 60 -3.08 -39.41 30.70
N VAL A 61 -4.34 -39.00 30.61
CA VAL A 61 -5.29 -39.06 31.76
C VAL A 61 -5.57 -40.52 32.13
N ALA A 62 -5.54 -41.45 31.17
CA ALA A 62 -5.66 -42.90 31.43
C ALA A 62 -4.48 -43.36 32.30
N ALA A 63 -3.27 -42.88 32.02
CA ALA A 63 -2.04 -43.24 32.76
C ALA A 63 -2.18 -42.80 34.22
N CYS A 64 -2.62 -41.55 34.41
CA CYS A 64 -2.78 -40.91 35.74
C CYS A 64 -3.86 -41.68 36.52
N THR A 65 -4.97 -41.98 35.86
CA THR A 65 -6.14 -42.68 36.49
C THR A 65 -5.75 -44.11 36.85
N ASN A 66 -5.00 -44.79 35.99
CA ASN A 66 -4.57 -46.20 36.19
C ASN A 66 -3.66 -46.24 37.43
N PHE A 67 -2.81 -45.22 37.61
CA PHE A 67 -1.89 -45.11 38.77
C PHE A 67 -2.70 -44.86 40.06
N LYS A 68 -3.69 -43.96 40.02
CA LYS A 68 -4.57 -43.61 41.18
C LYS A 68 -5.38 -44.82 41.63
N LEU A 69 -5.73 -45.73 40.71
CA LEU A 69 -6.48 -46.98 41.03
C LEU A 69 -5.50 -48.11 41.36
N GLY A 70 -4.19 -47.81 41.39
CA GLY A 70 -3.11 -48.72 41.80
C GLY A 70 -2.90 -49.86 40.80
N ARG A 71 -3.19 -49.61 39.52
CA ARG A 71 -3.22 -50.63 38.44
C ARG A 71 -1.91 -50.57 37.63
N ILE A 72 -1.07 -49.56 37.88
CA ILE A 72 0.24 -49.37 37.19
C ILE A 72 1.15 -48.54 38.10
N SER A 73 2.46 -48.71 37.98
CA SER A 73 3.49 -48.00 38.78
C SER A 73 3.54 -46.53 38.34
N SER A 74 4.25 -45.69 39.11
CA SER A 74 4.41 -44.24 38.86
C SER A 74 5.63 -43.98 37.98
N LYS A 75 6.56 -44.94 37.89
CA LYS A 75 7.71 -44.85 36.96
C LYS A 75 7.16 -44.86 35.53
N LEU A 76 6.26 -45.80 35.24
CA LEU A 76 5.68 -46.05 33.89
C LEU A 76 4.70 -44.91 33.54
N SER A 77 3.72 -44.67 34.40
CA SER A 77 2.71 -43.57 34.29
C SER A 77 3.41 -42.27 33.90
N ASP A 78 4.50 -41.92 34.58
CA ASP A 78 5.19 -40.61 34.43
C ASP A 78 5.81 -40.51 33.02
N ALA A 79 6.49 -41.56 32.55
CA ALA A 79 7.18 -41.58 31.24
C ALA A 79 6.13 -41.51 30.11
N ILE A 80 5.04 -42.27 30.25
CA ILE A 80 3.89 -42.23 29.30
C ILE A 80 3.40 -40.79 29.19
N VAL A 81 3.15 -40.14 30.34
CA VAL A 81 2.56 -38.77 30.44
C VAL A 81 3.42 -37.80 29.63
N LYS A 82 4.75 -37.86 29.79
CA LYS A 82 5.71 -36.97 29.07
C LYS A 82 5.68 -37.30 27.57
N ALA A 83 5.53 -38.58 27.21
CA ALA A 83 5.42 -39.02 25.80
C ALA A 83 4.15 -38.41 25.19
N CYS A 84 3.01 -38.61 25.84
CA CYS A 84 1.68 -38.08 25.42
C CYS A 84 1.79 -36.59 25.08
N ARG A 85 2.37 -35.79 25.98
CA ARG A 85 2.48 -34.31 25.82
C ARG A 85 3.32 -33.95 24.58
N GLU A 86 4.44 -34.65 24.35
CA GLU A 86 5.28 -34.43 23.13
C GLU A 86 4.40 -34.58 21.89
N VAL A 87 3.50 -35.55 21.86
CA VAL A 87 2.62 -35.85 20.69
C VAL A 87 1.61 -34.70 20.49
N TYR A 88 0.82 -34.33 21.51
CA TYR A 88 -0.23 -33.30 21.29
C TYR A 88 0.37 -31.88 21.24
N HIS A 89 1.66 -31.69 21.52
CA HIS A 89 2.36 -30.40 21.25
C HIS A 89 3.04 -30.44 19.87
N GLY A 90 2.93 -31.55 19.15
CA GLY A 90 3.28 -31.65 17.72
C GLY A 90 4.76 -31.91 17.48
N GLN A 91 5.40 -32.75 18.29
CA GLN A 91 6.85 -33.08 18.17
C GLN A 91 7.04 -34.47 17.56
N HIS A 92 5.96 -35.11 17.07
CA HIS A 92 6.00 -36.47 16.49
C HIS A 92 4.94 -36.63 15.39
N ASP A 93 4.67 -35.58 14.60
CA ASP A 93 3.58 -35.62 13.58
C ASP A 93 3.86 -36.72 12.55
N ASN A 94 5.14 -37.02 12.30
CA ASN A 94 5.62 -37.96 11.24
C ASN A 94 5.67 -39.39 11.78
N GLU A 95 5.24 -39.63 13.02
CA GLU A 95 5.16 -41.00 13.59
C GLU A 95 3.78 -41.61 13.28
N PHE A 96 2.91 -40.88 12.56
CA PHE A 96 1.50 -41.27 12.26
C PHE A 96 1.25 -41.20 10.75
N PRO A 97 1.60 -42.27 10.00
CA PRO A 97 1.41 -42.31 8.55
C PRO A 97 0.13 -43.01 8.05
N LEU A 98 -0.71 -43.53 8.96
CA LEU A 98 -1.86 -44.38 8.61
C LEU A 98 -2.98 -43.52 8.02
N VAL A 99 -3.79 -44.12 7.14
CA VAL A 99 -4.85 -43.39 6.40
C VAL A 99 -6.18 -43.52 7.15
N ILE A 100 -7.15 -42.72 6.74
CA ILE A 100 -8.58 -42.80 7.16
C ILE A 100 -9.10 -44.20 6.85
N TRP A 101 -8.76 -44.72 5.66
CA TRP A 101 -9.34 -45.94 5.03
C TRP A 101 -8.67 -47.18 5.62
N GLN A 102 -8.69 -47.29 6.94
CA GLN A 102 -8.15 -48.44 7.70
C GLN A 102 -9.34 -49.24 8.22
N THR A 103 -9.12 -50.05 9.25
CA THR A 103 -10.18 -50.72 10.05
C THR A 103 -11.21 -49.66 10.51
N GLY A 104 -12.48 -50.05 10.52
CA GLY A 104 -13.62 -49.15 10.77
C GLY A 104 -13.75 -48.75 12.22
N SER A 105 -12.99 -49.39 13.12
CA SER A 105 -12.95 -49.10 14.57
C SER A 105 -11.86 -48.08 14.89
N GLY A 106 -10.97 -47.76 13.95
CA GLY A 106 -9.77 -46.94 14.21
C GLY A 106 -8.74 -47.67 15.07
N THR A 107 -8.89 -48.98 15.28
CA THR A 107 -7.94 -49.84 16.03
C THR A 107 -6.49 -49.54 15.65
N GLN A 108 -6.19 -49.39 14.36
CA GLN A 108 -4.79 -49.33 13.85
C GLN A 108 -4.14 -48.00 14.27
N THR A 109 -4.86 -46.89 14.18
CA THR A 109 -4.41 -45.58 14.72
C THR A 109 -4.29 -45.66 16.24
N ASN A 110 -5.18 -46.36 16.96
CA ASN A 110 -5.06 -46.57 18.43
C ASN A 110 -3.76 -47.32 18.72
N MET A 111 -3.46 -48.37 17.94
CA MET A 111 -2.20 -49.16 18.08
C MET A 111 -1.00 -48.27 17.75
N ASN A 112 -1.11 -47.47 16.69
CA ASN A 112 -0.07 -46.50 16.25
C ASN A 112 0.30 -45.59 17.43
N VAL A 113 -0.69 -45.02 18.11
CA VAL A 113 -0.48 -44.13 19.27
C VAL A 113 0.12 -44.96 20.41
N ASN A 114 -0.43 -46.15 20.66
CA ASN A 114 0.09 -47.09 21.70
C ASN A 114 1.56 -47.39 21.45
N GLU A 115 1.97 -47.69 20.21
CA GLU A 115 3.35 -48.11 19.85
C GLU A 115 4.32 -46.94 20.00
N VAL A 116 3.95 -45.75 19.51
CA VAL A 116 4.81 -44.52 19.57
C VAL A 116 5.00 -44.09 21.04
N LEU A 117 3.94 -44.13 21.85
CA LEU A 117 4.01 -43.74 23.28
C LEU A 117 4.85 -44.81 24.02
N SER A 118 4.51 -46.09 23.82
CA SER A 118 5.21 -47.30 24.33
C SER A 118 6.73 -47.13 24.15
N SER A 119 7.18 -46.90 22.92
CA SER A 119 8.62 -46.90 22.56
C SER A 119 9.30 -45.64 23.11
N ARG A 120 8.67 -44.47 22.99
CA ARG A 120 9.22 -43.18 23.52
C ARG A 120 9.32 -43.24 25.05
N ALA A 121 8.23 -43.63 25.73
CA ALA A 121 8.17 -43.80 27.20
C ALA A 121 9.29 -44.76 27.63
N SER A 122 9.45 -45.88 26.92
CA SER A 122 10.52 -46.88 27.12
C SER A 122 11.91 -46.22 26.97
N GLU A 123 12.06 -45.30 26.01
CA GLU A 123 13.34 -44.57 25.79
C GLU A 123 13.64 -43.63 26.97
N LEU A 124 12.63 -42.90 27.45
CA LEU A 124 12.80 -41.91 28.56
C LEU A 124 13.19 -42.62 29.85
N ILE A 125 12.57 -43.77 30.17
CA ILE A 125 12.91 -44.61 31.36
C ILE A 125 14.34 -45.14 31.21
N ASP A 126 14.61 -45.94 30.17
CA ASP A 126 15.91 -46.63 29.91
C ASP A 126 17.03 -45.60 29.72
N GLY A 127 16.78 -44.55 28.93
CA GLY A 127 17.78 -43.56 28.52
C GLY A 127 18.32 -43.87 27.13
N SER A 128 18.11 -45.10 26.66
CA SER A 128 18.46 -45.58 25.29
C SER A 128 17.28 -46.40 24.73
N ARG A 129 17.33 -46.71 23.43
CA ARG A 129 16.28 -47.48 22.70
C ARG A 129 16.73 -48.94 22.56
N SER A 130 15.96 -49.88 23.11
CA SER A 130 16.24 -51.35 23.10
C SER A 130 15.07 -52.09 22.43
N SER A 131 15.34 -53.29 21.90
CA SER A 131 14.35 -54.20 21.27
C SER A 131 13.31 -54.64 22.30
N ARG A 132 13.75 -54.94 23.54
CA ARG A 132 12.87 -55.24 24.70
C ARG A 132 12.41 -53.92 25.31
N LEU A 133 11.11 -53.60 25.18
CA LEU A 133 10.48 -52.35 25.66
C LEU A 133 10.08 -52.50 27.14
N THR A 134 10.43 -51.52 27.98
CA THR A 134 9.98 -51.45 29.41
C THR A 134 8.46 -51.19 29.44
N VAL A 135 7.96 -50.35 28.54
CA VAL A 135 6.52 -49.93 28.48
C VAL A 135 5.83 -50.71 27.35
N HIS A 136 4.92 -51.61 27.73
N HIS A 136 4.93 -51.63 27.72
CA HIS A 136 4.11 -52.45 26.80
CA HIS A 136 4.12 -52.45 26.78
C HIS A 136 2.98 -51.60 26.20
C HIS A 136 3.01 -51.58 26.19
N PRO A 137 2.69 -51.69 24.88
CA PRO A 137 1.58 -50.93 24.31
C PRO A 137 0.19 -51.36 24.84
N ASN A 138 -0.01 -52.66 25.00
CA ASN A 138 -1.31 -53.27 25.41
C ASN A 138 -1.46 -53.25 26.94
N ASP A 139 -0.45 -53.75 27.68
CA ASP A 139 -0.50 -54.01 29.15
C ASP A 139 -0.45 -52.68 29.93
N HIS A 140 0.31 -51.68 29.45
CA HIS A 140 0.47 -50.35 30.10
C HIS A 140 -0.32 -49.27 29.37
N VAL A 141 0.11 -48.88 28.17
CA VAL A 141 -0.39 -47.64 27.49
C VAL A 141 -1.88 -47.80 27.15
N ASN A 142 -2.33 -49.01 26.83
CA ASN A 142 -3.75 -49.28 26.46
C ASN A 142 -4.53 -49.87 27.64
N LEU A 143 -4.01 -49.80 28.87
CA LEU A 143 -4.61 -50.52 30.04
C LEU A 143 -6.00 -49.98 30.37
N GLY A 144 -7.01 -50.86 30.46
CA GLY A 144 -8.39 -50.52 30.84
C GLY A 144 -9.19 -49.98 29.66
N GLN A 145 -8.68 -50.16 28.44
CA GLN A 145 -9.16 -49.50 27.20
C GLN A 145 -9.36 -50.53 26.07
N SER A 146 -10.34 -50.29 25.22
CA SER A 146 -10.42 -50.85 23.85
C SER A 146 -10.34 -49.69 22.85
N SER A 147 -10.13 -49.99 21.57
CA SER A 147 -10.29 -49.02 20.47
C SER A 147 -11.79 -48.74 20.30
N ASN A 148 -12.62 -49.71 20.70
CA ASN A 148 -14.09 -49.63 20.56
C ASN A 148 -14.61 -48.46 21.41
N ASP A 149 -14.02 -48.18 22.58
CA ASP A 149 -14.47 -47.05 23.44
C ASP A 149 -13.52 -45.85 23.31
N ILE A 150 -12.23 -46.06 23.13
CA ILE A 150 -11.24 -44.94 23.13
C ILE A 150 -11.26 -44.21 21.78
N PHE A 151 -11.57 -44.87 20.66
CA PHE A 151 -11.60 -44.14 19.37
C PHE A 151 -12.80 -43.19 19.36
N PRO A 152 -14.04 -43.60 19.72
CA PRO A 152 -15.18 -42.68 19.85
C PRO A 152 -14.94 -41.53 20.85
N THR A 153 -14.23 -41.82 21.94
CA THR A 153 -13.83 -40.79 22.95
C THR A 153 -12.91 -39.78 22.26
N ALA A 154 -11.95 -40.22 21.46
CA ALA A 154 -11.03 -39.29 20.75
C ALA A 154 -11.79 -38.50 19.67
N MET A 155 -12.81 -39.10 19.06
CA MET A 155 -13.66 -38.45 18.02
C MET A 155 -14.44 -37.27 18.65
N ASN A 156 -15.17 -37.55 19.73
CA ASN A 156 -15.95 -36.55 20.49
C ASN A 156 -15.02 -35.48 21.08
N LEU A 157 -13.94 -35.86 21.77
CA LEU A 157 -12.96 -34.88 22.32
C LEU A 157 -12.39 -33.96 21.23
N SER A 158 -11.90 -34.52 20.12
CA SER A 158 -11.20 -33.74 19.07
C SER A 158 -12.22 -32.78 18.41
N ILE A 159 -13.45 -33.23 18.21
CA ILE A 159 -14.51 -32.43 17.52
C ILE A 159 -15.11 -31.38 18.48
N ALA A 160 -15.22 -31.69 19.78
CA ALA A 160 -15.65 -30.73 20.82
C ALA A 160 -14.65 -29.55 20.84
N MET A 161 -13.35 -29.83 20.85
CA MET A 161 -12.29 -28.78 20.90
C MET A 161 -12.29 -27.96 19.60
N GLU A 162 -12.39 -28.60 18.43
CA GLU A 162 -12.46 -27.90 17.12
C GLU A 162 -13.65 -26.94 17.14
N THR A 163 -14.82 -27.44 17.55
CA THR A 163 -16.11 -26.71 17.51
C THR A 163 -16.12 -25.55 18.53
N ALA A 164 -15.79 -25.81 19.79
CA ALA A 164 -15.82 -24.80 20.88
C ALA A 164 -14.77 -23.71 20.63
N TRP A 165 -13.57 -24.07 20.16
CA TRP A 165 -12.38 -23.17 20.21
C TRP A 165 -12.08 -22.56 18.84
N LYS A 166 -12.56 -23.16 17.76
CA LYS A 166 -12.17 -22.74 16.38
C LYS A 166 -13.43 -22.32 15.62
N VAL A 167 -14.43 -23.20 15.53
CA VAL A 167 -15.66 -22.98 14.72
C VAL A 167 -16.46 -21.82 15.33
N LEU A 168 -16.77 -21.88 16.63
CA LEU A 168 -17.67 -20.87 17.26
C LEU A 168 -17.04 -19.48 17.22
N PRO A 169 -15.75 -19.28 17.55
CA PRO A 169 -15.15 -17.95 17.40
C PRO A 169 -15.26 -17.41 15.97
N SER A 170 -15.05 -18.26 14.95
CA SER A 170 -15.12 -17.85 13.52
C SER A 170 -16.53 -17.38 13.20
N LEU A 171 -17.56 -18.17 13.53
CA LEU A 171 -18.99 -17.81 13.30
C LEU A 171 -19.33 -16.54 14.07
N ASN A 172 -18.88 -16.39 15.34
CA ASN A 172 -19.13 -15.19 16.16
C ASN A 172 -18.46 -13.98 15.50
N HIS A 173 -17.24 -14.14 14.96
CA HIS A 173 -16.51 -13.07 14.22
C HIS A 173 -17.34 -12.61 13.02
N LEU A 174 -17.84 -13.55 12.21
CA LEU A 174 -18.63 -13.22 10.99
C LEU A 174 -19.92 -12.49 11.41
N ILE A 175 -20.59 -12.96 12.46
CA ILE A 175 -21.80 -12.30 13.02
C ILE A 175 -21.46 -10.85 13.43
N ASN A 176 -20.36 -10.68 14.15
CA ASN A 176 -19.92 -9.36 14.67
C ASN A 176 -19.61 -8.41 13.50
N VAL A 177 -19.01 -8.90 12.41
CA VAL A 177 -18.67 -8.03 11.25
C VAL A 177 -19.96 -7.67 10.49
N LEU A 178 -20.92 -8.60 10.36
CA LEU A 178 -22.22 -8.32 9.71
C LEU A 178 -22.98 -7.27 10.56
N LYS A 179 -22.95 -7.39 11.88
CA LYS A 179 -23.60 -6.44 12.82
C LYS A 179 -23.05 -5.03 12.62
N ILE A 180 -21.75 -4.84 12.42
CA ILE A 180 -21.16 -3.50 12.12
C ILE A 180 -21.84 -2.92 10.87
N LYS A 181 -21.94 -3.69 9.78
CA LYS A 181 -22.56 -3.20 8.51
C LYS A 181 -24.07 -3.06 8.69
N MET A 182 -24.71 -3.98 9.43
CA MET A 182 -26.15 -3.92 9.76
C MET A 182 -26.49 -2.53 10.34
N HIS A 183 -25.78 -2.11 11.39
CA HIS A 183 -25.95 -0.78 12.05
C HIS A 183 -25.53 0.34 11.09
N GLU A 184 -24.39 0.21 10.43
CA GLU A 184 -23.86 1.26 9.50
C GLU A 184 -24.92 1.60 8.45
N PHE A 185 -25.66 0.62 7.93
CA PHE A 185 -26.60 0.81 6.79
C PHE A 185 -28.05 0.62 7.20
N MET A 186 -28.36 0.70 8.50
CA MET A 186 -29.73 0.46 9.03
C MET A 186 -30.71 1.47 8.44
N ASN A 187 -30.28 2.68 8.07
CA ASN A 187 -31.19 3.76 7.62
C ASN A 187 -31.14 3.92 6.10
N VAL A 188 -30.44 3.04 5.38
CA VAL A 188 -30.36 3.09 3.89
C VAL A 188 -31.53 2.29 3.32
N ILE A 189 -32.48 2.96 2.68
CA ILE A 189 -33.70 2.32 2.13
C ILE A 189 -33.38 1.75 0.75
N LYS A 190 -33.76 0.49 0.52
CA LYS A 190 -33.59 -0.23 -0.77
C LYS A 190 -34.92 -0.90 -1.06
N ILE A 191 -35.05 -1.58 -2.20
CA ILE A 191 -36.27 -2.33 -2.57
C ILE A 191 -36.02 -3.82 -2.30
N GLY A 192 -36.93 -4.42 -1.53
CA GLY A 192 -37.00 -5.88 -1.35
C GLY A 192 -37.39 -6.55 -2.64
N ARG A 193 -36.91 -7.77 -2.86
CA ARG A 193 -37.27 -8.59 -4.05
C ARG A 193 -37.71 -9.96 -3.55
N THR A 194 -38.88 -10.39 -4.00
CA THR A 194 -39.49 -11.71 -3.73
C THR A 194 -39.75 -12.36 -5.09
N HIS A 195 -39.28 -13.58 -5.28
CA HIS A 195 -39.35 -14.28 -6.58
C HIS A 195 -38.49 -13.51 -7.60
N MET A 196 -37.50 -12.75 -7.13
CA MET A 196 -36.65 -11.84 -7.93
C MET A 196 -37.47 -10.74 -8.62
N GLN A 197 -38.70 -10.50 -8.18
CA GLN A 197 -39.54 -9.39 -8.69
C GLN A 197 -39.51 -8.23 -7.69
N ASP A 198 -39.73 -7.00 -8.18
CA ASP A 198 -39.77 -5.77 -7.36
C ASP A 198 -40.84 -5.91 -6.29
N ALA A 199 -40.48 -5.68 -5.02
CA ALA A 199 -41.40 -5.73 -3.87
C ALA A 199 -41.45 -4.34 -3.22
N VAL A 200 -41.46 -4.29 -1.88
CA VAL A 200 -41.69 -3.03 -1.11
C VAL A 200 -40.38 -2.63 -0.43
N PRO A 201 -40.29 -1.37 0.04
CA PRO A 201 -39.05 -0.88 0.65
C PRO A 201 -38.72 -1.63 1.95
N MET A 202 -37.43 -1.76 2.18
CA MET A 202 -36.82 -2.25 3.43
C MET A 202 -35.47 -1.55 3.53
N SER A 203 -34.81 -1.58 4.68
CA SER A 203 -33.45 -1.02 4.82
C SER A 203 -32.42 -2.11 4.50
N VAL A 204 -31.21 -1.70 4.11
CA VAL A 204 -30.04 -2.60 3.91
C VAL A 204 -29.76 -3.28 5.25
N GLY A 205 -29.88 -2.53 6.35
CA GLY A 205 -29.68 -3.05 7.72
C GLY A 205 -30.64 -4.18 8.03
N GLN A 206 -31.92 -3.99 7.72
CA GLN A 206 -32.96 -5.05 7.88
C GLN A 206 -32.51 -6.31 7.11
N GLU A 207 -32.05 -6.15 5.86
CA GLU A 207 -31.68 -7.30 4.99
C GLU A 207 -30.49 -8.03 5.63
N LEU A 208 -29.45 -7.30 6.07
CA LEU A 208 -28.28 -7.88 6.77
C LEU A 208 -28.69 -8.57 8.07
N SER A 209 -29.65 -8.02 8.81
CA SER A 209 -30.17 -8.61 10.08
C SER A 209 -30.76 -10.01 9.85
N GLY A 210 -31.28 -10.29 8.64
CA GLY A 210 -31.74 -11.65 8.25
C GLY A 210 -30.61 -12.67 8.34
N TYR A 211 -29.43 -12.35 7.80
CA TYR A 211 -28.24 -13.26 7.81
C TYR A 211 -27.71 -13.38 9.24
N VAL A 212 -27.66 -12.27 9.98
CA VAL A 212 -27.20 -12.25 11.39
C VAL A 212 -28.08 -13.23 12.20
N SER A 213 -29.39 -13.13 12.06
CA SER A 213 -30.37 -14.03 12.73
C SER A 213 -30.09 -15.50 12.38
N GLN A 214 -30.00 -15.84 11.08
CA GLN A 214 -29.77 -17.23 10.63
C GLN A 214 -28.47 -17.74 11.25
N LEU A 215 -27.38 -16.95 11.20
CA LEU A 215 -26.08 -17.37 11.76
C LEU A 215 -26.15 -17.44 13.29
N GLN A 216 -26.86 -16.51 13.96
CA GLN A 216 -27.03 -16.60 15.44
C GLN A 216 -27.77 -17.89 15.81
N GLN A 217 -28.81 -18.25 15.03
CA GLN A 217 -29.59 -19.48 15.26
C GLN A 217 -28.66 -20.69 15.18
N ALA A 218 -27.74 -20.68 14.21
CA ALA A 218 -26.75 -21.76 13.94
C ALA A 218 -25.81 -21.88 15.15
N VAL A 219 -25.21 -20.76 15.58
CA VAL A 219 -24.34 -20.67 16.79
C VAL A 219 -25.09 -21.19 18.03
N ASP A 220 -26.34 -20.79 18.24
CA ASP A 220 -27.12 -21.23 19.44
C ASP A 220 -27.31 -22.75 19.39
N SER A 221 -27.56 -23.33 18.21
CA SER A 221 -27.77 -24.80 18.05
C SER A 221 -26.47 -25.56 18.36
N ILE A 222 -25.33 -25.01 17.95
CA ILE A 222 -24.01 -25.68 18.11
C ILE A 222 -23.64 -25.62 19.60
N LYS A 223 -23.83 -24.47 20.24
CA LYS A 223 -23.55 -24.32 21.69
C LYS A 223 -24.40 -25.33 22.48
N SER A 224 -25.64 -25.56 22.08
CA SER A 224 -26.56 -26.47 22.81
C SER A 224 -26.11 -27.92 22.59
N GLN A 225 -25.50 -28.24 21.44
CA GLN A 225 -25.19 -29.64 21.08
C GLN A 225 -23.88 -30.06 21.75
N LEU A 226 -22.98 -29.11 22.04
CA LEU A 226 -21.60 -29.42 22.49
C LEU A 226 -21.63 -30.26 23.76
N PRO A 227 -22.39 -29.89 24.81
CA PRO A 227 -22.40 -30.67 26.05
C PRO A 227 -22.83 -32.12 25.82
N LEU A 228 -23.66 -32.37 24.81
CA LEU A 228 -24.14 -33.73 24.48
C LEU A 228 -23.02 -34.55 23.80
N ILE A 229 -22.12 -33.94 23.02
CA ILE A 229 -21.00 -34.72 22.41
C ILE A 229 -19.90 -34.90 23.45
N CYS A 230 -19.94 -34.15 24.56
CA CYS A 230 -19.00 -34.29 25.70
C CYS A 230 -19.37 -35.48 26.58
N HIS A 231 -20.40 -36.24 26.23
CA HIS A 231 -20.69 -37.58 26.82
C HIS A 231 -19.80 -38.60 26.11
N LEU A 232 -18.93 -39.28 26.85
CA LEU A 232 -17.84 -40.08 26.25
C LEU A 232 -18.11 -41.58 26.46
N ALA A 233 -17.69 -42.39 25.48
CA ALA A 233 -17.82 -43.86 25.48
C ALA A 233 -16.88 -44.47 26.53
N VAL A 234 -15.82 -43.75 26.93
CA VAL A 234 -14.68 -44.32 27.71
C VAL A 234 -15.20 -45.19 28.85
N GLY A 235 -14.59 -46.37 29.02
CA GLY A 235 -14.96 -47.37 30.04
C GLY A 235 -15.88 -48.46 29.50
N GLY A 236 -16.46 -48.32 28.30
CA GLY A 236 -17.31 -49.36 27.69
C GLY A 236 -16.50 -50.58 27.26
N THR A 237 -15.20 -50.41 27.03
CA THR A 237 -14.27 -51.45 26.49
C THR A 237 -14.89 -52.12 25.25
N ALA A 238 -14.85 -53.45 25.16
CA ALA A 238 -15.03 -54.22 23.90
C ALA A 238 -16.43 -54.02 23.31
N VAL A 239 -17.48 -54.21 24.10
CA VAL A 239 -18.89 -54.25 23.59
C VAL A 239 -19.79 -53.33 24.40
N GLY A 240 -19.26 -52.63 25.43
CA GLY A 240 -19.98 -51.64 26.25
C GLY A 240 -20.18 -52.09 27.70
N THR A 241 -19.82 -53.33 28.03
CA THR A 241 -20.00 -53.91 29.40
C THR A 241 -18.97 -53.36 30.38
N GLY A 242 -17.82 -52.86 29.89
CA GLY A 242 -16.72 -52.37 30.72
C GLY A 242 -15.81 -53.48 31.26
N LEU A 243 -15.91 -54.69 30.69
CA LEU A 243 -15.00 -55.82 31.01
C LEU A 243 -13.55 -55.36 30.86
N ASN A 244 -12.71 -55.69 31.84
CA ASN A 244 -11.24 -55.38 31.91
C ASN A 244 -11.02 -53.90 32.17
N CYS A 245 -12.04 -53.19 32.67
CA CYS A 245 -11.95 -51.77 33.08
C CYS A 245 -12.27 -51.67 34.58
N SER A 246 -11.46 -50.92 35.33
CA SER A 246 -11.65 -50.71 36.80
C SER A 246 -12.89 -49.85 37.06
N LYS A 247 -13.61 -50.18 38.14
CA LYS A 247 -14.76 -49.39 38.65
C LYS A 247 -14.28 -47.96 38.95
N GLY A 248 -15.00 -46.97 38.42
CA GLY A 248 -14.71 -45.53 38.60
C GLY A 248 -13.71 -44.98 37.60
N PHE A 249 -13.14 -45.81 36.73
CA PHE A 249 -12.12 -45.38 35.73
C PHE A 249 -12.77 -44.37 34.76
N ASP A 250 -13.98 -44.66 34.29
CA ASP A 250 -14.70 -43.75 33.33
C ASP A 250 -14.92 -42.38 33.98
N GLU A 251 -15.40 -42.34 35.21
CA GLU A 251 -15.74 -41.08 35.94
C GLU A 251 -14.45 -40.31 36.23
N GLU A 252 -13.40 -40.97 36.73
CA GLU A 252 -12.13 -40.29 37.12
C GLU A 252 -11.43 -39.76 35.87
N LEU A 253 -11.42 -40.51 34.77
CA LEU A 253 -10.73 -40.08 33.53
C LEU A 253 -11.41 -38.83 32.95
N CYS A 254 -12.75 -38.77 32.97
CA CYS A 254 -13.55 -37.62 32.49
C CYS A 254 -13.30 -36.37 33.35
N VAL A 255 -13.14 -36.53 34.67
CA VAL A 255 -12.74 -35.40 35.56
C VAL A 255 -11.39 -34.86 35.08
N SER A 256 -10.36 -35.71 34.96
CA SER A 256 -8.98 -35.31 34.56
C SER A 256 -8.98 -34.68 33.18
N LEU A 257 -9.74 -35.24 32.24
CA LEU A 257 -9.83 -34.75 30.84
C LEU A 257 -10.48 -33.37 30.79
N THR A 258 -11.49 -33.11 31.63
CA THR A 258 -12.10 -31.77 31.81
C THR A 258 -11.01 -30.76 32.21
N GLN A 259 -10.15 -31.12 33.18
CA GLN A 259 -9.11 -30.22 33.74
C GLN A 259 -7.96 -30.03 32.73
N LEU A 260 -7.55 -31.08 32.02
CA LEU A 260 -6.49 -30.99 30.98
C LEU A 260 -6.96 -30.07 29.85
N THR A 261 -8.20 -30.23 29.38
CA THR A 261 -8.78 -29.38 28.29
C THR A 261 -8.91 -27.95 28.80
N ASP A 262 -9.24 -27.74 30.07
CA ASP A 262 -9.37 -26.40 30.70
C ASP A 262 -8.02 -25.68 30.66
N ARG A 263 -6.95 -26.37 31.09
CA ARG A 263 -5.54 -25.88 31.06
C ARG A 263 -5.11 -25.63 29.60
N LEU A 264 -5.35 -26.59 28.71
CA LEU A 264 -4.96 -26.48 27.28
C LEU A 264 -5.57 -25.22 26.65
N TYR A 265 -6.86 -24.97 26.83
CA TYR A 265 -7.50 -23.74 26.28
C TYR A 265 -6.68 -22.52 26.72
N ARG A 266 -6.34 -22.47 28.01
CA ARG A 266 -5.77 -21.24 28.66
C ARG A 266 -4.29 -21.10 28.31
N THR A 267 -3.59 -22.17 27.91
CA THR A 267 -2.23 -22.06 27.32
C THR A 267 -2.37 -21.58 25.87
N MET A 268 -3.37 -22.04 25.14
CA MET A 268 -3.56 -21.72 23.70
C MET A 268 -4.08 -20.28 23.51
N TYR A 269 -5.00 -19.80 24.35
CA TYR A 269 -5.79 -18.56 24.11
C TYR A 269 -5.80 -17.70 25.37
N LYS A 270 -4.94 -16.68 25.42
CA LYS A 270 -4.73 -15.80 26.59
C LYS A 270 -5.85 -14.75 26.66
N GLU A 271 -6.21 -14.34 27.87
CA GLU A 271 -7.26 -13.32 28.13
C GLU A 271 -8.46 -13.59 27.23
N SER A 272 -8.96 -14.82 27.22
CA SER A 272 -10.25 -15.18 26.58
C SER A 272 -11.03 -16.16 27.45
N THR A 273 -12.36 -16.04 27.39
CA THR A 273 -13.34 -16.95 28.01
C THR A 273 -13.77 -17.94 26.93
N PRO A 274 -13.68 -19.28 27.13
CA PRO A 274 -14.18 -20.20 26.12
C PRO A 274 -15.65 -19.87 25.83
N VAL A 275 -16.11 -20.06 24.61
CA VAL A 275 -17.52 -19.77 24.24
C VAL A 275 -18.42 -20.76 24.98
N VAL A 276 -17.93 -21.99 25.15
CA VAL A 276 -18.60 -23.08 25.91
C VAL A 276 -17.52 -23.77 26.73
N ASP A 277 -17.80 -24.04 28.01
CA ASP A 277 -16.98 -24.92 28.88
C ASP A 277 -17.21 -26.37 28.46
N LEU A 278 -16.14 -27.14 28.25
CA LEU A 278 -16.23 -28.58 27.89
C LEU A 278 -16.14 -29.40 29.17
N ILE A 279 -17.27 -29.95 29.59
CA ILE A 279 -17.38 -30.83 30.80
C ILE A 279 -17.62 -32.24 30.27
N PHE A 280 -16.60 -33.09 30.32
CA PHE A 280 -16.69 -34.51 29.88
C PHE A 280 -17.30 -35.33 31.01
N LYS A 281 -18.22 -36.21 30.64
CA LYS A 281 -18.96 -37.14 31.54
C LYS A 281 -19.04 -38.48 30.84
N PRO A 282 -19.08 -39.61 31.59
CA PRO A 282 -19.32 -40.90 30.96
C PRO A 282 -20.70 -40.89 30.28
N ALA A 283 -20.81 -41.48 29.09
CA ALA A 283 -22.10 -41.69 28.40
C ALA A 283 -23.01 -42.53 29.31
N GLU A 284 -24.29 -42.20 29.38
CA GLU A 284 -25.30 -42.91 30.21
C GLU A 284 -25.45 -44.35 29.72
N ASN A 285 -25.33 -44.57 28.40
CA ASN A 285 -25.47 -45.92 27.80
C ASN A 285 -24.27 -46.17 26.88
N LYS A 286 -23.33 -47.00 27.35
CA LYS A 286 -22.05 -47.29 26.65
C LYS A 286 -22.31 -48.09 25.37
N PHE A 287 -23.39 -48.89 25.33
CA PHE A 287 -23.81 -49.69 24.16
C PHE A 287 -24.10 -48.74 22.99
N ALA A 288 -24.95 -47.73 23.21
CA ALA A 288 -25.30 -46.69 22.21
C ALA A 288 -24.05 -45.91 21.82
N ALA A 289 -23.10 -45.71 22.73
CA ALA A 289 -21.88 -44.90 22.52
C ALA A 289 -20.89 -45.63 21.60
N LEU A 290 -21.04 -46.96 21.46
CA LEU A 290 -20.18 -47.82 20.59
C LEU A 290 -20.90 -48.10 19.27
N ALA A 291 -22.21 -48.36 19.34
CA ALA A 291 -23.03 -48.90 18.24
C ALA A 291 -23.47 -47.78 17.30
N GLY A 292 -23.36 -46.53 17.77
CA GLY A 292 -23.91 -45.33 17.11
C GLY A 292 -23.09 -44.08 17.37
N HIS A 293 -23.30 -43.04 16.56
CA HIS A 293 -22.71 -41.69 16.73
C HIS A 293 -23.80 -40.64 16.60
N ASP A 294 -24.95 -40.87 17.24
CA ASP A 294 -26.17 -40.01 17.13
C ASP A 294 -25.82 -38.56 17.50
N ALA A 295 -25.10 -38.34 18.61
CA ALA A 295 -24.70 -37.00 19.10
C ALA A 295 -23.77 -36.31 18.08
N LEU A 296 -22.80 -37.01 17.49
CA LEU A 296 -21.94 -36.40 16.44
C LEU A 296 -22.78 -36.11 15.18
N LEU A 297 -23.74 -36.96 14.82
CA LEU A 297 -24.59 -36.74 13.62
C LEU A 297 -25.52 -35.55 13.87
N GLN A 298 -25.99 -35.36 15.12
CA GLN A 298 -26.81 -34.16 15.47
C GLN A 298 -25.96 -32.90 15.25
N LEU A 299 -24.69 -32.94 15.60
CA LEU A 299 -23.76 -31.77 15.40
C LEU A 299 -23.54 -31.58 13.90
N SER A 300 -23.35 -32.67 13.15
CA SER A 300 -23.25 -32.69 11.67
C SER A 300 -24.44 -31.91 11.08
N GLY A 301 -25.66 -32.21 11.53
CA GLY A 301 -26.92 -31.53 11.16
C GLY A 301 -26.92 -30.04 11.44
N CYS A 302 -26.40 -29.62 12.60
CA CYS A 302 -26.19 -28.19 12.96
C CYS A 302 -25.22 -27.52 11.97
N PHE A 303 -24.21 -28.24 11.53
CA PHE A 303 -23.21 -27.71 10.57
C PHE A 303 -23.84 -27.62 9.16
N ASN A 304 -24.72 -28.58 8.83
CA ASN A 304 -25.52 -28.64 7.57
C ASN A 304 -26.39 -27.39 7.50
N THR A 305 -27.17 -27.11 8.55
CA THR A 305 -28.04 -25.90 8.63
C THR A 305 -27.16 -24.65 8.50
N THR A 306 -26.02 -24.59 9.19
CA THR A 306 -25.09 -23.43 9.12
C THR A 306 -24.72 -23.21 7.65
N ALA A 307 -24.37 -24.27 6.93
CA ALA A 307 -23.96 -24.24 5.51
C ALA A 307 -25.08 -23.65 4.65
N THR A 308 -26.36 -24.00 4.87
CA THR A 308 -27.49 -23.52 4.05
C THR A 308 -27.66 -22.01 4.27
N ALA A 309 -27.49 -21.53 5.50
CA ALA A 309 -27.52 -20.09 5.87
C ALA A 309 -26.37 -19.34 5.18
N LEU A 310 -25.15 -19.88 5.26
CA LEU A 310 -23.94 -19.29 4.63
C LEU A 310 -24.09 -19.30 3.11
N MET A 311 -24.86 -20.25 2.55
CA MET A 311 -25.12 -20.36 1.09
C MET A 311 -25.90 -19.13 0.63
N ARG A 312 -26.96 -18.76 1.34
CA ARG A 312 -27.81 -17.59 0.96
C ARG A 312 -26.96 -16.32 1.10
N LEU A 313 -26.17 -16.21 2.16
CA LEU A 313 -25.32 -15.03 2.40
C LEU A 313 -24.44 -14.81 1.16
N SER A 314 -23.69 -15.84 0.75
N SER A 314 -23.70 -15.85 0.73
CA SER A 314 -22.80 -15.84 -0.43
CA SER A 314 -22.78 -15.83 -0.43
C SER A 314 -23.57 -15.48 -1.70
C SER A 314 -23.54 -15.51 -1.73
N ASN A 315 -24.68 -16.19 -1.96
CA ASN A 315 -25.47 -16.04 -3.21
C ASN A 315 -26.10 -14.64 -3.23
N ASP A 316 -26.57 -14.13 -2.09
CA ASP A 316 -27.18 -12.78 -2.03
C ASP A 316 -26.10 -11.71 -2.29
N PHE A 317 -24.90 -11.85 -1.71
CA PHE A 317 -23.77 -10.89 -1.93
C PHE A 317 -23.31 -10.94 -3.40
N CYS A 318 -23.41 -12.10 -4.06
CA CYS A 318 -23.05 -12.25 -5.50
C CYS A 318 -24.11 -11.53 -6.35
N LEU A 319 -25.39 -11.73 -6.06
CA LEU A 319 -26.55 -11.16 -6.80
C LEU A 319 -26.55 -9.63 -6.67
N LEU A 320 -26.42 -9.10 -5.45
CA LEU A 320 -26.51 -7.64 -5.16
C LEU A 320 -25.24 -6.90 -5.65
N SER A 321 -24.12 -7.58 -5.89
CA SER A 321 -22.88 -6.97 -6.46
C SER A 321 -22.77 -7.21 -7.97
N SER A 322 -23.74 -7.90 -8.59
CA SER A 322 -23.81 -8.10 -10.06
C SER A 322 -23.68 -6.75 -10.77
N GLY A 323 -22.93 -6.73 -11.87
CA GLY A 323 -22.65 -5.52 -12.65
C GLY A 323 -21.27 -5.57 -13.29
N PRO A 324 -20.57 -4.42 -13.46
CA PRO A 324 -20.98 -3.15 -12.86
C PRO A 324 -22.08 -2.34 -13.57
N ASN A 325 -22.43 -2.69 -14.82
CA ASN A 325 -23.37 -1.89 -15.65
C ASN A 325 -24.62 -2.70 -16.07
N CYS A 326 -24.59 -4.03 -16.05
CA CYS A 326 -25.68 -4.88 -16.59
C CYS A 326 -26.26 -5.78 -15.49
N GLY A 327 -26.15 -5.36 -14.22
CA GLY A 327 -26.64 -6.12 -13.07
C GLY A 327 -27.31 -5.23 -12.04
N LEU A 328 -27.43 -5.72 -10.80
CA LEU A 328 -28.20 -5.02 -9.75
C LEU A 328 -27.35 -3.87 -9.19
N SER A 329 -26.06 -4.11 -8.94
CA SER A 329 -25.04 -3.13 -8.48
C SER A 329 -25.52 -2.33 -7.26
N GLU A 330 -26.13 -2.99 -6.29
CA GLU A 330 -26.45 -2.39 -4.97
C GLU A 330 -25.22 -2.42 -4.05
N PHE A 331 -24.51 -3.56 -4.06
CA PHE A 331 -23.35 -3.84 -3.19
C PHE A 331 -22.05 -3.64 -3.98
N VAL A 332 -21.05 -3.06 -3.33
CA VAL A 332 -19.67 -2.95 -3.86
C VAL A 332 -18.81 -3.79 -2.91
N LEU A 333 -18.33 -4.95 -3.38
CA LEU A 333 -17.46 -5.84 -2.60
C LEU A 333 -16.02 -5.41 -2.82
N PRO A 334 -15.14 -5.49 -1.80
CA PRO A 334 -13.74 -5.11 -1.99
C PRO A 334 -13.17 -5.94 -3.14
N ALA A 335 -12.37 -5.30 -3.99
CA ALA A 335 -11.68 -5.91 -5.15
C ALA A 335 -10.32 -6.42 -4.67
N ASN A 336 -10.18 -7.71 -4.40
CA ASN A 336 -8.94 -8.28 -3.79
C ASN A 336 -7.94 -8.67 -4.90
N GLU A 337 -8.36 -8.86 -6.15
CA GLU A 337 -7.51 -9.40 -7.24
C GLU A 337 -8.13 -9.21 -8.62
N PRO A 338 -7.33 -9.27 -9.71
CA PRO A 338 -7.86 -9.38 -11.07
C PRO A 338 -8.73 -10.63 -11.29
N GLY A 339 -9.83 -10.49 -12.06
CA GLY A 339 -10.89 -11.52 -12.17
C GLY A 339 -10.69 -12.48 -13.33
N SER A 340 -10.06 -12.04 -14.42
CA SER A 340 -10.07 -12.74 -15.74
C SER A 340 -8.69 -12.76 -16.39
N SER A 341 -8.31 -13.91 -16.95
CA SER A 341 -7.09 -14.13 -17.77
C SER A 341 -7.23 -13.47 -19.16
N ILE A 342 -8.46 -13.15 -19.60
CA ILE A 342 -8.80 -12.70 -20.98
C ILE A 342 -9.51 -11.33 -21.00
N MET A 343 -10.34 -11.03 -19.98
CA MET A 343 -11.18 -9.80 -19.88
C MET A 343 -10.53 -8.80 -18.92
N PRO A 344 -9.71 -7.85 -19.43
CA PRO A 344 -8.92 -6.97 -18.57
C PRO A 344 -9.78 -6.03 -17.73
N GLY A 345 -9.44 -5.88 -16.43
CA GLY A 345 -10.10 -4.95 -15.48
C GLY A 345 -11.37 -5.51 -14.86
N LYS A 346 -11.80 -6.73 -15.24
CA LYS A 346 -12.99 -7.41 -14.65
C LYS A 346 -12.65 -7.89 -13.23
N VAL A 347 -13.53 -7.65 -12.26
CA VAL A 347 -13.33 -8.05 -10.83
C VAL A 347 -14.53 -8.89 -10.38
N ASN A 348 -14.29 -10.10 -9.87
CA ASN A 348 -15.36 -11.12 -9.64
C ASN A 348 -15.61 -11.26 -8.14
N PRO A 349 -16.84 -11.66 -7.73
CA PRO A 349 -17.16 -11.88 -6.31
C PRO A 349 -16.60 -13.21 -5.79
N THR A 350 -15.28 -13.32 -5.79
CA THR A 350 -14.52 -14.59 -5.61
C THR A 350 -14.63 -15.09 -4.15
N GLN A 351 -14.76 -14.19 -3.16
CA GLN A 351 -15.00 -14.60 -1.74
C GLN A 351 -16.37 -15.29 -1.63
N CYS A 352 -17.40 -14.83 -2.36
CA CYS A 352 -18.73 -15.49 -2.42
C CYS A 352 -18.60 -16.90 -3.01
N GLU A 353 -17.84 -17.03 -4.09
CA GLU A 353 -17.68 -18.29 -4.85
C GLU A 353 -16.94 -19.30 -3.98
N SER A 354 -15.92 -18.85 -3.25
CA SER A 354 -15.18 -19.71 -2.29
C SER A 354 -16.14 -20.25 -1.23
N LEU A 355 -16.94 -19.37 -0.60
CA LEU A 355 -17.86 -19.74 0.52
C LEU A 355 -18.92 -20.71 0.01
N ARG A 356 -19.49 -20.45 -1.16
CA ARG A 356 -20.57 -21.28 -1.76
C ARG A 356 -20.04 -22.71 -2.01
N MET A 357 -18.85 -22.83 -2.59
CA MET A 357 -18.22 -24.17 -2.81
C MET A 357 -17.95 -24.86 -1.47
N VAL A 358 -17.47 -24.12 -0.48
CA VAL A 358 -17.20 -24.66 0.89
C VAL A 358 -18.51 -25.21 1.46
N CYS A 359 -19.62 -24.49 1.27
CA CYS A 359 -20.95 -24.84 1.83
C CYS A 359 -21.46 -26.12 1.18
N LEU A 360 -21.39 -26.22 -0.15
CA LEU A 360 -21.76 -27.47 -0.87
C LEU A 360 -20.92 -28.64 -0.30
N GLN A 361 -19.64 -28.42 -0.03
CA GLN A 361 -18.74 -29.48 0.54
C GLN A 361 -19.16 -29.83 1.96
N ILE A 362 -19.64 -28.86 2.75
CA ILE A 362 -20.13 -29.13 4.13
C ILE A 362 -21.40 -29.98 4.04
N MET A 363 -22.34 -29.62 3.16
CA MET A 363 -23.60 -30.36 2.98
C MET A 363 -23.32 -31.79 2.50
N GLY A 364 -22.42 -31.96 1.52
CA GLY A 364 -21.94 -33.29 1.07
C GLY A 364 -21.28 -34.07 2.20
N ASN A 365 -20.48 -33.42 3.03
CA ASN A 365 -19.86 -34.06 4.22
C ASN A 365 -20.97 -34.59 5.14
N HIS A 366 -22.06 -33.82 5.32
CA HIS A 366 -23.21 -34.18 6.18
C HIS A 366 -23.95 -35.39 5.61
N PHE A 367 -24.15 -35.44 4.29
CA PHE A 367 -24.82 -36.59 3.62
C PHE A 367 -23.95 -37.83 3.81
N THR A 368 -22.64 -37.70 3.73
CA THR A 368 -21.68 -38.83 3.90
C THR A 368 -21.73 -39.35 5.34
N THR A 369 -21.72 -38.44 6.32
CA THR A 369 -21.80 -38.75 7.78
C THR A 369 -23.13 -39.45 8.06
N SER A 370 -24.23 -38.95 7.50
CA SER A 370 -25.61 -39.52 7.63
C SER A 370 -25.63 -40.99 7.19
N MET A 371 -25.14 -41.28 5.98
CA MET A 371 -25.03 -42.66 5.45
C MET A 371 -24.11 -43.47 6.36
N ALA A 372 -22.97 -42.93 6.80
CA ALA A 372 -21.98 -43.67 7.64
C ALA A 372 -22.60 -44.00 9.00
N ALA A 373 -23.35 -43.05 9.59
CA ALA A 373 -24.05 -43.18 10.89
C ALA A 373 -25.11 -44.27 10.82
N SER A 374 -25.71 -44.48 9.65
CA SER A 374 -26.85 -45.43 9.42
C SER A 374 -26.34 -46.87 9.28
N GLN A 375 -25.03 -47.10 9.22
CA GLN A 375 -24.44 -48.41 8.83
C GLN A 375 -24.04 -49.24 10.06
N GLY A 376 -24.57 -48.90 11.25
CA GLY A 376 -24.36 -49.67 12.48
C GLY A 376 -24.58 -51.16 12.26
N GLN A 377 -23.71 -51.98 12.83
CA GLN A 377 -23.79 -53.46 12.81
C GLN A 377 -23.64 -53.98 14.25
N LEU A 378 -24.74 -54.45 14.83
CA LEU A 378 -24.81 -54.98 16.21
C LEU A 378 -24.01 -54.04 17.13
N GLU A 379 -22.95 -54.50 17.81
CA GLU A 379 -22.39 -53.78 18.99
C GLU A 379 -21.51 -52.60 18.55
N LEU A 380 -21.06 -52.53 17.29
CA LEU A 380 -20.03 -51.53 16.89
C LEU A 380 -20.32 -50.97 15.48
N ASN A 381 -20.42 -49.66 15.37
CA ASN A 381 -20.42 -48.96 14.05
C ASN A 381 -18.95 -48.94 13.61
N VAL A 382 -18.65 -49.49 12.44
CA VAL A 382 -17.26 -49.61 11.93
C VAL A 382 -17.10 -48.71 10.69
N CYS A 383 -17.69 -47.50 10.73
CA CYS A 383 -17.37 -46.38 9.81
C CYS A 383 -16.78 -45.19 10.57
N LYS A 384 -16.09 -45.42 11.71
CA LYS A 384 -15.69 -44.33 12.65
C LYS A 384 -14.69 -43.38 12.00
N PRO A 385 -13.60 -43.85 11.33
CA PRO A 385 -12.63 -42.92 10.73
C PRO A 385 -13.24 -41.98 9.70
N LEU A 386 -14.27 -42.45 9.00
CA LEU A 386 -14.95 -41.69 7.92
C LEU A 386 -15.80 -40.59 8.56
N ILE A 387 -16.53 -40.91 9.63
CA ILE A 387 -17.35 -39.94 10.41
C ILE A 387 -16.41 -38.87 11.00
N ALA A 388 -15.32 -39.28 11.65
CA ALA A 388 -14.29 -38.36 12.22
C ALA A 388 -13.72 -37.45 11.13
N ALA A 389 -13.26 -38.00 10.00
CA ALA A 389 -12.57 -37.23 8.92
C ALA A 389 -13.54 -36.19 8.35
N ASN A 390 -14.81 -36.53 8.15
CA ASN A 390 -15.82 -35.65 7.52
C ASN A 390 -16.22 -34.52 8.48
N LEU A 391 -16.50 -34.83 9.75
CA LEU A 391 -16.80 -33.77 10.76
C LEU A 391 -15.56 -32.89 10.98
N LEU A 392 -14.34 -33.43 11.08
CA LEU A 392 -13.13 -32.58 11.31
C LEU A 392 -12.81 -31.72 10.09
N HIS A 393 -13.02 -32.22 8.87
CA HIS A 393 -12.92 -31.40 7.64
C HIS A 393 -13.96 -30.26 7.69
N THR A 394 -15.18 -30.56 8.08
CA THR A 394 -16.26 -29.53 8.18
C THR A 394 -15.87 -28.45 9.18
N CYS A 395 -15.29 -28.84 10.33
CA CYS A 395 -14.82 -27.89 11.37
C CYS A 395 -13.79 -26.94 10.78
N GLU A 396 -12.81 -27.44 10.05
CA GLU A 396 -11.71 -26.62 9.45
C GLU A 396 -12.30 -25.70 8.36
N LEU A 397 -13.21 -26.23 7.54
CA LEU A 397 -13.88 -25.44 6.47
C LEU A 397 -14.66 -24.27 7.09
N LEU A 398 -15.55 -24.53 8.06
CA LEU A 398 -16.35 -23.46 8.75
C LEU A 398 -15.40 -22.46 9.41
N THR A 399 -14.41 -22.94 10.15
CA THR A 399 -13.40 -22.08 10.85
C THR A 399 -12.76 -21.09 9.87
N ASP A 400 -12.14 -21.58 8.80
CA ASP A 400 -11.29 -20.79 7.87
C ASP A 400 -12.16 -19.98 6.91
N SER A 401 -13.29 -20.54 6.41
CA SER A 401 -14.10 -19.93 5.31
C SER A 401 -14.93 -18.74 5.82
N THR A 402 -15.59 -18.85 6.97
CA THR A 402 -16.44 -17.78 7.55
C THR A 402 -15.54 -16.57 7.89
N ARG A 403 -14.32 -16.82 8.36
CA ARG A 403 -13.34 -15.79 8.75
C ARG A 403 -12.83 -15.08 7.49
N CYS A 404 -12.50 -15.85 6.45
N CYS A 404 -12.51 -15.86 6.45
CA CYS A 404 -12.11 -15.33 5.10
CA CYS A 404 -12.10 -15.38 5.11
C CYS A 404 -13.19 -14.38 4.59
C CYS A 404 -13.17 -14.41 4.56
N PHE A 405 -14.43 -14.87 4.52
CA PHE A 405 -15.58 -14.07 4.00
C PHE A 405 -15.76 -12.80 4.84
N ALA A 406 -15.69 -12.91 6.18
CA ALA A 406 -15.87 -11.79 7.13
C ALA A 406 -14.83 -10.71 6.82
N ASP A 407 -13.56 -11.11 6.72
CA ASP A 407 -12.38 -10.20 6.66
C ASP A 407 -12.14 -9.72 5.22
N LYS A 408 -12.44 -10.53 4.20
CA LYS A 408 -12.04 -10.24 2.79
C LYS A 408 -13.26 -9.76 2.00
N CYS A 409 -14.46 -9.73 2.60
CA CYS A 409 -15.70 -9.30 1.90
C CYS A 409 -16.58 -8.40 2.76
N VAL A 410 -17.09 -8.87 3.91
CA VAL A 410 -18.11 -8.12 4.70
C VAL A 410 -17.45 -6.87 5.32
N ARG A 411 -16.24 -6.99 5.86
CA ARG A 411 -15.54 -5.91 6.61
C ARG A 411 -15.59 -4.59 5.85
N ASP A 412 -15.34 -4.62 4.54
CA ASP A 412 -15.18 -3.40 3.70
C ASP A 412 -16.32 -3.29 2.69
N LEU A 413 -17.47 -3.93 2.97
CA LEU A 413 -18.71 -3.80 2.16
C LEU A 413 -19.09 -2.32 2.06
N GLN A 414 -19.36 -1.85 0.85
CA GLN A 414 -19.87 -0.47 0.57
C GLN A 414 -21.12 -0.58 -0.31
N LEU A 415 -21.84 0.53 -0.45
CA LEU A 415 -23.11 0.57 -1.21
C LEU A 415 -22.95 1.48 -2.43
N ASN A 416 -23.67 1.14 -3.50
CA ASN A 416 -23.92 2.06 -4.63
C ASN A 416 -25.22 2.82 -4.32
N ARG A 417 -25.11 3.94 -3.61
CA ARG A 417 -26.26 4.68 -3.03
C ARG A 417 -27.19 5.22 -4.12
N GLU A 418 -26.63 5.71 -5.23
CA GLU A 418 -27.40 6.25 -6.39
C GLU A 418 -28.26 5.15 -7.00
N LYS A 419 -27.68 3.98 -7.29
CA LYS A 419 -28.43 2.86 -7.93
C LYS A 419 -29.53 2.39 -6.97
N ILE A 420 -29.22 2.26 -5.68
CA ILE A 420 -30.20 1.78 -4.65
C ILE A 420 -31.40 2.73 -4.65
N GLN A 421 -31.16 4.03 -4.66
CA GLN A 421 -32.23 5.06 -4.58
C GLN A 421 -33.04 5.04 -5.89
N GLU A 422 -32.40 4.79 -7.04
CA GLU A 422 -33.10 4.66 -8.35
C GLU A 422 -34.17 3.56 -8.25
N TYR A 423 -33.85 2.44 -7.60
CA TYR A 423 -34.78 1.29 -7.43
C TYR A 423 -35.96 1.68 -6.54
N VAL A 424 -35.72 2.39 -5.43
CA VAL A 424 -36.77 2.83 -4.47
C VAL A 424 -37.77 3.70 -5.25
N ASP A 425 -37.26 4.63 -6.06
CA ASP A 425 -38.08 5.58 -6.86
C ASP A 425 -38.93 4.82 -7.89
N LYS A 426 -38.44 3.70 -8.45
CA LYS A 426 -39.00 3.09 -9.70
C LYS A 426 -39.90 1.88 -9.40
N SER A 427 -39.80 1.24 -8.22
CA SER A 427 -40.63 0.04 -7.91
C SER A 427 -42.12 0.42 -7.92
N LEU A 428 -42.90 -0.24 -8.76
CA LEU A 428 -44.38 -0.01 -8.89
C LEU A 428 -45.12 -0.59 -7.69
N MET A 429 -44.48 -1.46 -6.90
CA MET A 429 -45.15 -2.13 -5.75
C MET A 429 -45.14 -1.20 -4.52
N LEU A 430 -44.68 0.04 -4.67
CA LEU A 430 -45.01 1.15 -3.71
C LEU A 430 -46.54 1.26 -3.59
N VAL A 431 -47.27 0.83 -4.62
CA VAL A 431 -48.76 0.88 -4.69
C VAL A 431 -49.37 0.13 -3.49
N THR A 432 -48.63 -0.83 -2.91
CA THR A 432 -49.07 -1.71 -1.79
C THR A 432 -49.71 -0.89 -0.65
N VAL A 433 -49.17 0.30 -0.34
CA VAL A 433 -49.69 1.18 0.77
C VAL A 433 -51.08 1.72 0.40
N LEU A 434 -51.44 1.74 -0.89
CA LEU A 434 -52.71 2.36 -1.36
C LEU A 434 -53.88 1.36 -1.28
N THR A 435 -53.62 0.04 -1.19
CA THR A 435 -54.69 -1.01 -1.21
C THR A 435 -55.65 -0.83 -0.03
N PRO A 436 -55.21 -0.43 1.19
CA PRO A 436 -56.16 -0.12 2.27
C PRO A 436 -56.99 1.17 2.05
N HIS A 437 -56.56 2.04 1.12
CA HIS A 437 -57.32 3.25 0.69
C HIS A 437 -58.25 2.91 -0.47
N ILE A 438 -57.69 2.60 -1.65
CA ILE A 438 -58.41 2.54 -2.96
C ILE A 438 -58.81 1.09 -3.30
N GLY A 439 -58.41 0.10 -2.48
CA GLY A 439 -58.79 -1.31 -2.67
C GLY A 439 -57.81 -2.08 -3.56
N TYR A 440 -57.75 -3.39 -3.37
CA TYR A 440 -56.81 -4.33 -4.07
C TYR A 440 -57.08 -4.32 -5.57
N ASP A 441 -58.35 -4.24 -5.97
CA ASP A 441 -58.80 -4.33 -7.38
C ASP A 441 -58.41 -3.05 -8.12
N LEU A 442 -58.61 -1.88 -7.52
CA LEU A 442 -58.34 -0.55 -8.13
C LEU A 442 -56.83 -0.28 -8.15
N SER A 443 -56.07 -0.82 -7.20
CA SER A 443 -54.59 -0.73 -7.10
C SER A 443 -53.94 -1.49 -8.27
N ALA A 444 -54.50 -2.66 -8.64
CA ALA A 444 -54.06 -3.50 -9.78
C ALA A 444 -54.28 -2.74 -11.10
N LYS A 445 -55.45 -2.12 -11.28
CA LYS A 445 -55.77 -1.25 -12.44
C LYS A 445 -54.69 -0.17 -12.58
N LEU A 446 -54.31 0.44 -11.46
CA LEU A 446 -53.28 1.52 -11.38
C LEU A 446 -51.94 1.00 -11.91
N VAL A 447 -51.47 -0.17 -11.43
CA VAL A 447 -50.15 -0.76 -11.78
C VAL A 447 -50.18 -1.16 -13.27
N GLN A 448 -51.26 -1.83 -13.72
CA GLN A 448 -51.48 -2.23 -15.13
C GLN A 448 -51.35 -1.01 -16.05
N HIS A 449 -51.94 0.13 -15.65
CA HIS A 449 -51.87 1.43 -16.38
C HIS A 449 -50.43 1.92 -16.42
N ALA A 450 -49.77 2.06 -15.26
CA ALA A 450 -48.38 2.57 -15.14
C ALA A 450 -47.44 1.77 -16.06
N SER A 451 -47.64 0.45 -16.18
CA SER A 451 -46.80 -0.46 -17.01
C SER A 451 -47.05 -0.19 -18.50
N LYS A 452 -48.31 -0.33 -18.95
CA LYS A 452 -48.72 -0.20 -20.38
C LYS A 452 -48.11 1.08 -20.97
N PHE A 453 -48.32 2.23 -20.31
CA PHE A 453 -48.01 3.58 -20.84
C PHE A 453 -46.71 4.10 -20.24
N LYS A 454 -45.87 3.20 -19.70
CA LYS A 454 -44.49 3.46 -19.21
C LYS A 454 -44.40 4.78 -18.43
N LYS A 455 -45.38 5.04 -17.54
CA LYS A 455 -45.47 6.25 -16.67
C LYS A 455 -45.36 5.83 -15.20
N GLY A 456 -45.11 6.79 -14.30
CA GLY A 456 -45.01 6.56 -12.84
C GLY A 456 -46.37 6.33 -12.21
N LEU A 457 -46.40 5.86 -10.95
CA LEU A 457 -47.64 5.63 -10.15
C LEU A 457 -48.39 6.95 -9.96
N ARG A 458 -47.69 8.02 -9.58
CA ARG A 458 -48.27 9.36 -9.26
C ARG A 458 -49.06 9.86 -10.49
N GLU A 459 -48.35 10.12 -11.60
CA GLU A 459 -48.93 10.61 -12.88
C GLU A 459 -50.10 9.69 -13.29
N SER A 460 -49.95 8.38 -13.12
CA SER A 460 -50.95 7.34 -13.50
C SER A 460 -52.20 7.43 -12.60
N ALA A 461 -51.99 7.65 -11.29
CA ALA A 461 -53.06 7.69 -10.25
C ALA A 461 -53.98 8.91 -10.50
N ILE A 462 -53.38 10.04 -10.88
CA ILE A 462 -54.09 11.30 -11.29
C ILE A 462 -54.82 11.02 -12.60
N GLU A 463 -54.08 10.56 -13.63
CA GLU A 463 -54.59 10.29 -15.01
C GLU A 463 -55.86 9.42 -14.97
N LEU A 464 -55.98 8.50 -14.01
CA LEU A 464 -57.13 7.55 -13.88
C LEU A 464 -58.16 8.08 -12.86
N ASN A 465 -57.95 9.29 -12.32
CA ASN A 465 -58.83 9.96 -11.32
C ASN A 465 -59.10 8.98 -10.17
N LEU A 466 -58.03 8.50 -9.51
CA LEU A 466 -58.09 7.48 -8.43
C LEU A 466 -57.48 8.03 -7.13
N LEU A 467 -56.45 8.88 -7.22
CA LEU A 467 -55.86 9.63 -6.07
C LEU A 467 -55.34 10.98 -6.56
N CYS A 468 -55.54 12.05 -5.78
CA CYS A 468 -55.03 13.42 -6.04
C CYS A 468 -53.50 13.43 -5.88
N GLY A 469 -52.80 14.30 -6.61
CA GLY A 469 -51.35 14.50 -6.51
C GLY A 469 -50.91 14.83 -5.09
N GLU A 470 -51.77 15.49 -4.32
CA GLU A 470 -51.51 15.89 -2.90
C GLU A 470 -51.60 14.65 -1.99
N LYS A 471 -52.69 13.90 -2.10
CA LYS A 471 -52.98 12.69 -1.27
C LYS A 471 -51.87 11.64 -1.50
N PHE A 472 -51.47 11.42 -2.76
CA PHE A 472 -50.41 10.45 -3.16
C PHE A 472 -49.11 10.76 -2.43
N ASP A 473 -48.61 12.00 -2.50
CA ASP A 473 -47.37 12.44 -1.82
C ASP A 473 -47.49 12.25 -0.30
N GLU A 474 -48.71 12.33 0.24
CA GLU A 474 -49.02 12.15 1.69
C GLU A 474 -48.90 10.66 2.08
N ILE A 475 -49.41 9.75 1.25
CA ILE A 475 -49.57 8.30 1.59
C ILE A 475 -48.25 7.54 1.34
N VAL A 476 -47.51 7.85 0.27
CA VAL A 476 -46.35 7.03 -0.21
C VAL A 476 -45.02 7.69 0.23
N LYS A 477 -44.43 7.19 1.32
CA LYS A 477 -43.14 7.66 1.87
C LYS A 477 -42.22 6.46 2.11
N PRO A 478 -41.26 6.16 1.20
CA PRO A 478 -40.35 5.02 1.32
C PRO A 478 -39.81 4.65 2.72
N MET A 479 -39.17 5.59 3.43
CA MET A 479 -38.51 5.30 4.73
C MET A 479 -39.55 4.87 5.79
N GLU A 480 -40.76 5.42 5.71
CA GLU A 480 -41.88 5.10 6.65
C GLU A 480 -42.47 3.73 6.31
N MET A 481 -42.26 3.24 5.08
CA MET A 481 -42.76 1.91 4.62
C MET A 481 -41.84 0.81 5.16
N ALA A 482 -40.54 1.08 5.27
CA ALA A 482 -39.52 0.12 5.78
C ALA A 482 -39.67 -0.04 7.29
N PHE A 483 -40.12 1.01 7.99
CA PHE A 483 -40.33 1.01 9.46
C PHE A 483 -41.74 1.54 9.75
N PRO A 484 -42.78 0.72 9.53
CA PRO A 484 -44.16 1.16 9.75
C PRO A 484 -44.65 0.96 11.19
N HIS A 485 -43.78 0.44 12.08
CA HIS A 485 -44.04 0.06 13.50
C HIS A 485 -44.73 -1.31 13.55
N ARG B 8 9.97 2.48 14.84
CA ARG B 8 10.84 1.38 14.33
C ARG B 8 12.07 1.97 13.62
N LEU B 9 13.27 1.47 13.96
CA LEU B 9 14.57 2.12 13.62
C LEU B 9 15.50 1.10 12.96
N ARG B 10 16.42 1.59 12.12
CA ARG B 10 17.52 0.81 11.51
C ARG B 10 18.82 1.48 11.94
N VAL B 11 19.83 0.68 12.28
CA VAL B 11 21.17 1.19 12.67
C VAL B 11 22.01 1.28 11.39
N VAL B 12 22.70 2.41 11.19
CA VAL B 12 23.56 2.68 10.01
C VAL B 12 24.90 3.25 10.49
N GLU B 13 25.91 3.25 9.61
CA GLU B 13 27.32 3.52 9.95
C GLU B 13 27.98 4.33 8.83
N ASP B 14 28.82 5.29 9.21
CA ASP B 14 29.81 5.94 8.32
C ASP B 14 31.16 5.90 9.05
N SER B 15 32.20 6.49 8.45
CA SER B 15 33.59 6.52 8.99
C SER B 15 33.64 6.98 10.46
N LEU B 16 32.65 7.74 10.95
CA LEU B 16 32.60 8.29 12.34
C LEU B 16 31.80 7.38 13.28
N GLY B 17 31.10 6.35 12.77
CA GLY B 17 30.41 5.34 13.59
C GLY B 17 28.92 5.24 13.28
N LYS B 18 28.11 4.96 14.32
CA LYS B 18 26.73 4.41 14.19
C LYS B 18 25.69 5.47 14.57
N ILE B 19 24.49 5.37 13.98
CA ILE B 19 23.33 6.29 14.20
C ILE B 19 22.06 5.60 13.69
N ASN B 20 20.89 6.03 14.18
CA ASN B 20 19.56 5.44 13.87
C ASN B 20 18.85 6.23 12.77
N VAL B 21 18.13 5.55 11.87
CA VAL B 21 17.20 6.14 10.88
C VAL B 21 15.88 5.38 10.93
N PRO B 22 14.77 5.92 10.41
CA PRO B 22 13.53 5.15 10.30
C PRO B 22 13.77 3.92 9.40
N LEU B 23 13.25 2.75 9.82
CA LEU B 23 13.39 1.46 9.09
C LEU B 23 12.90 1.60 7.64
N GLU B 24 11.84 2.40 7.41
CA GLU B 24 11.17 2.60 6.10
C GLU B 24 12.04 3.42 5.13
N ARG B 25 12.97 4.23 5.64
CA ARG B 25 13.77 5.19 4.82
C ARG B 25 14.97 4.50 4.17
N TYR B 26 15.39 5.05 3.03
CA TYR B 26 16.47 4.55 2.16
C TYR B 26 17.76 5.35 2.41
N TYR B 27 17.67 6.54 3.01
CA TYR B 27 18.88 7.35 3.31
C TYR B 27 19.66 6.69 4.44
N GLY B 28 20.92 7.09 4.62
CA GLY B 28 21.90 6.42 5.51
C GLY B 28 22.43 7.35 6.59
N ALA B 29 23.64 7.06 7.08
CA ALA B 29 24.28 7.67 8.26
C ALA B 29 24.55 9.16 8.03
N GLN B 30 25.08 9.51 6.85
CA GLN B 30 25.50 10.91 6.56
C GLN B 30 24.24 11.79 6.44
N THR B 31 23.14 11.24 5.94
CA THR B 31 21.84 11.97 5.84
C THR B 31 21.29 12.19 7.25
N ALA B 32 21.36 11.15 8.10
CA ALA B 32 20.93 11.18 9.51
C ALA B 32 21.71 12.29 10.25
N ARG B 33 23.01 12.36 10.06
CA ARG B 33 23.85 13.36 10.76
C ARG B 33 23.47 14.76 10.26
N SER B 34 23.45 14.96 8.95
CA SER B 34 23.17 16.29 8.35
C SER B 34 21.81 16.79 8.83
N LEU B 35 20.83 15.88 8.92
CA LEU B 35 19.45 16.19 9.34
C LEU B 35 19.49 16.80 10.75
N GLY B 36 20.29 16.25 11.65
CA GLY B 36 20.46 16.73 13.04
C GLY B 36 21.38 17.96 13.13
N ASN B 37 22.43 18.01 12.33
CA ASN B 37 23.53 19.00 12.45
C ASN B 37 23.14 20.34 11.81
N PHE B 38 22.11 20.38 10.97
CA PHE B 38 21.72 21.61 10.21
C PHE B 38 20.22 21.84 10.36
N ASN B 39 19.80 22.01 11.61
CA ASN B 39 18.42 22.36 12.00
C ASN B 39 18.20 23.85 11.71
N VAL B 40 18.12 24.22 10.43
CA VAL B 40 17.99 25.65 10.00
C VAL B 40 16.87 25.73 8.98
N CYS B 41 15.73 26.27 9.39
CA CYS B 41 14.56 26.50 8.51
C CYS B 41 14.13 25.19 7.86
N THR B 42 14.13 24.09 8.62
CA THR B 42 13.90 22.71 8.10
C THR B 42 12.52 22.59 7.47
N ARG B 43 11.56 23.43 7.88
CA ARG B 43 10.15 23.32 7.41
C ARG B 43 10.06 23.84 5.97
N SER B 44 10.82 24.87 5.63
CA SER B 44 10.64 25.70 4.40
C SER B 44 11.85 25.67 3.45
N ASP B 45 13.07 25.34 3.90
CA ASP B 45 14.32 25.58 3.12
C ASP B 45 15.00 24.24 2.78
N THR B 46 14.20 23.20 2.53
CA THR B 46 14.66 21.91 1.97
C THR B 46 15.45 22.19 0.70
N MET B 47 16.57 21.52 0.49
CA MET B 47 17.31 21.53 -0.81
C MET B 47 16.27 21.35 -1.92
N PRO B 48 16.24 22.21 -2.94
CA PRO B 48 15.30 22.05 -4.05
C PRO B 48 15.36 20.63 -4.66
N LEU B 49 14.19 20.01 -4.88
CA LEU B 49 14.11 18.66 -5.49
C LEU B 49 14.66 18.68 -6.92
N GLN B 50 14.60 19.80 -7.64
CA GLN B 50 15.26 19.89 -8.97
C GLN B 50 16.75 19.50 -8.85
N ILE B 51 17.45 19.86 -7.76
CA ILE B 51 18.89 19.50 -7.58
C ILE B 51 19.00 17.98 -7.41
N VAL B 52 18.14 17.42 -6.58
CA VAL B 52 18.08 15.95 -6.29
C VAL B 52 17.82 15.20 -7.60
N TYR B 53 16.82 15.63 -8.39
CA TYR B 53 16.42 14.93 -9.64
C TYR B 53 17.58 14.95 -10.63
N SER B 54 18.29 16.08 -10.74
CA SER B 54 19.47 16.25 -11.62
C SER B 54 20.61 15.35 -11.16
N LEU B 55 20.87 15.27 -9.86
CA LEU B 55 21.92 14.37 -9.30
C LEU B 55 21.58 12.94 -9.71
N ALA B 56 20.31 12.55 -9.63
CA ALA B 56 19.88 11.16 -9.95
C ALA B 56 20.10 10.93 -11.46
N MET B 57 19.83 11.92 -12.30
CA MET B 57 20.10 11.84 -13.76
C MET B 57 21.59 11.64 -14.03
N ILE B 58 22.45 12.37 -13.32
CA ILE B 58 23.93 12.33 -13.52
C ILE B 58 24.46 10.96 -13.05
N LYS B 59 23.94 10.45 -11.92
CA LYS B 59 24.37 9.14 -11.36
C LYS B 59 23.95 8.01 -12.31
N GLU B 60 22.82 8.14 -13.02
CA GLU B 60 22.32 7.18 -14.04
C GLU B 60 23.34 7.10 -15.18
N VAL B 61 23.68 8.21 -15.81
CA VAL B 61 24.66 8.23 -16.93
C VAL B 61 26.07 7.91 -16.40
N ALA B 62 26.41 8.25 -15.15
CA ALA B 62 27.71 7.87 -14.53
C ALA B 62 27.82 6.34 -14.45
N ALA B 63 26.77 5.68 -13.96
CA ALA B 63 26.66 4.21 -13.87
C ALA B 63 26.86 3.59 -15.27
N CYS B 64 26.20 4.12 -16.29
CA CYS B 64 26.28 3.63 -17.68
C CYS B 64 27.70 3.84 -18.21
N THR B 65 28.30 5.01 -17.95
CA THR B 65 29.66 5.34 -18.43
C THR B 65 30.69 4.47 -17.68
N ASN B 66 30.55 4.32 -16.36
CA ASN B 66 31.46 3.47 -15.55
C ASN B 66 31.40 2.03 -16.06
N PHE B 67 30.22 1.54 -16.44
CA PHE B 67 30.06 0.17 -17.01
C PHE B 67 30.81 0.07 -18.33
N LYS B 68 30.63 1.04 -19.23
CA LYS B 68 31.27 1.07 -20.59
C LYS B 68 32.80 1.18 -20.46
N LEU B 69 33.32 1.85 -19.43
CA LEU B 69 34.78 2.10 -19.25
C LEU B 69 35.42 0.95 -18.45
N GLY B 70 34.61 -0.04 -18.05
CA GLY B 70 35.08 -1.28 -17.41
C GLY B 70 35.36 -1.10 -15.92
N ARG B 71 34.61 -0.24 -15.23
CA ARG B 71 34.90 0.14 -13.82
C ARG B 71 33.85 -0.44 -12.85
N ILE B 72 32.76 -0.99 -13.36
CA ILE B 72 31.64 -1.56 -12.53
C ILE B 72 30.89 -2.60 -13.37
N SER B 73 30.25 -3.57 -12.71
CA SER B 73 29.51 -4.67 -13.38
C SER B 73 28.17 -4.16 -13.95
N SER B 74 27.63 -4.89 -14.94
CA SER B 74 26.30 -4.62 -15.54
C SER B 74 25.20 -4.86 -14.50
N LYS B 75 25.41 -5.81 -13.58
CA LYS B 75 24.43 -6.10 -12.51
C LYS B 75 24.27 -4.86 -11.62
N LEU B 76 25.37 -4.32 -11.08
CA LEU B 76 25.39 -3.11 -10.20
C LEU B 76 24.88 -1.91 -10.99
N SER B 77 25.41 -1.70 -12.20
CA SER B 77 25.05 -0.55 -13.08
C SER B 77 23.54 -0.54 -13.32
N ASP B 78 22.95 -1.67 -13.75
CA ASP B 78 21.50 -1.77 -14.04
C ASP B 78 20.67 -1.42 -12.81
N ALA B 79 21.08 -1.86 -11.62
CA ALA B 79 20.32 -1.65 -10.37
C ALA B 79 20.31 -0.15 -10.03
N ILE B 80 21.49 0.47 -10.11
CA ILE B 80 21.69 1.93 -9.85
C ILE B 80 20.77 2.72 -10.79
N VAL B 81 20.70 2.33 -12.07
CA VAL B 81 19.93 3.05 -13.13
C VAL B 81 18.44 2.98 -12.80
N LYS B 82 17.94 1.81 -12.40
CA LYS B 82 16.52 1.64 -12.01
C LYS B 82 16.23 2.56 -10.81
N ALA B 83 17.13 2.60 -9.83
CA ALA B 83 16.98 3.44 -8.61
C ALA B 83 17.01 4.92 -9.00
N CYS B 84 17.93 5.34 -9.87
CA CYS B 84 18.01 6.77 -10.33
C CYS B 84 16.67 7.16 -10.96
N ARG B 85 16.12 6.31 -11.83
CA ARG B 85 14.85 6.59 -12.54
C ARG B 85 13.70 6.75 -11.55
N GLU B 86 13.61 5.91 -10.52
CA GLU B 86 12.57 6.04 -9.47
C GLU B 86 12.66 7.44 -8.83
N VAL B 87 13.89 7.92 -8.54
CA VAL B 87 14.10 9.25 -7.90
C VAL B 87 13.56 10.36 -8.83
N TYR B 88 14.01 10.47 -10.08
CA TYR B 88 13.59 11.61 -10.94
C TYR B 88 12.18 11.39 -11.53
N HIS B 89 11.54 10.24 -11.32
CA HIS B 89 10.10 10.04 -11.59
C HIS B 89 9.24 10.42 -10.37
N GLY B 90 9.84 10.91 -9.28
CA GLY B 90 9.10 11.48 -8.13
C GLY B 90 8.59 10.41 -7.16
N GLN B 91 9.27 9.27 -7.06
CA GLN B 91 8.82 8.10 -6.25
C GLN B 91 9.55 8.06 -4.90
N HIS B 92 10.49 8.97 -4.62
CA HIS B 92 11.25 8.97 -3.34
C HIS B 92 11.46 10.39 -2.78
N ASP B 93 10.51 11.31 -2.96
CA ASP B 93 10.68 12.74 -2.56
C ASP B 93 10.97 12.85 -1.05
N ASN B 94 10.40 11.97 -0.24
CA ASN B 94 10.52 12.02 1.23
C ASN B 94 11.80 11.33 1.69
N GLU B 95 12.67 10.90 0.76
CA GLU B 95 14.01 10.36 1.11
C GLU B 95 15.03 11.50 1.22
N PHE B 96 14.64 12.75 0.95
CA PHE B 96 15.55 13.92 0.84
C PHE B 96 15.09 15.03 1.78
N PRO B 97 15.42 14.93 3.09
CA PRO B 97 14.98 15.92 4.07
C PRO B 97 15.99 17.04 4.37
N LEU B 98 17.12 17.10 3.66
CA LEU B 98 18.23 18.01 4.02
C LEU B 98 17.92 19.42 3.51
N VAL B 99 18.51 20.41 4.17
CA VAL B 99 18.21 21.84 3.94
C VAL B 99 19.27 22.41 2.99
N ILE B 100 18.94 23.52 2.35
CA ILE B 100 19.90 24.42 1.64
C ILE B 100 21.12 24.68 2.54
N TRP B 101 20.91 25.01 3.82
CA TRP B 101 21.95 25.56 4.74
C TRP B 101 22.81 24.43 5.33
N GLN B 102 23.41 23.63 4.45
CA GLN B 102 24.35 22.52 4.78
C GLN B 102 25.76 22.97 4.42
N THR B 103 26.70 22.03 4.27
CA THR B 103 28.06 22.27 3.74
C THR B 103 27.93 23.02 2.41
N GLY B 104 28.84 23.94 2.13
CA GLY B 104 28.78 24.81 0.94
C GLY B 104 29.09 24.10 -0.36
N SER B 105 29.60 22.87 -0.33
CA SER B 105 29.89 22.04 -1.51
C SER B 105 28.66 21.24 -1.95
N GLY B 106 27.66 21.14 -1.08
CA GLY B 106 26.51 20.24 -1.31
C GLY B 106 26.88 18.77 -1.13
N THR B 107 27.98 18.47 -0.44
CA THR B 107 28.45 17.07 -0.19
C THR B 107 27.31 16.25 0.42
N GLN B 108 26.53 16.83 1.33
CA GLN B 108 25.57 16.07 2.17
C GLN B 108 24.37 15.67 1.31
N THR B 109 23.90 16.53 0.41
CA THR B 109 22.85 16.17 -0.58
C THR B 109 23.45 15.15 -1.58
N ASN B 110 24.69 15.32 -2.02
CA ASN B 110 25.33 14.29 -2.90
C ASN B 110 25.36 12.92 -2.19
N MET B 111 25.77 12.87 -0.92
CA MET B 111 25.78 11.62 -0.13
C MET B 111 24.35 11.13 0.14
N ASN B 112 23.39 12.03 0.36
CA ASN B 112 21.96 11.68 0.51
C ASN B 112 21.48 10.91 -0.74
N VAL B 113 21.78 11.42 -1.93
CA VAL B 113 21.44 10.71 -3.20
C VAL B 113 22.25 9.40 -3.27
N ASN B 114 23.51 9.40 -2.88
CA ASN B 114 24.38 8.19 -2.98
C ASN B 114 23.80 7.08 -2.09
N GLU B 115 23.34 7.45 -0.88
CA GLU B 115 22.86 6.50 0.15
C GLU B 115 21.51 5.90 -0.29
N VAL B 116 20.58 6.74 -0.75
CA VAL B 116 19.22 6.33 -1.21
C VAL B 116 19.38 5.38 -2.41
N LEU B 117 20.22 5.75 -3.39
CA LEU B 117 20.48 4.91 -4.59
C LEU B 117 21.18 3.61 -4.17
N SER B 118 22.18 3.72 -3.29
CA SER B 118 22.95 2.57 -2.73
C SER B 118 21.97 1.56 -2.12
N SER B 119 21.14 1.99 -1.17
CA SER B 119 20.25 1.09 -0.40
C SER B 119 19.12 0.54 -1.29
N ARG B 120 18.55 1.37 -2.17
CA ARG B 120 17.48 0.94 -3.12
C ARG B 120 18.04 -0.07 -4.13
N ALA B 121 19.20 0.20 -4.73
CA ALA B 121 19.88 -0.68 -5.70
C ALA B 121 20.25 -2.01 -5.02
N SER B 122 20.69 -1.96 -3.75
CA SER B 122 21.03 -3.17 -2.94
C SER B 122 19.79 -4.06 -2.76
N GLU B 123 18.62 -3.44 -2.53
CA GLU B 123 17.32 -4.14 -2.35
C GLU B 123 16.89 -4.79 -3.68
N LEU B 124 17.13 -4.11 -4.80
CA LEU B 124 16.78 -4.60 -6.16
C LEU B 124 17.63 -5.84 -6.49
N ILE B 125 18.92 -5.85 -6.12
CA ILE B 125 19.86 -6.98 -6.40
C ILE B 125 19.51 -8.15 -5.48
N ASP B 126 19.45 -7.90 -4.17
CA ASP B 126 19.31 -8.92 -3.09
C ASP B 126 17.88 -9.42 -2.95
N GLY B 127 16.89 -8.62 -3.35
CA GLY B 127 15.45 -8.90 -3.10
C GLY B 127 15.09 -8.68 -1.65
N SER B 128 15.99 -8.10 -0.85
CA SER B 128 15.80 -7.85 0.60
C SER B 128 16.63 -6.65 1.06
N ARG B 129 16.21 -6.01 2.16
CA ARG B 129 16.93 -4.92 2.84
C ARG B 129 17.86 -5.53 3.89
N SER B 130 19.16 -5.28 3.79
CA SER B 130 20.21 -5.93 4.60
C SER B 130 21.13 -4.86 5.20
N SER B 131 21.59 -5.07 6.44
CA SER B 131 22.64 -4.27 7.12
C SER B 131 23.88 -4.17 6.22
N ARG B 132 24.26 -5.29 5.59
CA ARG B 132 25.36 -5.36 4.57
C ARG B 132 24.78 -5.00 3.20
N LEU B 133 25.18 -3.87 2.64
CA LEU B 133 24.70 -3.35 1.32
C LEU B 133 25.58 -3.92 0.20
N THR B 134 24.96 -4.47 -0.85
CA THR B 134 25.65 -4.96 -2.07
C THR B 134 26.25 -3.78 -2.85
N VAL B 135 25.52 -2.65 -2.93
CA VAL B 135 25.95 -1.42 -3.66
C VAL B 135 26.47 -0.41 -2.63
N HIS B 136 27.76 -0.07 -2.68
CA HIS B 136 28.44 0.91 -1.79
C HIS B 136 28.16 2.33 -2.31
N PRO B 137 27.74 3.29 -1.44
CA PRO B 137 27.44 4.66 -1.88
C PRO B 137 28.65 5.37 -2.49
N ASN B 138 29.86 5.11 -1.97
CA ASN B 138 31.13 5.77 -2.38
C ASN B 138 31.80 4.99 -3.52
N ASP B 139 32.08 3.69 -3.31
CA ASP B 139 32.87 2.83 -4.25
C ASP B 139 32.07 2.56 -5.54
N HIS B 140 30.73 2.63 -5.52
CA HIS B 140 29.83 2.27 -6.65
C HIS B 140 29.03 3.49 -7.15
N VAL B 141 28.10 4.02 -6.34
CA VAL B 141 27.14 5.06 -6.83
C VAL B 141 27.92 6.34 -7.17
N ASN B 142 28.96 6.66 -6.39
CA ASN B 142 29.77 7.92 -6.48
C ASN B 142 31.07 7.68 -7.27
N LEU B 143 31.23 6.51 -7.90
CA LEU B 143 32.52 6.12 -8.54
C LEU B 143 32.89 7.15 -9.63
N GLY B 144 34.13 7.63 -9.62
CA GLY B 144 34.69 8.56 -10.61
C GLY B 144 34.22 9.99 -10.40
N GLN B 145 33.63 10.30 -9.24
CA GLN B 145 32.93 11.58 -8.96
C GLN B 145 33.39 12.19 -7.63
N SER B 146 33.16 13.50 -7.49
CA SER B 146 33.23 14.27 -6.23
C SER B 146 31.93 15.09 -6.12
N SER B 147 31.55 15.50 -4.91
CA SER B 147 30.59 16.61 -4.70
C SER B 147 31.08 17.86 -5.46
N ASN B 148 32.41 18.06 -5.50
CA ASN B 148 33.02 19.32 -6.04
C ASN B 148 32.77 19.45 -7.55
N ASP B 149 32.78 18.35 -8.32
CA ASP B 149 32.42 18.44 -9.76
C ASP B 149 30.93 18.11 -9.96
N ILE B 150 30.34 17.16 -9.22
CA ILE B 150 28.97 16.65 -9.53
C ILE B 150 27.88 17.62 -9.06
N PHE B 151 28.07 18.35 -7.95
CA PHE B 151 27.02 19.28 -7.45
C PHE B 151 26.89 20.44 -8.45
N PRO B 152 27.98 21.10 -8.89
CA PRO B 152 27.89 22.12 -9.92
C PRO B 152 27.33 21.55 -11.24
N THR B 153 27.64 20.30 -11.57
CA THR B 153 27.04 19.62 -12.75
C THR B 153 25.52 19.62 -12.56
N ALA B 154 25.05 19.20 -11.37
CA ALA B 154 23.61 19.15 -11.05
C ALA B 154 23.03 20.57 -11.02
N MET B 155 23.78 21.57 -10.53
CA MET B 155 23.31 22.99 -10.58
C MET B 155 23.02 23.40 -12.04
N ASN B 156 24.01 23.24 -12.93
CA ASN B 156 23.92 23.66 -14.35
C ASN B 156 22.80 22.87 -15.04
N LEU B 157 22.77 21.56 -14.84
CA LEU B 157 21.70 20.71 -15.45
C LEU B 157 20.30 21.15 -14.99
N SER B 158 20.07 21.30 -13.69
CA SER B 158 18.73 21.59 -13.12
C SER B 158 18.25 22.95 -13.64
N ILE B 159 19.16 23.92 -13.68
CA ILE B 159 18.81 25.32 -14.06
C ILE B 159 18.66 25.39 -15.59
N ALA B 160 19.47 24.66 -16.36
CA ALA B 160 19.33 24.57 -17.84
C ALA B 160 17.92 24.09 -18.18
N MET B 161 17.45 23.01 -17.53
CA MET B 161 16.10 22.46 -17.85
C MET B 161 15.00 23.44 -17.42
N GLU B 162 15.08 24.03 -16.22
CA GLU B 162 14.06 25.01 -15.76
C GLU B 162 14.00 26.19 -16.75
N THR B 163 15.17 26.69 -17.16
CA THR B 163 15.28 27.89 -18.01
C THR B 163 14.76 27.57 -19.41
N ALA B 164 15.26 26.48 -20.01
CA ALA B 164 14.93 26.11 -21.40
C ALA B 164 13.46 25.70 -21.50
N TRP B 165 12.95 24.92 -20.53
CA TRP B 165 11.65 24.21 -20.68
C TRP B 165 10.51 24.93 -19.96
N LYS B 166 10.78 25.83 -19.02
CA LYS B 166 9.70 26.50 -18.26
C LYS B 166 9.84 28.02 -18.39
N VAL B 167 11.01 28.59 -18.08
CA VAL B 167 11.17 30.08 -18.11
C VAL B 167 10.89 30.62 -19.52
N LEU B 168 11.54 30.11 -20.56
CA LEU B 168 11.47 30.70 -21.93
C LEU B 168 10.08 30.55 -22.53
N PRO B 169 9.41 29.38 -22.40
CA PRO B 169 8.02 29.26 -22.81
C PRO B 169 7.12 30.29 -22.12
N SER B 170 7.32 30.55 -20.83
CA SER B 170 6.53 31.56 -20.07
C SER B 170 6.82 32.94 -20.66
N LEU B 171 8.10 33.32 -20.80
CA LEU B 171 8.42 34.64 -21.38
C LEU B 171 7.85 34.76 -22.81
N ASN B 172 8.03 33.74 -23.66
CA ASN B 172 7.48 33.75 -25.05
C ASN B 172 5.97 33.92 -25.04
N HIS B 173 5.27 33.25 -24.12
CA HIS B 173 3.80 33.36 -23.96
C HIS B 173 3.44 34.81 -23.66
N LEU B 174 4.15 35.45 -22.74
CA LEU B 174 3.85 36.86 -22.35
C LEU B 174 4.08 37.76 -23.58
N ILE B 175 5.19 37.56 -24.28
CA ILE B 175 5.53 38.31 -25.54
C ILE B 175 4.38 38.13 -26.54
N ASN B 176 3.90 36.90 -26.71
CA ASN B 176 2.84 36.58 -27.69
C ASN B 176 1.53 37.28 -27.31
N VAL B 177 1.16 37.31 -26.03
CA VAL B 177 -0.10 37.96 -25.59
C VAL B 177 0.05 39.48 -25.77
N LEU B 178 1.20 40.03 -25.40
CA LEU B 178 1.48 41.48 -25.63
C LEU B 178 1.38 41.80 -27.13
N LYS B 179 1.96 40.97 -27.99
CA LYS B 179 1.95 41.19 -29.47
C LYS B 179 0.51 41.23 -29.99
N ILE B 180 -0.38 40.36 -29.50
CA ILE B 180 -1.82 40.39 -29.86
C ILE B 180 -2.38 41.79 -29.58
N LYS B 181 -2.14 42.32 -28.39
CA LYS B 181 -2.70 43.63 -27.97
C LYS B 181 -2.03 44.76 -28.74
N MET B 182 -0.73 44.63 -28.99
CA MET B 182 0.09 45.57 -29.82
C MET B 182 -0.59 45.73 -31.19
N HIS B 183 -0.93 44.63 -31.86
CA HIS B 183 -1.60 44.65 -33.19
C HIS B 183 -3.03 45.19 -33.02
N GLU B 184 -3.78 44.73 -32.02
CA GLU B 184 -5.18 45.15 -31.81
C GLU B 184 -5.25 46.68 -31.70
N PHE B 185 -4.28 47.31 -31.03
CA PHE B 185 -4.34 48.76 -30.66
C PHE B 185 -3.31 49.57 -31.43
N MET B 186 -2.74 49.06 -32.53
CA MET B 186 -1.62 49.71 -33.25
C MET B 186 -2.03 51.08 -33.78
N ASN B 187 -3.33 51.30 -34.05
CA ASN B 187 -3.84 52.56 -34.67
C ASN B 187 -4.62 53.40 -33.65
N VAL B 188 -4.60 53.04 -32.38
CA VAL B 188 -5.26 53.85 -31.31
C VAL B 188 -4.24 54.91 -30.88
N ILE B 189 -4.53 56.18 -31.14
CA ILE B 189 -3.60 57.29 -30.86
C ILE B 189 -3.80 57.73 -29.40
N LYS B 190 -2.73 57.74 -28.62
CA LYS B 190 -2.70 58.22 -27.21
C LYS B 190 -1.61 59.28 -27.10
N ILE B 191 -1.47 59.88 -25.92
CA ILE B 191 -0.40 60.88 -25.66
C ILE B 191 0.75 60.21 -24.91
N GLY B 192 1.96 60.33 -25.45
CA GLY B 192 3.20 59.97 -24.72
C GLY B 192 3.36 60.89 -23.52
N ARG B 193 3.97 60.40 -22.45
CA ARG B 193 4.35 61.19 -21.26
C ARG B 193 5.82 60.94 -20.96
N THR B 194 6.59 62.01 -20.78
CA THR B 194 8.01 61.96 -20.39
C THR B 194 8.15 62.82 -19.14
N HIS B 195 8.80 62.31 -18.11
CA HIS B 195 8.88 62.97 -16.77
C HIS B 195 7.47 63.10 -16.19
N MET B 196 6.54 62.23 -16.61
CA MET B 196 5.10 62.23 -16.25
C MET B 196 4.39 63.50 -16.77
N GLN B 197 5.01 64.24 -17.69
CA GLN B 197 4.45 65.48 -18.26
C GLN B 197 3.95 65.17 -19.68
N ASP B 198 2.90 65.87 -20.11
CA ASP B 198 2.23 65.66 -21.41
C ASP B 198 3.28 65.84 -22.51
N ALA B 199 3.35 64.91 -23.46
CA ALA B 199 4.31 65.00 -24.58
C ALA B 199 3.53 64.92 -25.89
N VAL B 200 4.05 64.20 -26.87
CA VAL B 200 3.52 64.18 -28.26
C VAL B 200 2.80 62.86 -28.52
N PRO B 201 1.98 62.78 -29.57
CA PRO B 201 1.19 61.57 -29.82
C PRO B 201 2.02 60.36 -30.24
N MET B 202 1.50 59.20 -29.90
CA MET B 202 2.07 57.88 -30.23
C MET B 202 0.88 56.94 -30.22
N SER B 203 1.03 55.70 -30.67
CA SER B 203 -0.06 54.71 -30.60
C SER B 203 0.11 53.84 -29.35
N VAL B 204 -1.00 53.29 -28.89
CA VAL B 204 -1.04 52.29 -27.79
C VAL B 204 -0.19 51.10 -28.23
N GLY B 205 -0.31 50.69 -29.50
CA GLY B 205 0.51 49.62 -30.09
C GLY B 205 1.98 49.94 -30.03
N GLN B 206 2.39 51.18 -30.36
CA GLN B 206 3.82 51.58 -30.26
C GLN B 206 4.30 51.45 -28.80
N GLU B 207 3.52 51.94 -27.84
CA GLU B 207 3.88 51.85 -26.41
C GLU B 207 4.02 50.37 -26.02
N LEU B 208 3.06 49.53 -26.41
CA LEU B 208 3.13 48.08 -26.05
C LEU B 208 4.34 47.43 -26.74
N SER B 209 4.70 47.89 -27.93
CA SER B 209 5.89 47.39 -28.68
C SER B 209 7.18 47.58 -27.87
N GLY B 210 7.24 48.56 -26.97
CA GLY B 210 8.42 48.82 -26.10
C GLY B 210 8.68 47.68 -25.13
N TYR B 211 7.63 47.23 -24.43
CA TYR B 211 7.67 46.05 -23.52
C TYR B 211 8.05 44.81 -24.34
N VAL B 212 7.44 44.64 -25.51
CA VAL B 212 7.69 43.47 -26.40
C VAL B 212 9.18 43.44 -26.72
N SER B 213 9.76 44.59 -27.07
CA SER B 213 11.20 44.71 -27.39
C SER B 213 12.08 44.35 -26.18
N GLN B 214 11.81 44.92 -25.00
CA GLN B 214 12.61 44.68 -23.77
C GLN B 214 12.56 43.19 -23.45
N LEU B 215 11.37 42.59 -23.50
CA LEU B 215 11.21 41.15 -23.17
C LEU B 215 11.85 40.26 -24.24
N GLN B 216 11.79 40.62 -25.53
CA GLN B 216 12.50 39.86 -26.60
C GLN B 216 14.01 39.94 -26.37
N GLN B 217 14.54 41.12 -26.00
CA GLN B 217 15.99 41.28 -25.70
C GLN B 217 16.36 40.34 -24.56
N ALA B 218 15.53 40.28 -23.50
CA ALA B 218 15.72 39.37 -22.34
C ALA B 218 15.76 37.92 -22.84
N VAL B 219 14.76 37.51 -23.61
CA VAL B 219 14.64 36.13 -24.17
C VAL B 219 15.90 35.79 -24.99
N ASP B 220 16.34 36.69 -25.86
CA ASP B 220 17.55 36.44 -26.68
C ASP B 220 18.77 36.25 -25.77
N SER B 221 18.92 37.06 -24.70
CA SER B 221 20.11 37.00 -23.80
C SER B 221 20.14 35.64 -23.11
N ILE B 222 18.97 35.14 -22.74
CA ILE B 222 18.84 33.84 -22.03
C ILE B 222 19.18 32.70 -22.99
N LYS B 223 18.64 32.74 -24.21
CA LYS B 223 18.92 31.70 -25.22
C LYS B 223 20.42 31.64 -25.48
N SER B 224 21.11 32.79 -25.54
CA SER B 224 22.56 32.87 -25.83
C SER B 224 23.36 32.31 -24.65
N GLN B 225 22.88 32.50 -23.42
CA GLN B 225 23.63 32.08 -22.21
C GLN B 225 23.45 30.57 -21.98
N LEU B 226 22.34 29.98 -22.43
CA LEU B 226 22.04 28.56 -22.08
C LEU B 226 23.17 27.64 -22.53
N PRO B 227 23.67 27.69 -23.78
CA PRO B 227 24.76 26.83 -24.21
C PRO B 227 25.99 26.93 -23.29
N LEU B 228 26.24 28.11 -22.72
CA LEU B 228 27.41 28.33 -21.84
C LEU B 228 27.18 27.65 -20.49
N ILE B 229 25.96 27.59 -19.96
CA ILE B 229 25.76 26.88 -18.67
C ILE B 229 25.74 25.36 -18.91
N CYS B 230 25.68 24.91 -20.17
CA CYS B 230 25.70 23.47 -20.55
C CYS B 230 27.14 22.94 -20.60
N HIS B 231 28.15 23.80 -20.35
CA HIS B 231 29.53 23.38 -20.02
C HIS B 231 29.54 22.93 -18.55
N LEU B 232 29.90 21.65 -18.33
CA LEU B 232 29.74 20.95 -17.03
C LEU B 232 31.10 20.65 -16.40
N ALA B 233 31.16 20.64 -15.07
CA ALA B 233 32.39 20.44 -14.27
C ALA B 233 32.77 18.96 -14.24
N VAL B 234 31.83 18.07 -14.59
CA VAL B 234 31.97 16.59 -14.45
C VAL B 234 33.35 16.16 -14.98
N GLY B 235 34.04 15.29 -14.22
CA GLY B 235 35.40 14.83 -14.54
C GLY B 235 36.49 15.60 -13.80
N GLY B 236 36.16 16.74 -13.17
CA GLY B 236 37.14 17.54 -12.40
C GLY B 236 37.55 16.87 -11.09
N THR B 237 36.68 15.99 -10.57
CA THR B 237 36.72 15.39 -9.21
C THR B 237 37.06 16.46 -8.17
N ALA B 238 38.05 16.19 -7.30
CA ALA B 238 38.25 16.90 -6.01
C ALA B 238 38.62 18.37 -6.21
N VAL B 239 39.63 18.65 -7.05
CA VAL B 239 40.22 20.01 -7.18
C VAL B 239 40.29 20.45 -8.65
N GLY B 240 39.84 19.62 -9.61
CA GLY B 240 39.81 19.93 -11.04
C GLY B 240 40.78 19.09 -11.87
N THR B 241 41.62 18.28 -11.23
CA THR B 241 42.69 17.50 -11.91
C THR B 241 42.10 16.25 -12.58
N GLY B 242 40.94 15.77 -12.12
CA GLY B 242 40.33 14.51 -12.55
C GLY B 242 40.98 13.28 -11.92
N LEU B 243 41.72 13.43 -10.82
CA LEU B 243 42.21 12.29 -10.01
C LEU B 243 41.02 11.37 -9.69
N ASN B 244 41.20 10.06 -9.88
CA ASN B 244 40.25 8.95 -9.58
C ASN B 244 39.14 8.90 -10.63
N CYS B 245 39.29 9.61 -11.75
CA CYS B 245 38.32 9.61 -12.86
C CYS B 245 39.01 9.10 -14.14
N SER B 246 38.40 8.16 -14.86
CA SER B 246 39.01 7.56 -16.08
C SER B 246 38.97 8.57 -17.24
N LYS B 247 39.98 8.50 -18.11
CA LYS B 247 40.05 9.33 -19.34
C LYS B 247 38.81 9.02 -20.19
N GLY B 248 38.13 10.06 -20.68
CA GLY B 248 36.95 9.92 -21.55
C GLY B 248 35.65 9.93 -20.76
N PHE B 249 35.68 9.76 -19.44
CA PHE B 249 34.46 9.74 -18.58
C PHE B 249 33.63 11.01 -18.84
N ASP B 250 34.25 12.18 -18.83
CA ASP B 250 33.54 13.49 -18.91
C ASP B 250 32.84 13.59 -20.28
N GLU B 251 33.55 13.27 -21.37
CA GLU B 251 33.00 13.33 -22.75
C GLU B 251 31.81 12.38 -22.88
N GLU B 252 31.96 11.12 -22.44
CA GLU B 252 30.92 10.08 -22.62
C GLU B 252 29.68 10.42 -21.77
N LEU B 253 29.86 10.90 -20.54
CA LEU B 253 28.72 11.23 -19.64
C LEU B 253 27.91 12.37 -20.26
N CYS B 254 28.57 13.41 -20.79
CA CYS B 254 27.93 14.57 -21.44
C CYS B 254 27.13 14.14 -22.68
N VAL B 255 27.66 13.21 -23.46
CA VAL B 255 26.94 12.63 -24.63
C VAL B 255 25.69 11.89 -24.13
N SER B 256 25.83 11.00 -23.16
CA SER B 256 24.68 10.27 -22.56
C SER B 256 23.68 11.21 -21.91
N LEU B 257 24.15 12.28 -21.25
CA LEU B 257 23.26 13.24 -20.55
C LEU B 257 22.48 14.06 -21.58
N THR B 258 23.13 14.45 -22.67
CA THR B 258 22.45 15.13 -23.82
C THR B 258 21.27 14.26 -24.30
N GLN B 259 21.50 12.96 -24.49
CA GLN B 259 20.47 12.02 -25.02
C GLN B 259 19.36 11.84 -23.97
N LEU B 260 19.72 11.70 -22.69
CA LEU B 260 18.74 11.48 -21.58
C LEU B 260 17.80 12.70 -21.50
N THR B 261 18.34 13.92 -21.55
CA THR B 261 17.53 15.16 -21.42
C THR B 261 16.71 15.36 -22.69
N ASP B 262 17.23 15.00 -23.86
CA ASP B 262 16.50 15.03 -25.16
C ASP B 262 15.24 14.16 -25.04
N ARG B 263 15.39 12.92 -24.57
CA ARG B 263 14.29 11.96 -24.32
C ARG B 263 13.32 12.51 -23.28
N LEU B 264 13.84 13.08 -22.18
CA LEU B 264 13.03 13.59 -21.05
C LEU B 264 12.11 14.69 -21.57
N TYR B 265 12.64 15.68 -22.30
CA TYR B 265 11.81 16.74 -22.89
C TYR B 265 10.61 16.14 -23.64
N ARG B 266 10.86 15.14 -24.50
CA ARG B 266 9.85 14.58 -25.43
C ARG B 266 8.86 13.68 -24.69
N THR B 267 9.17 13.15 -23.49
CA THR B 267 8.16 12.44 -22.67
C THR B 267 7.27 13.46 -21.95
N MET B 268 7.78 14.66 -21.63
CA MET B 268 7.07 15.67 -20.79
C MET B 268 6.22 16.58 -21.69
N TYR B 269 6.71 16.92 -22.87
CA TYR B 269 6.10 17.93 -23.78
C TYR B 269 5.93 17.31 -25.18
N LYS B 270 4.68 16.97 -25.54
CA LYS B 270 4.30 16.35 -26.82
C LYS B 270 4.08 17.42 -27.88
N GLU B 271 4.34 17.07 -29.15
CA GLU B 271 4.12 17.95 -30.32
C GLU B 271 4.73 19.32 -30.00
N SER B 272 5.98 19.30 -29.56
CA SER B 272 6.69 20.50 -29.05
C SER B 272 8.16 20.46 -29.50
N THR B 273 8.66 21.59 -30.01
CA THR B 273 10.09 21.82 -30.31
C THR B 273 10.68 22.59 -29.14
N PRO B 274 11.77 22.09 -28.50
CA PRO B 274 12.40 22.82 -27.41
C PRO B 274 12.83 24.19 -27.92
N VAL B 275 12.67 25.23 -27.12
CA VAL B 275 13.12 26.60 -27.50
C VAL B 275 14.62 26.58 -27.78
N VAL B 276 15.36 25.80 -27.01
CA VAL B 276 16.83 25.65 -27.13
C VAL B 276 17.15 24.17 -26.94
N ASP B 277 18.01 23.61 -27.78
CA ASP B 277 18.64 22.28 -27.60
C ASP B 277 19.65 22.35 -26.45
N LEU B 278 19.55 21.50 -25.44
CA LEU B 278 20.58 21.45 -24.38
C LEU B 278 21.64 20.45 -24.82
N ILE B 279 22.81 20.95 -25.24
CA ILE B 279 23.99 20.12 -25.62
C ILE B 279 25.05 20.28 -24.52
N PHE B 280 25.22 19.23 -23.72
CA PHE B 280 26.17 19.21 -22.58
C PHE B 280 27.56 18.85 -23.10
N LYS B 281 28.57 19.59 -22.65
CA LYS B 281 30.00 19.43 -22.99
C LYS B 281 30.83 19.62 -21.71
N PRO B 282 31.99 18.96 -21.56
CA PRO B 282 32.86 19.23 -20.43
C PRO B 282 33.36 20.69 -20.50
N ALA B 283 33.44 21.36 -19.35
CA ALA B 283 34.00 22.72 -19.27
C ALA B 283 35.43 22.68 -19.82
N GLU B 284 35.86 23.73 -20.52
CA GLU B 284 37.26 23.86 -21.04
C GLU B 284 38.24 23.84 -19.86
N ASN B 285 37.86 24.45 -18.73
CA ASN B 285 38.74 24.58 -17.55
C ASN B 285 37.97 24.08 -16.32
N LYS B 286 38.40 22.96 -15.75
CA LYS B 286 37.70 22.29 -14.62
C LYS B 286 37.96 23.06 -13.33
N PHE B 287 39.07 23.79 -13.22
CA PHE B 287 39.46 24.56 -12.03
C PHE B 287 38.45 25.71 -11.87
N ALA B 288 38.20 26.47 -12.94
CA ALA B 288 37.17 27.54 -13.00
C ALA B 288 35.77 26.99 -12.72
N ALA B 289 35.47 25.76 -13.14
CA ALA B 289 34.15 25.14 -13.01
C ALA B 289 33.85 24.72 -11.56
N LEU B 290 34.88 24.53 -10.73
CA LEU B 290 34.79 24.21 -9.29
C LEU B 290 34.90 25.49 -8.45
N ALA B 291 35.82 26.39 -8.84
CA ALA B 291 36.25 27.54 -8.02
C ALA B 291 35.26 28.70 -8.19
N GLY B 292 34.40 28.64 -9.22
CA GLY B 292 33.49 29.75 -9.59
C GLY B 292 32.21 29.29 -10.27
N HIS B 293 31.24 30.19 -10.40
CA HIS B 293 29.95 29.89 -11.05
C HIS B 293 29.61 31.05 -11.97
N ASP B 294 30.61 31.45 -12.76
CA ASP B 294 30.59 32.66 -13.62
C ASP B 294 29.45 32.51 -14.64
N ALA B 295 29.31 31.35 -15.30
CA ALA B 295 28.25 31.12 -16.29
C ALA B 295 26.88 31.23 -15.62
N LEU B 296 26.71 30.70 -14.41
CA LEU B 296 25.42 30.81 -13.68
C LEU B 296 25.19 32.26 -13.27
N LEU B 297 26.23 32.96 -12.81
CA LEU B 297 26.05 34.39 -12.45
C LEU B 297 25.59 35.19 -13.68
N GLN B 298 26.10 34.87 -14.87
CA GLN B 298 25.78 35.58 -16.15
C GLN B 298 24.31 35.33 -16.46
N LEU B 299 23.80 34.11 -16.25
CA LEU B 299 22.36 33.82 -16.39
C LEU B 299 21.56 34.58 -15.31
N SER B 300 22.04 34.61 -14.06
CA SER B 300 21.45 35.45 -12.98
C SER B 300 21.31 36.90 -13.47
N GLY B 301 22.38 37.42 -14.08
CA GLY B 301 22.39 38.77 -14.67
C GLY B 301 21.30 38.94 -15.71
N CYS B 302 21.07 37.95 -16.59
CA CYS B 302 20.00 37.98 -17.64
C CYS B 302 18.63 38.06 -16.95
N PHE B 303 18.45 37.31 -15.85
CA PHE B 303 17.15 37.27 -15.13
C PHE B 303 16.92 38.62 -14.42
N ASN B 304 17.99 39.20 -13.88
CA ASN B 304 17.97 40.55 -13.26
C ASN B 304 17.45 41.56 -14.28
N THR B 305 18.04 41.60 -15.47
CA THR B 305 17.59 42.51 -16.57
C THR B 305 16.13 42.23 -16.93
N THR B 306 15.73 40.97 -17.07
CA THR B 306 14.31 40.57 -17.29
C THR B 306 13.42 41.23 -16.22
N ALA B 307 13.77 41.11 -14.94
CA ALA B 307 12.97 41.64 -13.82
C ALA B 307 12.81 43.15 -13.96
N THR B 308 13.83 43.87 -14.45
CA THR B 308 13.77 45.34 -14.56
C THR B 308 12.80 45.71 -15.69
N ALA B 309 12.72 44.93 -16.76
CA ALA B 309 11.75 45.16 -17.87
C ALA B 309 10.32 44.84 -17.37
N LEU B 310 10.15 43.71 -16.69
CA LEU B 310 8.82 43.32 -16.15
C LEU B 310 8.35 44.38 -15.13
N MET B 311 9.29 45.03 -14.42
CA MET B 311 8.95 46.06 -13.40
C MET B 311 8.27 47.23 -14.12
N ARG B 312 8.83 47.70 -15.24
CA ARG B 312 8.24 48.84 -16.00
C ARG B 312 6.87 48.44 -16.54
N LEU B 313 6.75 47.23 -17.08
CA LEU B 313 5.47 46.69 -17.60
C LEU B 313 4.39 46.80 -16.51
N SER B 314 4.65 46.32 -15.30
CA SER B 314 3.68 46.30 -14.18
C SER B 314 3.36 47.72 -13.71
N ASN B 315 4.39 48.55 -13.48
CA ASN B 315 4.23 49.96 -13.02
C ASN B 315 3.45 50.77 -14.06
N ASP B 316 3.73 50.56 -15.35
CA ASP B 316 3.05 51.30 -16.45
C ASP B 316 1.56 50.88 -16.54
N PHE B 317 1.25 49.61 -16.42
CA PHE B 317 -0.16 49.14 -16.39
C PHE B 317 -0.88 49.73 -15.18
N CYS B 318 -0.22 49.82 -14.02
CA CYS B 318 -0.82 50.37 -12.76
C CYS B 318 -1.11 51.86 -12.95
N LEU B 319 -0.15 52.60 -13.47
CA LEU B 319 -0.25 54.05 -13.73
C LEU B 319 -1.35 54.33 -14.77
N LEU B 320 -1.44 53.57 -15.87
CA LEU B 320 -2.36 53.88 -16.99
C LEU B 320 -3.79 53.43 -16.67
N SER B 321 -3.96 52.46 -15.78
CA SER B 321 -5.29 52.03 -15.25
C SER B 321 -5.67 52.79 -13.97
N SER B 322 -4.89 53.79 -13.52
CA SER B 322 -5.21 54.60 -12.32
C SER B 322 -6.57 55.28 -12.53
N GLY B 323 -7.39 55.32 -11.48
CA GLY B 323 -8.71 55.97 -11.48
C GLY B 323 -9.62 55.27 -10.48
N PRO B 324 -10.89 54.97 -10.84
CA PRO B 324 -11.41 55.20 -12.19
C PRO B 324 -11.79 56.65 -12.53
N ASN B 325 -11.85 57.56 -11.54
CA ASN B 325 -12.31 58.96 -11.72
C ASN B 325 -11.24 60.01 -11.40
N CYS B 326 -10.18 59.67 -10.65
CA CYS B 326 -9.17 60.66 -10.19
C CYS B 326 -7.77 60.29 -10.69
N GLY B 327 -7.68 59.51 -11.77
CA GLY B 327 -6.39 59.05 -12.33
C GLY B 327 -6.33 59.17 -13.84
N LEU B 328 -5.41 58.46 -14.47
CA LEU B 328 -5.18 58.57 -15.94
C LEU B 328 -6.31 57.84 -16.68
N SER B 329 -6.70 56.65 -16.23
CA SER B 329 -7.85 55.87 -16.74
C SER B 329 -7.77 55.68 -18.26
N GLU B 330 -6.60 55.36 -18.78
CA GLU B 330 -6.40 55.00 -20.20
C GLU B 330 -6.65 53.52 -20.39
N PHE B 331 -6.10 52.70 -19.49
CA PHE B 331 -6.17 51.23 -19.54
C PHE B 331 -7.29 50.76 -18.60
N VAL B 332 -8.03 49.73 -19.03
CA VAL B 332 -9.04 49.04 -18.20
C VAL B 332 -8.56 47.60 -18.04
N LEU B 333 -8.00 47.27 -16.86
CA LEU B 333 -7.49 45.92 -16.57
C LEU B 333 -8.65 45.02 -16.14
N PRO B 334 -8.63 43.71 -16.48
CA PRO B 334 -9.69 42.81 -16.06
C PRO B 334 -9.80 42.83 -14.52
N ALA B 335 -11.04 42.87 -14.03
CA ALA B 335 -11.41 42.83 -12.59
C ALA B 335 -11.51 41.37 -12.17
N ASN B 336 -10.50 40.85 -11.49
CA ASN B 336 -10.46 39.39 -11.15
C ASN B 336 -11.07 39.17 -9.76
N GLU B 337 -11.16 40.19 -8.89
CA GLU B 337 -11.64 40.04 -7.50
C GLU B 337 -12.10 41.38 -6.91
N PRO B 338 -12.86 41.39 -5.80
CA PRO B 338 -13.07 42.60 -5.00
C PRO B 338 -11.73 43.11 -4.44
N GLY B 339 -11.53 44.43 -4.41
CA GLY B 339 -10.21 45.04 -4.12
C GLY B 339 -10.01 45.37 -2.65
N SER B 340 -11.09 45.60 -1.89
CA SER B 340 -11.03 46.27 -0.56
C SER B 340 -12.00 45.63 0.43
N SER B 341 -11.54 45.44 1.67
CA SER B 341 -12.34 44.97 2.83
C SER B 341 -13.26 46.09 3.36
N ILE B 342 -12.90 47.37 3.13
CA ILE B 342 -13.56 48.58 3.73
C ILE B 342 -14.18 49.50 2.67
N MET B 343 -13.65 49.50 1.43
CA MET B 343 -14.11 50.38 0.33
C MET B 343 -14.88 49.53 -0.68
N PRO B 344 -16.22 49.44 -0.57
CA PRO B 344 -17.03 48.55 -1.41
C PRO B 344 -16.97 48.89 -2.91
N GLY B 345 -16.77 47.88 -3.76
CA GLY B 345 -16.77 48.03 -5.22
C GLY B 345 -15.42 48.50 -5.77
N LYS B 346 -14.43 48.73 -4.92
CA LYS B 346 -13.07 49.18 -5.34
C LYS B 346 -12.32 47.97 -5.90
N VAL B 347 -11.80 48.09 -7.13
CA VAL B 347 -11.01 47.01 -7.80
C VAL B 347 -9.59 47.54 -7.98
N ASN B 348 -8.59 46.76 -7.60
CA ASN B 348 -7.16 47.18 -7.59
C ASN B 348 -6.38 46.44 -8.68
N PRO B 349 -5.31 47.06 -9.23
CA PRO B 349 -4.44 46.38 -10.19
C PRO B 349 -3.53 45.34 -9.53
N THR B 350 -4.14 44.25 -9.04
CA THR B 350 -3.48 43.26 -8.16
C THR B 350 -2.46 42.43 -8.97
N GLN B 351 -2.67 42.21 -10.28
CA GLN B 351 -1.72 41.45 -11.13
C GLN B 351 -0.41 42.26 -11.25
N CYS B 352 -0.51 43.58 -11.42
CA CYS B 352 0.65 44.50 -11.46
C CYS B 352 1.43 44.42 -10.13
N GLU B 353 0.72 44.36 -9.00
CA GLU B 353 1.38 44.38 -7.67
C GLU B 353 2.11 43.07 -7.42
N SER B 354 1.49 41.93 -7.73
CA SER B 354 2.12 40.60 -7.64
C SER B 354 3.42 40.60 -8.46
N LEU B 355 3.36 41.02 -9.72
CA LEU B 355 4.50 40.98 -10.68
C LEU B 355 5.62 41.91 -10.17
N ARG B 356 5.27 43.10 -9.73
CA ARG B 356 6.27 44.05 -9.16
C ARG B 356 6.98 43.44 -7.95
N MET B 357 6.27 42.78 -7.05
CA MET B 357 6.92 42.19 -5.85
C MET B 357 7.82 41.03 -6.30
N VAL B 358 7.35 40.21 -7.23
CA VAL B 358 8.14 39.10 -7.84
C VAL B 358 9.44 39.69 -8.41
N CYS B 359 9.35 40.77 -9.17
CA CYS B 359 10.53 41.41 -9.80
C CYS B 359 11.54 41.86 -8.74
N LEU B 360 11.08 42.49 -7.66
CA LEU B 360 11.98 42.93 -6.57
C LEU B 360 12.68 41.70 -5.98
N GLN B 361 11.97 40.59 -5.83
CA GLN B 361 12.53 39.34 -5.23
C GLN B 361 13.58 38.77 -6.19
N ILE B 362 13.38 38.87 -7.52
CA ILE B 362 14.33 38.34 -8.54
C ILE B 362 15.59 39.21 -8.49
N MET B 363 15.44 40.53 -8.38
CA MET B 363 16.61 41.43 -8.27
C MET B 363 17.36 41.14 -6.95
N GLY B 364 16.65 40.95 -5.84
CA GLY B 364 17.26 40.58 -4.56
C GLY B 364 18.01 39.26 -4.66
N ASN B 365 17.41 38.26 -5.30
CA ASN B 365 18.05 36.95 -5.57
C ASN B 365 19.36 37.18 -6.35
N HIS B 366 19.36 38.05 -7.35
CA HIS B 366 20.55 38.30 -8.18
C HIS B 366 21.68 38.90 -7.31
N PHE B 367 21.34 39.85 -6.44
CA PHE B 367 22.26 40.51 -5.50
C PHE B 367 22.86 39.43 -4.58
N THR B 368 22.05 38.48 -4.13
CA THR B 368 22.50 37.42 -3.18
C THR B 368 23.46 36.48 -3.91
N THR B 369 23.07 36.01 -5.11
CA THR B 369 23.90 35.17 -6.03
C THR B 369 25.21 35.88 -6.35
N SER B 370 25.16 37.19 -6.66
CA SER B 370 26.37 38.01 -6.90
C SER B 370 27.33 37.94 -5.69
N MET B 371 26.84 38.17 -4.48
CA MET B 371 27.72 38.15 -3.28
C MET B 371 28.31 36.74 -3.08
N ALA B 372 27.50 35.70 -3.26
CA ALA B 372 27.90 34.28 -3.08
C ALA B 372 28.97 33.93 -4.12
N ALA B 373 28.77 34.36 -5.36
CA ALA B 373 29.69 34.10 -6.48
C ALA B 373 31.04 34.76 -6.18
N SER B 374 31.07 35.85 -5.41
CA SER B 374 32.31 36.61 -5.09
C SER B 374 33.12 35.92 -3.98
N GLN B 375 32.59 34.88 -3.34
CA GLN B 375 33.15 34.32 -2.08
C GLN B 375 34.06 33.12 -2.38
N GLY B 376 34.59 32.98 -3.59
CA GLY B 376 35.51 31.88 -3.92
C GLY B 376 36.71 31.81 -2.98
N GLN B 377 37.10 30.61 -2.58
CA GLN B 377 38.26 30.37 -1.69
C GLN B 377 39.10 29.25 -2.30
N LEU B 378 40.18 29.64 -2.97
CA LEU B 378 41.10 28.72 -3.68
C LEU B 378 40.27 27.78 -4.54
N GLU B 379 40.36 26.46 -4.35
CA GLU B 379 39.93 25.47 -5.38
C GLU B 379 38.40 25.31 -5.43
N LEU B 380 37.65 25.84 -4.47
CA LEU B 380 36.21 25.56 -4.40
C LEU B 380 35.41 26.73 -3.82
N ASN B 381 34.44 27.20 -4.58
CA ASN B 381 33.39 28.09 -4.05
C ASN B 381 32.48 27.22 -3.17
N VAL B 382 32.34 27.56 -1.90
CA VAL B 382 31.52 26.77 -0.94
C VAL B 382 30.29 27.59 -0.53
N CYS B 383 29.64 28.21 -1.51
CA CYS B 383 28.28 28.81 -1.36
C CYS B 383 27.31 28.18 -2.37
N LYS B 384 27.52 26.93 -2.76
CA LYS B 384 26.85 26.30 -3.94
C LYS B 384 25.35 26.17 -3.72
N PRO B 385 24.90 25.65 -2.54
CA PRO B 385 23.46 25.48 -2.32
C PRO B 385 22.71 26.82 -2.37
N LEU B 386 23.34 27.89 -1.87
CA LEU B 386 22.75 29.24 -1.86
C LEU B 386 22.51 29.73 -3.30
N ILE B 387 23.53 29.64 -4.15
CA ILE B 387 23.48 29.97 -5.60
C ILE B 387 22.41 29.12 -6.29
N ALA B 388 22.45 27.80 -6.08
CA ALA B 388 21.43 26.87 -6.64
C ALA B 388 20.02 27.30 -6.21
N ALA B 389 19.81 27.55 -4.91
CA ALA B 389 18.46 27.82 -4.36
C ALA B 389 17.92 29.13 -4.93
N ASN B 390 18.74 30.18 -5.03
CA ASN B 390 18.28 31.51 -5.50
C ASN B 390 17.94 31.43 -7.00
N LEU B 391 18.79 30.82 -7.83
CA LEU B 391 18.54 30.71 -9.30
C LEU B 391 17.31 29.84 -9.55
N LEU B 392 17.14 28.72 -8.84
CA LEU B 392 15.94 27.86 -9.08
C LEU B 392 14.67 28.57 -8.60
N HIS B 393 14.75 29.35 -7.51
CA HIS B 393 13.60 30.16 -7.04
C HIS B 393 13.24 31.19 -8.12
N THR B 394 14.23 31.92 -8.62
CA THR B 394 14.04 32.87 -9.74
C THR B 394 13.37 32.17 -10.94
N CYS B 395 13.86 31.01 -11.36
CA CYS B 395 13.27 30.24 -12.50
C CYS B 395 11.78 30.06 -12.25
N GLU B 396 11.40 29.64 -11.04
CA GLU B 396 9.99 29.31 -10.75
C GLU B 396 9.16 30.60 -10.69
N LEU B 397 9.72 31.68 -10.13
CA LEU B 397 9.05 33.01 -10.07
C LEU B 397 8.78 33.50 -11.51
N LEU B 398 9.80 33.51 -12.38
CA LEU B 398 9.63 33.96 -13.78
C LEU B 398 8.62 33.06 -14.49
N THR B 399 8.75 31.74 -14.34
CA THR B 399 7.82 30.80 -15.01
C THR B 399 6.37 31.19 -14.67
N ASP B 400 6.02 31.29 -13.38
CA ASP B 400 4.61 31.37 -12.93
C ASP B 400 4.10 32.80 -13.08
N SER B 401 4.94 33.79 -12.77
CA SER B 401 4.53 35.21 -12.65
C SER B 401 4.20 35.78 -14.04
N THR B 402 5.06 35.54 -15.04
CA THR B 402 4.86 36.06 -16.42
C THR B 402 3.60 35.44 -17.02
N ARG B 403 3.34 34.16 -16.79
CA ARG B 403 2.11 33.48 -17.31
C ARG B 403 0.87 34.08 -16.65
N CYS B 404 0.93 34.26 -15.33
CA CYS B 404 -0.13 34.85 -14.49
C CYS B 404 -0.48 36.24 -15.01
N PHE B 405 0.52 37.10 -15.20
CA PHE B 405 0.33 38.48 -15.70
C PHE B 405 -0.24 38.45 -17.13
N ALA B 406 0.30 37.60 -17.99
CA ALA B 406 -0.14 37.44 -19.40
C ALA B 406 -1.63 37.08 -19.43
N ASP B 407 -2.02 36.06 -18.66
CA ASP B 407 -3.37 35.45 -18.77
C ASP B 407 -4.39 36.23 -17.92
N LYS B 408 -3.99 36.81 -16.78
CA LYS B 408 -4.95 37.40 -15.81
C LYS B 408 -5.02 38.93 -15.96
N CYS B 409 -4.16 39.53 -16.79
CA CYS B 409 -4.11 40.99 -17.01
C CYS B 409 -4.04 41.33 -18.52
N VAL B 410 -2.97 40.95 -19.21
CA VAL B 410 -2.68 41.46 -20.59
C VAL B 410 -3.74 40.91 -21.55
N ARG B 411 -4.13 39.64 -21.42
CA ARG B 411 -4.99 38.95 -22.42
C ARG B 411 -6.30 39.73 -22.62
N ASP B 412 -6.88 40.29 -21.55
CA ASP B 412 -8.21 40.96 -21.62
C ASP B 412 -8.06 42.46 -21.37
N LEU B 413 -6.88 43.02 -21.62
CA LEU B 413 -6.65 44.50 -21.59
C LEU B 413 -7.62 45.19 -22.53
N GLN B 414 -8.26 46.25 -22.06
CA GLN B 414 -9.19 47.09 -22.86
C GLN B 414 -8.82 48.55 -22.63
N LEU B 415 -9.39 49.45 -23.44
CA LEU B 415 -9.00 50.87 -23.40
C LEU B 415 -10.25 51.70 -23.10
N ASN B 416 -10.04 52.86 -22.48
CA ASN B 416 -11.07 53.92 -22.37
C ASN B 416 -10.82 54.90 -23.51
N ARG B 417 -11.43 54.63 -24.66
CA ARG B 417 -11.19 55.37 -25.94
C ARG B 417 -11.47 56.86 -25.77
N GLU B 418 -12.58 57.21 -25.11
CA GLU B 418 -13.01 58.62 -24.94
C GLU B 418 -11.92 59.37 -24.16
N LYS B 419 -11.47 58.83 -23.02
CA LYS B 419 -10.45 59.46 -22.16
C LYS B 419 -9.13 59.59 -22.95
N ILE B 420 -8.73 58.55 -23.68
CA ILE B 420 -7.49 58.57 -24.51
C ILE B 420 -7.59 59.71 -25.54
N GLN B 421 -8.69 59.82 -26.27
CA GLN B 421 -8.81 60.86 -27.33
C GLN B 421 -8.81 62.25 -26.69
N GLU B 422 -9.45 62.40 -25.53
CA GLU B 422 -9.46 63.68 -24.77
C GLU B 422 -8.01 64.14 -24.53
N TYR B 423 -7.09 63.25 -24.12
CA TYR B 423 -5.69 63.63 -23.83
C TYR B 423 -4.98 64.06 -25.11
N VAL B 424 -5.19 63.34 -26.22
CA VAL B 424 -4.60 63.67 -27.55
C VAL B 424 -5.00 65.09 -27.94
N ASP B 425 -6.28 65.44 -27.81
CA ASP B 425 -6.81 66.78 -28.17
C ASP B 425 -6.16 67.87 -27.29
N LYS B 426 -5.93 67.60 -25.99
CA LYS B 426 -5.65 68.62 -24.95
C LYS B 426 -4.14 68.91 -24.75
N SER B 427 -3.25 67.97 -25.13
CA SER B 427 -1.81 68.15 -24.89
C SER B 427 -1.31 69.39 -25.63
N LEU B 428 -0.63 70.29 -24.92
CA LEU B 428 -0.10 71.55 -25.51
C LEU B 428 1.18 71.23 -26.30
N MET B 429 1.79 70.06 -26.10
CA MET B 429 3.04 69.70 -26.81
C MET B 429 2.75 69.22 -28.24
N LEU B 430 1.51 69.26 -28.70
CA LEU B 430 1.18 69.21 -30.16
C LEU B 430 1.93 70.35 -30.86
N VAL B 431 2.36 71.38 -30.12
CA VAL B 431 3.09 72.57 -30.66
C VAL B 431 4.43 72.16 -31.30
N THR B 432 5.02 71.03 -30.88
CA THR B 432 6.34 70.53 -31.36
C THR B 432 6.42 70.63 -32.90
N VAL B 433 5.37 70.27 -33.63
CA VAL B 433 5.35 70.25 -35.13
C VAL B 433 5.40 71.69 -35.70
N LEU B 434 5.16 72.72 -34.88
CA LEU B 434 5.21 74.13 -35.34
C LEU B 434 6.65 74.67 -35.32
N THR B 435 7.60 73.99 -34.64
CA THR B 435 9.01 74.50 -34.48
C THR B 435 9.73 74.59 -35.83
N PRO B 436 9.52 73.67 -36.81
CA PRO B 436 10.11 73.86 -38.14
C PRO B 436 9.53 75.09 -38.87
N HIS B 437 8.33 75.55 -38.46
CA HIS B 437 7.60 76.66 -39.13
C HIS B 437 7.90 78.01 -38.48
N ILE B 438 7.85 78.13 -37.15
CA ILE B 438 7.94 79.44 -36.45
C ILE B 438 9.15 79.47 -35.49
N GLY B 439 9.89 78.35 -35.38
CA GLY B 439 11.08 78.25 -34.52
C GLY B 439 10.73 77.92 -33.08
N TYR B 440 11.73 77.46 -32.33
CA TYR B 440 11.58 77.00 -30.92
C TYR B 440 11.06 78.14 -30.06
N ASP B 441 11.63 79.34 -30.21
CA ASP B 441 11.43 80.48 -29.26
C ASP B 441 9.97 80.94 -29.35
N LEU B 442 9.41 81.11 -30.55
CA LEU B 442 8.02 81.59 -30.71
C LEU B 442 7.05 80.46 -30.31
N SER B 443 7.41 79.20 -30.55
CA SER B 443 6.55 78.04 -30.19
C SER B 443 6.39 78.02 -28.67
N ALA B 444 7.47 78.31 -27.93
CA ALA B 444 7.51 78.37 -26.46
C ALA B 444 6.58 79.50 -25.95
N LYS B 445 6.60 80.65 -26.62
CA LYS B 445 5.70 81.79 -26.26
C LYS B 445 4.25 81.36 -26.43
N LEU B 446 3.93 80.60 -27.49
CA LEU B 446 2.55 80.14 -27.80
C LEU B 446 2.07 79.22 -26.68
N VAL B 447 2.89 78.25 -26.28
CA VAL B 447 2.55 77.30 -25.18
C VAL B 447 2.35 78.08 -23.87
N GLN B 448 3.25 79.02 -23.56
CA GLN B 448 3.26 79.74 -22.25
C GLN B 448 1.95 80.53 -22.16
N HIS B 449 1.51 81.11 -23.27
CA HIS B 449 0.21 81.81 -23.42
C HIS B 449 -0.96 80.84 -23.18
N ALA B 450 -1.04 79.76 -23.96
CA ALA B 450 -2.09 78.73 -23.89
C ALA B 450 -2.20 78.20 -22.45
N SER B 451 -1.06 77.89 -21.83
CA SER B 451 -1.00 77.35 -20.45
C SER B 451 -1.48 78.42 -19.46
N LYS B 452 -0.89 79.62 -19.50
CA LYS B 452 -1.20 80.73 -18.56
C LYS B 452 -2.70 81.05 -18.61
N PHE B 453 -3.27 81.26 -19.81
CA PHE B 453 -4.66 81.77 -19.98
C PHE B 453 -5.63 80.61 -20.19
N LYS B 454 -5.17 79.37 -20.09
CA LYS B 454 -5.99 78.13 -20.22
C LYS B 454 -6.79 78.18 -21.54
N LYS B 455 -6.11 78.40 -22.66
CA LYS B 455 -6.72 78.38 -24.03
C LYS B 455 -6.03 77.30 -24.86
N GLY B 456 -6.66 76.89 -25.97
CA GLY B 456 -6.10 75.97 -26.96
C GLY B 456 -4.94 76.61 -27.69
N LEU B 457 -4.09 75.78 -28.31
CA LEU B 457 -2.97 76.25 -29.18
C LEU B 457 -3.54 77.05 -30.36
N ARG B 458 -4.61 76.57 -30.98
CA ARG B 458 -5.18 77.19 -32.21
C ARG B 458 -5.63 78.62 -31.90
N GLU B 459 -6.51 78.74 -30.90
CA GLU B 459 -6.95 80.03 -30.29
C GLU B 459 -5.75 80.95 -30.08
N SER B 460 -4.73 80.44 -29.38
CA SER B 460 -3.58 81.22 -28.88
C SER B 460 -2.72 81.70 -30.06
N ALA B 461 -2.51 80.86 -31.06
CA ALA B 461 -1.67 81.19 -32.24
C ALA B 461 -2.31 82.38 -32.97
N ILE B 462 -3.64 82.43 -33.03
CA ILE B 462 -4.39 83.53 -33.70
C ILE B 462 -4.26 84.80 -32.84
N GLU B 463 -4.47 84.70 -31.51
CA GLU B 463 -4.41 85.86 -30.57
C GLU B 463 -3.04 86.54 -30.65
N LEU B 464 -1.95 85.76 -30.84
CA LEU B 464 -0.56 86.26 -30.87
C LEU B 464 -0.10 86.54 -32.32
N ASN B 465 -0.98 86.40 -33.31
CA ASN B 465 -0.70 86.66 -34.75
C ASN B 465 0.49 85.81 -35.20
N LEU B 466 0.61 84.57 -34.71
CA LEU B 466 1.77 83.69 -35.03
C LEU B 466 1.42 82.83 -36.25
N LEU B 467 0.17 82.41 -36.37
CA LEU B 467 -0.30 81.50 -37.45
C LEU B 467 -1.83 81.61 -37.53
N CYS B 468 -2.38 81.75 -38.74
CA CYS B 468 -3.84 81.73 -38.97
C CYS B 468 -4.37 80.32 -38.74
N GLY B 469 -5.65 80.20 -38.36
CA GLY B 469 -6.34 78.92 -38.10
C GLY B 469 -6.21 77.95 -39.26
N GLU B 470 -6.29 78.43 -40.50
CA GLU B 470 -6.31 77.55 -41.71
C GLU B 470 -4.98 76.80 -41.78
N LYS B 471 -3.87 77.53 -41.64
CA LYS B 471 -2.48 76.99 -41.70
C LYS B 471 -2.23 76.09 -40.48
N PHE B 472 -2.81 76.42 -39.31
CA PHE B 472 -2.66 75.62 -38.07
C PHE B 472 -3.25 74.22 -38.31
N ASP B 473 -4.46 74.16 -38.90
CA ASP B 473 -5.21 72.93 -39.22
C ASP B 473 -4.46 72.08 -40.26
N GLU B 474 -3.69 72.70 -41.16
CA GLU B 474 -2.88 72.00 -42.20
C GLU B 474 -1.67 71.33 -41.54
N ILE B 475 -1.05 71.97 -40.54
CA ILE B 475 0.22 71.51 -39.93
C ILE B 475 -0.07 70.57 -38.75
N VAL B 476 -1.03 70.93 -37.88
CA VAL B 476 -1.27 70.21 -36.60
C VAL B 476 -2.35 69.14 -36.82
N LYS B 477 -1.90 67.90 -37.06
CA LYS B 477 -2.74 66.69 -37.22
C LYS B 477 -2.26 65.65 -36.21
N PRO B 478 -2.79 65.71 -34.96
CA PRO B 478 -2.32 64.83 -33.88
C PRO B 478 -2.36 63.37 -34.32
N MET B 479 -3.42 63.00 -35.05
CA MET B 479 -3.72 61.61 -35.43
C MET B 479 -2.70 61.12 -36.47
N GLU B 480 -1.87 62.02 -37.03
CA GLU B 480 -0.81 61.69 -38.02
C GLU B 480 0.59 61.77 -37.40
N MET B 481 0.71 62.20 -36.14
CA MET B 481 2.03 62.49 -35.54
C MET B 481 2.70 61.20 -35.05
N ALA B 482 1.93 60.14 -34.79
CA ALA B 482 2.43 58.86 -34.26
C ALA B 482 3.27 58.15 -35.32
N PHE B 483 2.88 58.27 -36.60
CA PHE B 483 3.58 57.68 -37.76
C PHE B 483 3.96 58.80 -38.72
N PRO B 484 4.99 59.62 -38.38
CA PRO B 484 5.35 60.77 -39.21
C PRO B 484 6.06 60.31 -40.49
N HIS B 485 6.39 59.01 -40.58
CA HIS B 485 7.16 58.34 -41.67
C HIS B 485 8.62 58.78 -41.53
N ASN B 486 9.27 58.25 -40.47
CA ASN B 486 10.63 58.57 -39.95
C ASN B 486 10.90 60.07 -40.10
N ARG C 8 15.53 -12.50 -0.35
CA ARG C 8 14.39 -13.28 0.23
C ARG C 8 13.17 -13.19 -0.71
N LEU C 9 12.82 -11.99 -1.19
CA LEU C 9 11.52 -11.72 -1.89
C LEU C 9 11.73 -11.12 -3.28
N ARG C 10 10.72 -11.24 -4.15
CA ARG C 10 10.67 -10.62 -5.50
C ARG C 10 9.38 -9.80 -5.63
N VAL C 11 9.49 -8.47 -5.69
CA VAL C 11 8.34 -7.56 -5.97
C VAL C 11 7.75 -7.98 -7.32
N VAL C 12 6.48 -8.38 -7.34
CA VAL C 12 5.72 -8.75 -8.58
C VAL C 12 4.62 -7.70 -8.77
N GLU C 13 4.06 -7.59 -9.98
CA GLU C 13 3.09 -6.53 -10.39
C GLU C 13 1.89 -7.16 -11.11
N ASP C 14 0.67 -6.75 -10.73
CA ASP C 14 -0.61 -7.07 -11.41
C ASP C 14 -1.34 -5.76 -11.74
N SER C 15 -2.48 -5.84 -12.43
CA SER C 15 -3.35 -4.69 -12.78
C SER C 15 -3.88 -4.00 -11.52
N LEU C 16 -3.77 -4.65 -10.35
CA LEU C 16 -4.19 -4.09 -9.03
C LEU C 16 -2.99 -3.43 -8.31
N GLY C 17 -1.76 -3.92 -8.52
CA GLY C 17 -0.55 -3.33 -7.93
C GLY C 17 0.53 -4.36 -7.65
N LYS C 18 1.41 -4.07 -6.68
CA LYS C 18 2.66 -4.83 -6.39
C LYS C 18 2.48 -5.65 -5.11
N ILE C 19 3.27 -6.73 -4.98
CA ILE C 19 3.26 -7.70 -3.83
C ILE C 19 4.56 -8.51 -3.84
N ASN C 20 4.89 -9.17 -2.73
CA ASN C 20 6.11 -10.01 -2.55
C ASN C 20 5.81 -11.51 -2.75
N VAL C 21 6.78 -12.24 -3.31
CA VAL C 21 6.83 -13.74 -3.33
C VAL C 21 8.24 -14.18 -2.96
N PRO C 22 8.46 -15.40 -2.44
CA PRO C 22 9.82 -15.91 -2.23
C PRO C 22 10.68 -15.84 -3.51
N LEU C 23 11.96 -15.48 -3.34
CA LEU C 23 12.92 -15.21 -4.45
C LEU C 23 12.98 -16.41 -5.40
N GLU C 24 13.04 -17.63 -4.84
CA GLU C 24 13.26 -18.91 -5.58
C GLU C 24 12.04 -19.31 -6.43
N ARG C 25 10.84 -18.81 -6.10
CA ARG C 25 9.58 -19.25 -6.76
C ARG C 25 9.44 -18.61 -8.13
N TYR C 26 8.75 -19.33 -9.03
CA TYR C 26 8.45 -18.90 -10.42
C TYR C 26 7.03 -18.34 -10.47
N TYR C 27 6.24 -18.50 -9.39
CA TYR C 27 4.85 -17.98 -9.35
C TYR C 27 4.91 -16.48 -9.12
N GLY C 28 3.89 -15.78 -9.63
CA GLY C 28 3.86 -14.30 -9.74
C GLY C 28 2.88 -13.66 -8.77
N ALA C 29 2.30 -12.53 -9.17
CA ALA C 29 1.55 -11.58 -8.32
C ALA C 29 0.19 -12.18 -7.95
N GLN C 30 -0.53 -12.71 -8.94
CA GLN C 30 -1.91 -13.23 -8.78
C GLN C 30 -1.88 -14.51 -7.95
N THR C 31 -0.76 -15.24 -7.95
CA THR C 31 -0.58 -16.43 -7.08
C THR C 31 -0.35 -15.96 -5.63
N ALA C 32 0.52 -14.97 -5.42
CA ALA C 32 0.77 -14.36 -4.08
C ALA C 32 -0.55 -13.86 -3.49
N ARG C 33 -1.38 -13.21 -4.32
CA ARG C 33 -2.69 -12.65 -3.90
C ARG C 33 -3.64 -13.77 -3.47
N SER C 34 -3.88 -14.74 -4.36
CA SER C 34 -4.78 -15.90 -4.13
C SER C 34 -4.40 -16.60 -2.82
N LEU C 35 -3.10 -16.84 -2.62
CA LEU C 35 -2.56 -17.53 -1.43
C LEU C 35 -3.06 -16.82 -0.16
N GLY C 36 -2.97 -15.50 -0.10
CA GLY C 36 -3.39 -14.67 1.05
C GLY C 36 -4.90 -14.54 1.15
N ASN C 37 -5.60 -14.48 0.02
CA ASN C 37 -7.05 -14.15 -0.04
C ASN C 37 -7.92 -15.38 0.27
N PHE C 38 -7.39 -16.60 0.10
CA PHE C 38 -8.15 -17.86 0.29
C PHE C 38 -7.36 -18.80 1.21
N ASN C 39 -7.13 -18.34 2.44
CA ASN C 39 -6.56 -19.12 3.58
C ASN C 39 -7.66 -20.06 4.12
N VAL C 40 -7.98 -21.10 3.34
CA VAL C 40 -9.06 -22.09 3.65
C VAL C 40 -8.48 -23.51 3.50
N CYS C 41 -8.25 -24.18 4.64
CA CYS C 41 -7.65 -25.54 4.71
C CYS C 41 -6.44 -25.62 3.78
N THR C 42 -5.51 -24.67 3.91
CA THR C 42 -4.31 -24.56 3.03
C THR C 42 -3.38 -25.75 3.24
N ARG C 43 -3.43 -26.41 4.40
CA ARG C 43 -2.52 -27.55 4.71
C ARG C 43 -2.91 -28.77 3.88
N SER C 44 -4.21 -28.98 3.59
CA SER C 44 -4.74 -30.27 3.05
C SER C 44 -5.57 -30.13 1.77
N ASP C 45 -6.07 -28.94 1.41
CA ASP C 45 -7.03 -28.77 0.28
C ASP C 45 -6.38 -28.01 -0.89
N THR C 46 -5.11 -28.27 -1.14
CA THR C 46 -4.36 -27.77 -2.33
C THR C 46 -5.14 -28.21 -3.58
N MET C 47 -5.27 -27.35 -4.59
CA MET C 47 -5.80 -27.76 -5.90
C MET C 47 -5.07 -29.04 -6.32
N PRO C 48 -5.77 -30.13 -6.69
CA PRO C 48 -5.10 -31.35 -7.13
C PRO C 48 -4.04 -31.08 -8.21
N LEU C 49 -2.87 -31.70 -8.08
CA LEU C 49 -1.75 -31.56 -9.05
C LEU C 49 -2.15 -32.09 -10.43
N GLN C 50 -3.10 -33.03 -10.52
CA GLN C 50 -3.58 -33.55 -11.82
C GLN C 50 -4.15 -32.40 -12.66
N ILE C 51 -4.85 -31.43 -12.04
CA ILE C 51 -5.39 -30.24 -12.76
C ILE C 51 -4.19 -29.43 -13.29
N VAL C 52 -3.18 -29.21 -12.45
CA VAL C 52 -1.97 -28.40 -12.79
C VAL C 52 -1.20 -29.06 -13.95
N TYR C 53 -0.96 -30.38 -13.90
CA TYR C 53 -0.25 -31.14 -14.96
C TYR C 53 -1.00 -31.04 -16.29
N SER C 54 -2.34 -31.18 -16.26
CA SER C 54 -3.22 -31.13 -17.47
C SER C 54 -3.18 -29.72 -18.06
N LEU C 55 -3.21 -28.70 -17.20
CA LEU C 55 -3.06 -27.29 -17.65
C LEU C 55 -1.71 -27.11 -18.35
N ALA C 56 -0.64 -27.70 -17.83
CA ALA C 56 0.73 -27.66 -18.41
C ALA C 56 0.74 -28.31 -19.80
N MET C 57 0.07 -29.47 -19.92
CA MET C 57 -0.07 -30.21 -21.21
C MET C 57 -0.83 -29.35 -22.21
N ILE C 58 -1.91 -28.70 -21.78
CA ILE C 58 -2.74 -27.85 -22.69
C ILE C 58 -1.87 -26.65 -23.13
N LYS C 59 -1.11 -26.05 -22.22
CA LYS C 59 -0.27 -24.85 -22.52
C LYS C 59 0.78 -25.24 -23.58
N GLU C 60 1.32 -26.46 -23.51
CA GLU C 60 2.31 -27.00 -24.48
C GLU C 60 1.70 -26.99 -25.89
N VAL C 61 0.58 -27.69 -26.09
CA VAL C 61 -0.04 -27.83 -27.44
C VAL C 61 -0.58 -26.46 -27.86
N ALA C 62 -1.07 -25.65 -26.91
CA ALA C 62 -1.63 -24.30 -27.18
C ALA C 62 -0.53 -23.45 -27.81
N ALA C 63 0.69 -23.53 -27.27
CA ALA C 63 1.86 -22.81 -27.79
C ALA C 63 2.10 -23.26 -29.24
N CYS C 64 2.18 -24.58 -29.46
CA CYS C 64 2.46 -25.19 -30.79
C CYS C 64 1.38 -24.77 -31.79
N THR C 65 0.10 -24.84 -31.40
CA THR C 65 -1.05 -24.49 -32.26
C THR C 65 -1.03 -23.00 -32.63
N ASN C 66 -0.68 -22.13 -31.67
CA ASN C 66 -0.59 -20.66 -31.87
C ASN C 66 0.55 -20.34 -32.83
N PHE C 67 1.70 -21.05 -32.72
CA PHE C 67 2.85 -20.91 -33.64
C PHE C 67 2.45 -21.29 -35.07
N LYS C 68 1.76 -22.42 -35.24
CA LYS C 68 1.33 -22.98 -36.55
C LYS C 68 0.22 -22.12 -37.17
N LEU C 69 -0.52 -21.34 -36.36
CA LEU C 69 -1.58 -20.40 -36.86
C LEU C 69 -1.01 -18.98 -36.99
N GLY C 70 0.30 -18.79 -36.82
CA GLY C 70 1.00 -17.51 -37.03
C GLY C 70 0.55 -16.41 -36.06
N ARG C 71 0.38 -16.76 -34.78
CA ARG C 71 -0.09 -15.84 -33.70
C ARG C 71 1.00 -15.57 -32.66
N ILE C 72 2.10 -16.34 -32.68
CA ILE C 72 3.26 -16.17 -31.75
C ILE C 72 4.49 -16.73 -32.46
N SER C 73 5.67 -16.56 -31.87
CA SER C 73 7.01 -16.87 -32.46
C SER C 73 7.48 -18.25 -32.03
N SER C 74 8.34 -18.89 -32.84
CA SER C 74 9.01 -20.18 -32.54
C SER C 74 9.96 -20.03 -31.34
N LYS C 75 10.60 -18.86 -31.22
CA LYS C 75 11.45 -18.49 -30.06
C LYS C 75 10.62 -18.64 -28.79
N LEU C 76 9.45 -17.99 -28.74
CA LEU C 76 8.53 -17.95 -27.57
C LEU C 76 7.91 -19.35 -27.39
N SER C 77 7.22 -19.85 -28.42
CA SER C 77 6.54 -21.16 -28.47
C SER C 77 7.46 -22.29 -27.96
N ASP C 78 8.72 -22.35 -28.42
CA ASP C 78 9.70 -23.39 -28.02
C ASP C 78 9.98 -23.31 -26.51
N ALA C 79 10.02 -22.11 -25.94
CA ALA C 79 10.38 -21.87 -24.52
C ALA C 79 9.26 -22.36 -23.59
N ILE C 80 8.01 -22.01 -23.92
CA ILE C 80 6.77 -22.38 -23.18
C ILE C 80 6.69 -23.91 -23.11
N VAL C 81 6.93 -24.60 -24.24
CA VAL C 81 6.88 -26.08 -24.34
C VAL C 81 7.83 -26.73 -23.32
N LYS C 82 9.10 -26.28 -23.23
CA LYS C 82 10.12 -26.89 -22.33
C LYS C 82 9.72 -26.72 -20.86
N ALA C 83 9.23 -25.55 -20.46
CA ALA C 83 8.73 -25.27 -19.08
C ALA C 83 7.52 -26.16 -18.79
N CYS C 84 6.56 -26.24 -19.73
CA CYS C 84 5.37 -27.14 -19.64
C CYS C 84 5.79 -28.56 -19.25
N ARG C 85 6.77 -29.11 -19.96
CA ARG C 85 7.25 -30.52 -19.78
C ARG C 85 7.84 -30.68 -18.37
N GLU C 86 8.57 -29.67 -17.89
CA GLU C 86 9.15 -29.68 -16.51
C GLU C 86 8.01 -29.78 -15.49
N VAL C 87 6.88 -29.11 -15.73
CA VAL C 87 5.73 -29.12 -14.78
C VAL C 87 5.09 -30.51 -14.75
N TYR C 88 4.74 -31.11 -15.88
CA TYR C 88 3.97 -32.39 -15.85
C TYR C 88 4.92 -33.59 -15.66
N HIS C 89 6.24 -33.41 -15.77
CA HIS C 89 7.24 -34.42 -15.32
C HIS C 89 7.44 -34.31 -13.79
N GLY C 90 6.91 -33.26 -13.16
CA GLY C 90 6.90 -33.10 -11.68
C GLY C 90 8.14 -32.39 -11.14
N GLN C 91 8.75 -31.46 -11.89
CA GLN C 91 9.98 -30.73 -11.50
C GLN C 91 9.65 -29.35 -10.90
N HIS C 92 8.39 -29.07 -10.55
CA HIS C 92 7.95 -27.76 -10.01
C HIS C 92 6.71 -27.92 -9.11
N ASP C 93 6.59 -28.99 -8.31
CA ASP C 93 5.35 -29.27 -7.55
C ASP C 93 5.13 -28.21 -6.46
N ASN C 94 6.19 -27.54 -5.99
CA ASN C 94 6.11 -26.51 -4.92
C ASN C 94 5.81 -25.13 -5.50
N GLU C 95 5.51 -25.02 -6.80
CA GLU C 95 5.16 -23.73 -7.44
C GLU C 95 3.64 -23.58 -7.50
N PHE C 96 2.88 -24.47 -6.85
CA PHE C 96 1.40 -24.56 -6.93
C PHE C 96 0.81 -24.73 -5.53
N PRO C 97 0.75 -23.64 -4.73
CA PRO C 97 0.19 -23.69 -3.37
C PRO C 97 -1.28 -23.26 -3.18
N LEU C 98 -2.00 -22.95 -4.26
CA LEU C 98 -3.38 -22.44 -4.18
C LEU C 98 -4.32 -23.57 -3.77
N VAL C 99 -5.41 -23.24 -3.07
CA VAL C 99 -6.43 -24.21 -2.57
C VAL C 99 -7.55 -24.38 -3.61
N ILE C 100 -8.34 -25.45 -3.42
CA ILE C 100 -9.60 -25.74 -4.14
C ILE C 100 -10.56 -24.54 -3.97
N TRP C 101 -10.61 -23.97 -2.75
CA TRP C 101 -11.64 -22.98 -2.34
C TRP C 101 -11.21 -21.59 -2.83
N GLN C 102 -10.95 -21.48 -4.13
CA GLN C 102 -10.53 -20.22 -4.79
C GLN C 102 -11.73 -19.70 -5.57
N THR C 103 -11.51 -18.82 -6.54
CA THR C 103 -12.57 -18.43 -7.51
C THR C 103 -13.13 -19.72 -8.15
N GLY C 104 -14.41 -19.70 -8.47
CA GLY C 104 -15.16 -20.90 -8.93
C GLY C 104 -14.89 -21.23 -10.40
N SER C 105 -14.17 -20.35 -11.11
CA SER C 105 -13.75 -20.58 -12.51
C SER C 105 -12.38 -21.26 -12.56
N GLY C 106 -11.68 -21.33 -11.42
CA GLY C 106 -10.30 -21.84 -11.35
C GLY C 106 -9.30 -20.89 -12.01
N THR C 107 -9.69 -19.62 -12.22
CA THR C 107 -8.86 -18.55 -12.84
C THR C 107 -7.49 -18.45 -12.16
N GLN C 108 -7.46 -18.51 -10.83
CA GLN C 108 -6.22 -18.23 -10.05
C GLN C 108 -5.23 -19.38 -10.25
N THR C 109 -5.70 -20.63 -10.38
CA THR C 109 -4.83 -21.78 -10.73
C THR C 109 -4.37 -21.64 -12.19
N ASN C 110 -5.25 -21.22 -13.12
CA ASN C 110 -4.86 -20.96 -14.53
C ASN C 110 -3.71 -19.94 -14.55
N MET C 111 -3.87 -18.85 -13.82
CA MET C 111 -2.86 -17.76 -13.76
C MET C 111 -1.64 -18.24 -12.96
N ASN C 112 -1.81 -19.11 -11.98
CA ASN C 112 -0.68 -19.73 -11.25
C ASN C 112 0.21 -20.49 -12.25
N VAL C 113 -0.38 -21.24 -13.19
CA VAL C 113 0.41 -22.01 -14.21
C VAL C 113 0.98 -21.02 -15.23
N ASN C 114 0.17 -20.05 -15.67
CA ASN C 114 0.58 -19.00 -16.63
C ASN C 114 1.86 -18.33 -16.12
N GLU C 115 1.94 -18.05 -14.81
CA GLU C 115 3.05 -17.27 -14.18
C GLU C 115 4.30 -18.13 -14.11
N VAL C 116 4.18 -19.38 -13.65
CA VAL C 116 5.32 -20.33 -13.50
C VAL C 116 5.94 -20.58 -14.89
N LEU C 117 5.11 -20.89 -15.89
CA LEU C 117 5.55 -21.11 -17.31
C LEU C 117 6.08 -19.80 -17.92
N SER C 118 5.41 -18.67 -17.68
CA SER C 118 5.81 -17.30 -18.11
C SER C 118 7.27 -17.06 -17.70
N SER C 119 7.56 -17.21 -16.41
CA SER C 119 8.86 -16.84 -15.80
C SER C 119 9.91 -17.89 -16.14
N ARG C 120 9.55 -19.17 -16.20
CA ARG C 120 10.52 -20.25 -16.53
C ARG C 120 10.94 -20.13 -18.01
N ALA C 121 9.97 -20.05 -18.94
CA ALA C 121 10.20 -19.81 -20.39
C ALA C 121 11.02 -18.53 -20.59
N SER C 122 10.80 -17.50 -19.77
CA SER C 122 11.54 -16.20 -19.82
C SER C 122 13.00 -16.39 -19.41
N GLU C 123 13.27 -17.23 -18.39
CA GLU C 123 14.63 -17.60 -17.89
C GLU C 123 15.35 -18.52 -18.90
N LEU C 124 14.60 -19.34 -19.66
CA LEU C 124 15.19 -20.28 -20.65
C LEU C 124 15.69 -19.50 -21.88
N ILE C 125 15.00 -18.44 -22.29
CA ILE C 125 15.37 -17.60 -23.46
C ILE C 125 16.53 -16.67 -23.06
N ASP C 126 16.32 -15.83 -22.04
CA ASP C 126 17.30 -14.82 -21.56
C ASP C 126 18.50 -15.50 -20.90
N GLY C 127 18.30 -16.69 -20.32
CA GLY C 127 19.34 -17.44 -19.57
C GLY C 127 19.59 -16.83 -18.19
N SER C 128 18.74 -15.89 -17.77
CA SER C 128 18.80 -15.18 -16.46
C SER C 128 17.43 -14.59 -16.14
N ARG C 129 17.09 -14.52 -14.85
CA ARG C 129 15.77 -14.03 -14.35
C ARG C 129 15.83 -12.52 -14.09
N SER C 130 15.36 -11.72 -15.07
CA SER C 130 15.16 -10.25 -14.98
C SER C 130 13.68 -9.95 -14.75
N SER C 131 13.37 -8.94 -13.93
CA SER C 131 11.99 -8.53 -13.55
C SER C 131 11.17 -8.21 -14.81
N ARG C 132 11.83 -7.78 -15.89
CA ARG C 132 11.23 -7.65 -17.25
C ARG C 132 11.10 -9.06 -17.87
N LEU C 133 9.86 -9.54 -18.04
CA LEU C 133 9.55 -10.89 -18.56
C LEU C 133 9.47 -10.84 -20.10
N THR C 134 10.26 -11.66 -20.79
CA THR C 134 10.23 -11.81 -22.28
C THR C 134 8.91 -12.49 -22.68
N VAL C 135 8.45 -13.47 -21.90
CA VAL C 135 7.15 -14.17 -22.12
C VAL C 135 6.12 -13.61 -21.13
N HIS C 136 5.09 -12.96 -21.65
CA HIS C 136 3.91 -12.43 -20.91
C HIS C 136 2.97 -13.59 -20.59
N PRO C 137 2.48 -13.74 -19.34
CA PRO C 137 1.59 -14.85 -18.99
C PRO C 137 0.24 -14.78 -19.69
N ASN C 138 -0.25 -13.57 -20.00
CA ASN C 138 -1.58 -13.31 -20.62
C ASN C 138 -1.47 -13.30 -22.16
N ASP C 139 -0.47 -12.59 -22.70
CA ASP C 139 -0.33 -12.31 -24.15
C ASP C 139 0.24 -13.52 -24.90
N HIS C 140 1.15 -14.28 -24.26
CA HIS C 140 1.89 -15.42 -24.87
C HIS C 140 1.34 -16.76 -24.36
N VAL C 141 1.53 -17.06 -23.07
CA VAL C 141 1.26 -18.41 -22.47
C VAL C 141 -0.25 -18.71 -22.53
N ASN C 142 -1.08 -17.70 -22.22
CA ASN C 142 -2.56 -17.79 -22.20
C ASN C 142 -3.17 -17.36 -23.54
N LEU C 143 -2.36 -17.27 -24.60
CA LEU C 143 -2.80 -16.74 -25.94
C LEU C 143 -3.96 -17.59 -26.47
N GLY C 144 -5.08 -16.93 -26.83
CA GLY C 144 -6.29 -17.54 -27.41
C GLY C 144 -7.09 -18.36 -26.40
N GLN C 145 -6.85 -18.16 -25.10
CA GLN C 145 -7.45 -18.97 -24.01
C GLN C 145 -8.23 -18.08 -23.04
N SER C 146 -9.28 -18.62 -22.42
CA SER C 146 -9.86 -18.12 -21.15
C SER C 146 -9.65 -19.21 -20.09
N SER C 147 -9.72 -18.86 -18.80
CA SER C 147 -9.86 -19.83 -17.69
C SER C 147 -11.19 -20.58 -17.88
N ASN C 148 -12.19 -19.89 -18.45
CA ASN C 148 -13.58 -20.39 -18.61
C ASN C 148 -13.60 -21.59 -19.56
N ASP C 149 -12.74 -21.62 -20.57
CA ASP C 149 -12.67 -22.77 -21.50
C ASP C 149 -11.51 -23.70 -21.10
N ILE C 150 -10.37 -23.17 -20.62
CA ILE C 150 -9.15 -23.99 -20.37
C ILE C 150 -9.29 -24.80 -19.07
N PHE C 151 -9.87 -24.23 -18.02
CA PHE C 151 -10.01 -24.97 -16.74
C PHE C 151 -10.95 -26.17 -16.96
N PRO C 152 -12.14 -26.02 -17.59
CA PRO C 152 -12.95 -27.18 -17.95
C PRO C 152 -12.25 -28.18 -18.89
N THR C 153 -11.34 -27.70 -19.74
CA THR C 153 -10.54 -28.57 -20.64
C THR C 153 -9.57 -29.40 -19.78
N ALA C 154 -8.89 -28.77 -18.81
CA ALA C 154 -7.99 -29.46 -17.85
C ALA C 154 -8.78 -30.40 -16.93
N MET C 155 -9.98 -30.03 -16.51
CA MET C 155 -10.86 -30.94 -15.72
C MET C 155 -11.06 -32.23 -16.53
N ASN C 156 -11.51 -32.10 -17.77
CA ASN C 156 -11.92 -33.26 -18.60
C ASN C 156 -10.68 -34.09 -18.93
N LEU C 157 -9.56 -33.44 -19.29
CA LEU C 157 -8.28 -34.10 -19.63
C LEU C 157 -7.74 -34.84 -18.40
N SER C 158 -7.75 -34.19 -17.23
CA SER C 158 -7.16 -34.79 -16.00
C SER C 158 -7.97 -36.02 -15.62
N ILE C 159 -9.30 -35.91 -15.64
CA ILE C 159 -10.22 -37.00 -15.20
C ILE C 159 -10.20 -38.13 -16.25
N ALA C 160 -10.08 -37.81 -17.54
CA ALA C 160 -10.01 -38.81 -18.64
C ALA C 160 -8.80 -39.72 -18.43
N MET C 161 -7.63 -39.14 -18.14
CA MET C 161 -6.37 -39.89 -17.96
C MET C 161 -6.41 -40.73 -16.67
N GLU C 162 -6.86 -40.15 -15.55
CA GLU C 162 -7.09 -40.88 -14.28
C GLU C 162 -8.02 -42.07 -14.53
N THR C 163 -9.14 -41.83 -15.21
CA THR C 163 -10.21 -42.84 -15.41
C THR C 163 -9.70 -43.97 -16.33
N ALA C 164 -9.06 -43.61 -17.44
CA ALA C 164 -8.66 -44.57 -18.49
C ALA C 164 -7.47 -45.39 -17.99
N TRP C 165 -6.49 -44.73 -17.33
CA TRP C 165 -5.14 -45.27 -17.11
C TRP C 165 -4.96 -45.83 -15.69
N LYS C 166 -5.81 -45.45 -14.74
CA LYS C 166 -5.66 -45.87 -13.32
C LYS C 166 -6.94 -46.57 -12.83
N VAL C 167 -8.11 -45.95 -12.99
CA VAL C 167 -9.40 -46.50 -12.47
C VAL C 167 -9.73 -47.79 -13.21
N LEU C 168 -9.77 -47.79 -14.54
CA LEU C 168 -10.24 -48.98 -15.30
C LEU C 168 -9.27 -50.15 -15.10
N PRO C 169 -7.95 -49.99 -15.17
CA PRO C 169 -7.04 -51.11 -14.85
C PRO C 169 -7.24 -51.70 -13.44
N SER C 170 -7.57 -50.86 -12.46
CA SER C 170 -7.85 -51.29 -11.06
C SER C 170 -9.13 -52.11 -11.04
N LEU C 171 -10.20 -51.64 -11.70
CA LEU C 171 -11.49 -52.37 -11.72
C LEU C 171 -11.33 -53.70 -12.46
N ASN C 172 -10.65 -53.70 -13.62
CA ASN C 172 -10.38 -54.92 -14.41
C ASN C 172 -9.54 -55.89 -13.57
N HIS C 173 -8.60 -55.39 -12.79
CA HIS C 173 -7.73 -56.25 -11.92
C HIS C 173 -8.62 -56.97 -10.89
N LEU C 174 -9.58 -56.26 -10.29
CA LEU C 174 -10.44 -56.82 -9.22
C LEU C 174 -11.38 -57.86 -9.84
N ILE C 175 -11.96 -57.55 -11.01
CA ILE C 175 -12.82 -58.51 -11.78
C ILE C 175 -12.03 -59.79 -12.06
N ASN C 176 -10.78 -59.64 -12.51
CA ASN C 176 -9.89 -60.76 -12.91
C ASN C 176 -9.56 -61.64 -11.70
N VAL C 177 -9.33 -61.07 -10.53
CA VAL C 177 -9.04 -61.84 -9.28
C VAL C 177 -10.34 -62.52 -8.80
N LEU C 178 -11.49 -61.86 -8.92
CA LEU C 178 -12.82 -62.47 -8.58
C LEU C 178 -13.09 -63.65 -9.51
N LYS C 179 -12.78 -63.52 -10.81
CA LYS C 179 -12.95 -64.60 -11.83
C LYS C 179 -12.11 -65.82 -11.46
N ILE C 180 -10.91 -65.63 -10.97
CA ILE C 180 -10.08 -66.78 -10.50
C ILE C 180 -10.89 -67.58 -9.47
N LYS C 181 -11.47 -66.89 -8.47
CA LYS C 181 -12.14 -67.54 -7.32
C LYS C 181 -13.48 -68.11 -7.78
N MET C 182 -14.21 -67.37 -8.62
CA MET C 182 -15.43 -67.84 -9.31
C MET C 182 -15.18 -69.21 -9.95
N HIS C 183 -14.07 -69.38 -10.68
CA HIS C 183 -13.68 -70.67 -11.31
C HIS C 183 -13.23 -71.67 -10.25
N GLU C 184 -12.38 -71.26 -9.30
CA GLU C 184 -11.85 -72.17 -8.24
C GLU C 184 -13.02 -72.81 -7.46
N PHE C 185 -14.14 -72.11 -7.28
CA PHE C 185 -15.26 -72.55 -6.39
C PHE C 185 -16.57 -72.74 -7.16
N MET C 186 -16.51 -72.89 -8.48
CA MET C 186 -17.73 -72.98 -9.32
C MET C 186 -18.56 -74.22 -8.91
N ASN C 187 -17.93 -75.27 -8.39
CA ASN C 187 -18.63 -76.56 -8.11
C ASN C 187 -18.80 -76.76 -6.60
N VAL C 188 -18.55 -75.75 -5.75
CA VAL C 188 -18.82 -75.83 -4.28
C VAL C 188 -20.26 -75.35 -4.03
N ILE C 189 -21.13 -76.24 -3.60
CA ILE C 189 -22.57 -75.92 -3.39
C ILE C 189 -22.71 -75.32 -2.00
N LYS C 190 -23.40 -74.17 -1.92
CA LYS C 190 -23.78 -73.49 -0.66
C LYS C 190 -25.28 -73.22 -0.71
N ILE C 191 -25.82 -72.63 0.36
CA ILE C 191 -27.26 -72.25 0.41
C ILE C 191 -27.35 -70.75 0.17
N GLY C 192 -28.16 -70.35 -0.81
CA GLY C 192 -28.51 -68.94 -1.02
C GLY C 192 -29.34 -68.43 0.15
N ARG C 193 -29.24 -67.14 0.47
CA ARG C 193 -30.09 -66.51 1.51
C ARG C 193 -30.81 -65.31 0.86
N THR C 194 -32.14 -65.28 0.98
CA THR C 194 -32.98 -64.13 0.58
C THR C 194 -33.65 -63.59 1.84
N HIS C 195 -33.61 -62.29 2.09
CA HIS C 195 -34.10 -61.68 3.36
C HIS C 195 -33.31 -62.24 4.53
N MET C 196 -32.08 -62.71 4.29
CA MET C 196 -31.21 -63.38 5.29
C MET C 196 -31.86 -64.66 5.80
N GLN C 197 -32.88 -65.18 5.11
CA GLN C 197 -33.49 -66.50 5.44
C GLN C 197 -32.92 -67.57 4.50
N ASP C 198 -32.75 -68.79 5.01
CA ASP C 198 -32.34 -69.97 4.21
C ASP C 198 -33.22 -70.04 2.94
N ALA C 199 -32.59 -70.16 1.78
CA ALA C 199 -33.26 -70.38 0.48
C ALA C 199 -32.71 -71.67 -0.17
N VAL C 200 -32.51 -71.69 -1.48
CA VAL C 200 -32.19 -72.94 -2.24
C VAL C 200 -30.70 -72.98 -2.54
N PRO C 201 -30.18 -74.15 -2.98
CA PRO C 201 -28.77 -74.27 -3.32
C PRO C 201 -28.34 -73.39 -4.50
N MET C 202 -27.09 -72.95 -4.44
CA MET C 202 -26.33 -72.30 -5.53
C MET C 202 -24.85 -72.62 -5.31
N SER C 203 -23.98 -72.35 -6.26
CA SER C 203 -22.51 -72.56 -6.09
C SER C 203 -21.87 -71.27 -5.58
N VAL C 204 -20.78 -71.38 -4.85
CA VAL C 204 -19.97 -70.20 -4.42
C VAL C 204 -19.58 -69.40 -5.69
N GLY C 205 -19.18 -70.09 -6.76
CA GLY C 205 -18.84 -69.47 -8.07
C GLY C 205 -19.99 -68.67 -8.66
N GLN C 206 -21.22 -69.20 -8.61
CA GLN C 206 -22.43 -68.47 -9.07
C GLN C 206 -22.59 -67.19 -8.26
N GLU C 207 -22.37 -67.25 -6.95
CA GLU C 207 -22.52 -66.07 -6.06
C GLU C 207 -21.45 -65.04 -6.44
N LEU C 208 -20.22 -65.49 -6.66
CA LEU C 208 -19.09 -64.60 -7.06
C LEU C 208 -19.33 -64.00 -8.45
N SER C 209 -20.03 -64.71 -9.35
CA SER C 209 -20.36 -64.25 -10.73
C SER C 209 -21.28 -63.02 -10.65
N GLY C 210 -22.07 -62.89 -9.59
CA GLY C 210 -22.93 -61.71 -9.32
C GLY C 210 -22.13 -60.43 -9.18
N TYR C 211 -21.01 -60.46 -8.47
CA TYR C 211 -20.14 -59.27 -8.23
C TYR C 211 -19.36 -58.96 -9.50
N VAL C 212 -18.85 -59.99 -10.18
CA VAL C 212 -18.20 -59.88 -11.50
C VAL C 212 -19.14 -59.17 -12.48
N SER C 213 -20.39 -59.61 -12.60
CA SER C 213 -21.41 -58.99 -13.50
C SER C 213 -21.64 -57.52 -13.15
N GLN C 214 -21.93 -57.21 -11.88
CA GLN C 214 -22.11 -55.81 -11.43
C GLN C 214 -20.84 -54.98 -11.74
N LEU C 215 -19.65 -55.52 -11.54
CA LEU C 215 -18.39 -54.74 -11.73
C LEU C 215 -18.08 -54.61 -13.23
N GLN C 216 -18.49 -55.59 -14.05
CA GLN C 216 -18.32 -55.54 -15.53
C GLN C 216 -19.28 -54.48 -16.09
N GLN C 217 -20.51 -54.44 -15.61
CA GLN C 217 -21.51 -53.40 -16.00
C GLN C 217 -20.91 -52.01 -15.74
N ALA C 218 -20.19 -51.84 -14.61
CA ALA C 218 -19.63 -50.54 -14.17
C ALA C 218 -18.52 -50.12 -15.12
N VAL C 219 -17.57 -51.03 -15.38
CA VAL C 219 -16.46 -50.84 -16.35
C VAL C 219 -17.02 -50.47 -17.72
N ASP C 220 -18.04 -51.19 -18.20
CA ASP C 220 -18.62 -50.96 -19.56
C ASP C 220 -19.27 -49.57 -19.61
N SER C 221 -20.00 -49.16 -18.56
CA SER C 221 -20.61 -47.79 -18.47
C SER C 221 -19.48 -46.73 -18.47
N ILE C 222 -18.36 -47.02 -17.82
CA ILE C 222 -17.26 -46.02 -17.68
C ILE C 222 -16.53 -45.89 -19.03
N LYS C 223 -16.27 -47.01 -19.70
CA LYS C 223 -15.64 -47.04 -21.06
C LYS C 223 -16.53 -46.27 -22.03
N SER C 224 -17.85 -46.39 -21.94
CA SER C 224 -18.79 -45.71 -22.88
C SER C 224 -18.82 -44.20 -22.61
N GLN C 225 -18.65 -43.78 -21.36
CA GLN C 225 -18.74 -42.35 -20.96
C GLN C 225 -17.45 -41.60 -21.35
N LEU C 226 -16.31 -42.29 -21.46
CA LEU C 226 -14.99 -41.62 -21.61
C LEU C 226 -14.89 -40.79 -22.88
N PRO C 227 -15.33 -41.26 -24.08
CA PRO C 227 -15.27 -40.45 -25.29
C PRO C 227 -16.15 -39.19 -25.19
N LEU C 228 -17.20 -39.23 -24.37
CA LEU C 228 -18.12 -38.06 -24.18
C LEU C 228 -17.41 -36.99 -23.34
N ILE C 229 -16.51 -37.36 -22.40
CA ILE C 229 -15.83 -36.34 -21.57
C ILE C 229 -14.57 -35.84 -22.30
N CYS C 230 -14.13 -36.51 -23.37
CA CYS C 230 -13.02 -36.07 -24.25
C CYS C 230 -13.50 -34.99 -25.25
N HIS C 231 -14.78 -34.58 -25.18
CA HIS C 231 -15.30 -33.34 -25.82
C HIS C 231 -14.91 -32.16 -24.93
N LEU C 232 -14.02 -31.29 -25.41
CA LEU C 232 -13.35 -30.24 -24.61
C LEU C 232 -13.95 -28.87 -24.92
N ALA C 233 -14.00 -28.00 -23.91
CA ALA C 233 -14.55 -26.62 -23.98
C ALA C 233 -13.63 -25.71 -24.82
N VAL C 234 -12.38 -26.11 -25.04
CA VAL C 234 -11.30 -25.28 -25.67
C VAL C 234 -11.83 -24.61 -26.94
N GLY C 235 -11.56 -23.31 -27.08
CA GLY C 235 -12.03 -22.49 -28.21
C GLY C 235 -13.20 -21.59 -27.83
N GLY C 236 -13.90 -21.88 -26.72
CA GLY C 236 -15.10 -21.13 -26.28
C GLY C 236 -14.76 -19.73 -25.75
N THR C 237 -13.55 -19.55 -25.24
CA THR C 237 -13.04 -18.34 -24.52
C THR C 237 -14.04 -17.89 -23.44
N ALA C 238 -14.40 -16.60 -23.40
CA ALA C 238 -15.05 -15.94 -22.24
C ALA C 238 -16.44 -16.54 -21.98
N VAL C 239 -17.29 -16.61 -23.00
CA VAL C 239 -18.73 -17.00 -22.82
C VAL C 239 -19.14 -18.11 -23.79
N GLY C 240 -18.21 -18.60 -24.64
CA GLY C 240 -18.44 -19.71 -25.57
C GLY C 240 -18.51 -19.26 -27.03
N THR C 241 -18.41 -17.95 -27.29
CA THR C 241 -18.45 -17.38 -28.67
C THR C 241 -17.16 -17.66 -29.44
N GLY C 242 -16.06 -17.88 -28.72
CA GLY C 242 -14.72 -18.06 -29.32
C GLY C 242 -14.07 -16.71 -29.64
N LEU C 243 -14.59 -15.62 -29.07
CA LEU C 243 -13.98 -14.26 -29.20
C LEU C 243 -12.51 -14.33 -28.76
N ASN C 244 -11.62 -13.78 -29.61
CA ASN C 244 -10.15 -13.69 -29.42
C ASN C 244 -9.50 -15.09 -29.50
N CYS C 245 -10.17 -16.06 -30.13
CA CYS C 245 -9.56 -17.36 -30.53
C CYS C 245 -9.63 -17.47 -32.06
N SER C 246 -8.51 -17.74 -32.71
CA SER C 246 -8.40 -17.87 -34.18
C SER C 246 -9.10 -19.15 -34.63
N LYS C 247 -9.76 -19.12 -35.81
CA LYS C 247 -10.45 -20.27 -36.45
C LYS C 247 -9.49 -21.45 -36.55
N GLY C 248 -9.96 -22.66 -36.20
CA GLY C 248 -9.19 -23.91 -36.31
C GLY C 248 -8.37 -24.22 -35.07
N PHE C 249 -8.14 -23.25 -34.18
CA PHE C 249 -7.28 -23.40 -32.99
C PHE C 249 -7.73 -24.60 -32.14
N ASP C 250 -9.04 -24.69 -31.85
CA ASP C 250 -9.65 -25.79 -31.05
C ASP C 250 -9.35 -27.15 -31.73
N GLU C 251 -9.64 -27.27 -33.03
CA GLU C 251 -9.52 -28.54 -33.78
C GLU C 251 -8.04 -28.98 -33.81
N GLU C 252 -7.11 -28.05 -34.04
CA GLU C 252 -5.65 -28.36 -34.10
C GLU C 252 -5.14 -28.70 -32.70
N LEU C 253 -5.57 -27.96 -31.68
CA LEU C 253 -5.15 -28.21 -30.28
C LEU C 253 -5.58 -29.62 -29.85
N CYS C 254 -6.80 -30.03 -30.21
CA CYS C 254 -7.37 -31.35 -29.82
C CYS C 254 -6.58 -32.47 -30.50
N VAL C 255 -6.17 -32.28 -31.76
CA VAL C 255 -5.34 -33.26 -32.52
C VAL C 255 -3.99 -33.43 -31.80
N SER C 256 -3.35 -32.31 -31.46
CA SER C 256 -2.02 -32.29 -30.82
C SER C 256 -2.08 -32.90 -29.41
N LEU C 257 -3.19 -32.66 -28.69
CA LEU C 257 -3.43 -33.17 -27.32
C LEU C 257 -3.62 -34.70 -27.37
N THR C 258 -4.46 -35.18 -28.29
CA THR C 258 -4.61 -36.63 -28.59
C THR C 258 -3.19 -37.23 -28.72
N GLN C 259 -2.34 -36.65 -29.57
CA GLN C 259 -0.99 -37.21 -29.87
C GLN C 259 -0.10 -37.15 -28.62
N LEU C 260 -0.15 -36.05 -27.86
CA LEU C 260 0.62 -35.87 -26.60
C LEU C 260 0.25 -36.96 -25.58
N THR C 261 -1.05 -37.14 -25.32
N THR C 261 -1.05 -37.14 -25.33
CA THR C 261 -1.59 -38.11 -24.33
CA THR C 261 -1.59 -38.11 -24.34
C THR C 261 -1.25 -39.54 -24.79
C THR C 261 -1.24 -39.54 -24.79
N ASP C 262 -1.33 -39.80 -26.10
CA ASP C 262 -0.93 -41.09 -26.72
C ASP C 262 0.55 -41.37 -26.39
N ARG C 263 1.45 -40.41 -26.63
CA ARG C 263 2.90 -40.53 -26.30
C ARG C 263 3.10 -40.75 -24.79
N LEU C 264 2.40 -39.97 -23.95
CA LEU C 264 2.52 -40.02 -22.48
C LEU C 264 2.19 -41.42 -21.99
N TYR C 265 1.07 -41.99 -22.43
CA TYR C 265 0.66 -43.35 -21.99
C TYR C 265 1.81 -44.33 -22.23
N ARG C 266 2.40 -44.30 -23.42
CA ARG C 266 3.45 -45.26 -23.86
C ARG C 266 4.79 -44.99 -23.15
N THR C 267 5.01 -43.77 -22.66
CA THR C 267 6.16 -43.44 -21.77
C THR C 267 5.93 -44.06 -20.38
N MET C 268 4.71 -43.94 -19.86
N MET C 268 4.69 -44.02 -19.88
CA MET C 268 4.32 -44.39 -18.50
CA MET C 268 4.34 -44.39 -18.48
C MET C 268 4.25 -45.92 -18.47
C MET C 268 4.06 -45.89 -18.36
N TYR C 269 3.51 -46.52 -19.40
CA TYR C 269 3.11 -47.96 -19.36
C TYR C 269 3.65 -48.66 -20.60
N LYS C 270 4.62 -49.55 -20.38
CA LYS C 270 5.30 -50.35 -21.42
C LYS C 270 4.51 -51.65 -21.65
N GLU C 271 4.59 -52.20 -22.88
CA GLU C 271 3.95 -53.47 -23.29
C GLU C 271 2.51 -53.47 -22.79
N SER C 272 1.77 -52.42 -23.13
CA SER C 272 0.41 -52.16 -22.59
C SER C 272 -0.42 -51.45 -23.66
N THR C 273 -1.64 -51.92 -23.84
CA THR C 273 -2.67 -51.28 -24.71
C THR C 273 -3.59 -50.50 -23.78
N PRO C 274 -3.83 -49.19 -24.00
CA PRO C 274 -4.79 -48.46 -23.18
C PRO C 274 -6.16 -49.15 -23.30
N VAL C 275 -6.89 -49.22 -22.18
CA VAL C 275 -8.25 -49.82 -22.11
C VAL C 275 -9.18 -49.04 -23.04
N VAL C 276 -8.97 -47.74 -23.16
CA VAL C 276 -9.67 -46.84 -24.13
C VAL C 276 -8.63 -45.87 -24.68
N ASP C 277 -8.68 -45.60 -26.00
CA ASP C 277 -7.93 -44.49 -26.65
C ASP C 277 -8.65 -43.18 -26.32
N LEU C 278 -7.93 -42.18 -25.80
CA LEU C 278 -8.50 -40.84 -25.55
C LEU C 278 -8.36 -40.03 -26.84
N ILE C 279 -9.48 -39.81 -27.53
CA ILE C 279 -9.55 -38.96 -28.75
C ILE C 279 -10.27 -37.68 -28.38
N PHE C 280 -9.53 -36.57 -28.25
CA PHE C 280 -10.09 -35.26 -27.86
C PHE C 280 -10.69 -34.59 -29.11
N LYS C 281 -11.85 -33.94 -28.93
CA LYS C 281 -12.57 -33.17 -29.98
C LYS C 281 -13.16 -31.93 -29.32
N PRO C 282 -13.35 -30.82 -30.06
CA PRO C 282 -14.10 -29.69 -29.50
C PRO C 282 -15.53 -30.11 -29.19
N ALA C 283 -16.10 -29.64 -28.08
CA ALA C 283 -17.55 -29.79 -27.79
C ALA C 283 -18.34 -29.18 -28.96
N GLU C 284 -19.46 -29.79 -29.32
CA GLU C 284 -20.36 -29.31 -30.39
C GLU C 284 -21.00 -27.99 -29.94
N ASN C 285 -21.24 -27.82 -28.63
CA ASN C 285 -21.83 -26.57 -28.07
C ASN C 285 -20.91 -26.05 -26.93
N LYS C 286 -20.18 -24.97 -27.20
CA LYS C 286 -19.20 -24.37 -26.28
C LYS C 286 -19.92 -23.68 -25.12
N PHE C 287 -21.13 -23.17 -25.32
CA PHE C 287 -21.99 -22.56 -24.28
C PHE C 287 -22.30 -23.60 -23.19
N ALA C 288 -22.77 -24.79 -23.57
CA ALA C 288 -23.04 -25.89 -22.62
C ALA C 288 -21.73 -26.36 -21.96
N ALA C 289 -20.59 -26.26 -22.65
CA ALA C 289 -19.27 -26.73 -22.17
C ALA C 289 -18.75 -25.80 -21.06
N LEU C 290 -19.23 -24.56 -20.98
CA LEU C 290 -18.83 -23.57 -19.94
C LEU C 290 -19.87 -23.51 -18.82
N ALA C 291 -21.16 -23.58 -19.18
CA ALA C 291 -22.31 -23.28 -18.30
C ALA C 291 -22.67 -24.52 -17.48
N GLY C 292 -22.21 -25.70 -17.88
CA GLY C 292 -22.51 -26.97 -17.19
C GLY C 292 -21.38 -27.97 -17.31
N HIS C 293 -21.44 -29.05 -16.51
CA HIS C 293 -20.48 -30.18 -16.50
C HIS C 293 -21.24 -31.50 -16.59
N ASP C 294 -22.23 -31.56 -17.49
CA ASP C 294 -23.16 -32.71 -17.64
C ASP C 294 -22.37 -34.01 -17.87
N ALA C 295 -21.36 -33.98 -18.74
CA ALA C 295 -20.57 -35.18 -19.14
C ALA C 295 -19.79 -35.69 -17.92
N LEU C 296 -19.13 -34.80 -17.16
CA LEU C 296 -18.47 -35.21 -15.88
C LEU C 296 -19.50 -35.72 -14.86
N LEU C 297 -20.66 -35.08 -14.73
CA LEU C 297 -21.70 -35.56 -13.76
C LEU C 297 -22.23 -36.94 -14.18
N GLN C 298 -22.34 -37.22 -15.47
CA GLN C 298 -22.67 -38.59 -15.98
C GLN C 298 -21.58 -39.60 -15.57
N LEU C 299 -20.32 -39.19 -15.57
CA LEU C 299 -19.19 -40.08 -15.18
C LEU C 299 -19.21 -40.27 -13.67
N SER C 300 -19.50 -39.20 -12.92
CA SER C 300 -19.74 -39.21 -11.45
C SER C 300 -20.81 -40.27 -11.12
N GLY C 301 -21.88 -40.31 -11.92
CA GLY C 301 -22.99 -41.28 -11.82
C GLY C 301 -22.53 -42.72 -11.99
N CYS C 302 -21.62 -42.93 -12.95
CA CYS C 302 -21.00 -44.24 -13.25
C CYS C 302 -20.21 -44.68 -12.01
N PHE C 303 -19.46 -43.77 -11.41
CA PHE C 303 -18.62 -44.05 -10.21
C PHE C 303 -19.53 -44.33 -9.01
N ASN C 304 -20.63 -43.60 -8.87
CA ASN C 304 -21.70 -43.80 -7.83
C ASN C 304 -22.26 -45.22 -7.91
N THR C 305 -22.64 -45.66 -9.11
CA THR C 305 -23.14 -47.05 -9.34
C THR C 305 -22.01 -48.05 -9.01
N THR C 306 -20.76 -47.76 -9.36
CA THR C 306 -19.60 -48.67 -9.07
C THR C 306 -19.47 -48.84 -7.55
N ALA C 307 -19.54 -47.73 -6.81
CA ALA C 307 -19.50 -47.69 -5.34
C ALA C 307 -20.62 -48.56 -4.76
N THR C 308 -21.82 -48.51 -5.31
CA THR C 308 -22.98 -49.31 -4.77
C THR C 308 -22.71 -50.80 -4.98
N ALA C 309 -22.03 -51.17 -6.06
CA ALA C 309 -21.72 -52.58 -6.38
C ALA C 309 -20.63 -53.06 -5.43
N LEU C 310 -19.57 -52.27 -5.28
CA LEU C 310 -18.44 -52.53 -4.35
C LEU C 310 -18.95 -52.63 -2.90
N MET C 311 -19.97 -51.86 -2.53
CA MET C 311 -20.59 -51.90 -1.18
C MET C 311 -21.18 -53.28 -0.89
N ARG C 312 -21.95 -53.85 -1.83
CA ARG C 312 -22.49 -55.22 -1.64
C ARG C 312 -21.34 -56.24 -1.58
N LEU C 313 -20.27 -56.07 -2.36
CA LEU C 313 -19.10 -57.00 -2.34
C LEU C 313 -18.46 -56.99 -0.94
N SER C 314 -18.27 -55.80 -0.36
N SER C 314 -18.26 -55.81 -0.36
CA SER C 314 -17.74 -55.57 1.00
CA SER C 314 -17.73 -55.62 1.02
C SER C 314 -18.66 -56.22 2.05
C SER C 314 -18.68 -56.27 2.04
N ASN C 315 -19.94 -55.83 2.06
CA ASN C 315 -20.91 -56.24 3.10
C ASN C 315 -21.10 -57.77 3.03
N ASP C 316 -21.10 -58.34 1.82
CA ASP C 316 -21.32 -59.79 1.62
C ASP C 316 -20.11 -60.58 2.15
N PHE C 317 -18.89 -60.10 1.90
CA PHE C 317 -17.63 -60.75 2.34
C PHE C 317 -17.51 -60.66 3.87
N CYS C 318 -17.93 -59.53 4.46
CA CYS C 318 -17.99 -59.32 5.93
C CYS C 318 -19.00 -60.31 6.53
N LEU C 319 -20.20 -60.34 5.99
CA LEU C 319 -21.29 -61.25 6.46
C LEU C 319 -20.80 -62.70 6.39
N LEU C 320 -20.28 -63.13 5.24
CA LEU C 320 -20.01 -64.57 4.98
C LEU C 320 -18.80 -65.02 5.82
N SER C 321 -17.91 -64.09 6.22
CA SER C 321 -16.69 -64.37 7.03
C SER C 321 -16.96 -64.15 8.53
N SER C 322 -18.19 -63.82 8.91
CA SER C 322 -18.58 -63.60 10.32
C SER C 322 -18.36 -64.90 11.10
N GLY C 323 -17.94 -64.77 12.36
CA GLY C 323 -17.56 -65.91 13.22
C GLY C 323 -16.34 -65.55 14.04
N PRO C 324 -15.37 -66.47 14.27
CA PRO C 324 -15.34 -67.78 13.61
C PRO C 324 -16.32 -68.85 14.12
N ASN C 325 -16.90 -68.68 15.31
CA ASN C 325 -17.73 -69.73 15.96
C ASN C 325 -19.20 -69.30 16.10
N CYS C 326 -19.53 -68.00 16.08
CA CYS C 326 -20.91 -67.51 16.35
C CYS C 326 -21.49 -66.74 15.15
N GLY C 327 -21.02 -67.03 13.93
CA GLY C 327 -21.50 -66.38 12.69
C GLY C 327 -21.73 -67.37 11.57
N LEU C 328 -21.89 -66.88 10.33
CA LEU C 328 -22.12 -67.72 9.13
C LEU C 328 -20.88 -68.59 8.86
N SER C 329 -19.68 -67.99 8.85
CA SER C 329 -18.38 -68.69 8.76
C SER C 329 -18.25 -69.51 7.47
N GLU C 330 -18.73 -68.99 6.32
CA GLU C 330 -18.56 -69.65 4.99
C GLU C 330 -17.21 -69.27 4.38
N PHE C 331 -16.80 -68.00 4.51
CA PHE C 331 -15.58 -67.44 3.90
C PHE C 331 -14.50 -67.29 4.97
N VAL C 332 -13.27 -67.61 4.61
CA VAL C 332 -12.05 -67.33 5.42
C VAL C 332 -11.26 -66.28 4.65
N LEU C 333 -11.20 -65.06 5.18
CA LEU C 333 -10.46 -63.94 4.55
C LEU C 333 -9.03 -64.03 5.03
N PRO C 334 -8.03 -63.71 4.17
CA PRO C 334 -6.65 -63.63 4.62
C PRO C 334 -6.59 -62.73 5.87
N ALA C 335 -5.83 -63.17 6.87
CA ALA C 335 -5.51 -62.43 8.11
C ALA C 335 -4.21 -61.66 7.88
N ASN C 336 -4.30 -60.35 7.63
CA ASN C 336 -3.15 -59.50 7.26
C ASN C 336 -2.53 -58.83 8.49
N GLU C 337 -3.21 -58.87 9.63
CA GLU C 337 -2.74 -58.25 10.90
C GLU C 337 -3.35 -58.94 12.12
N PRO C 338 -2.70 -58.86 13.30
CA PRO C 338 -3.25 -59.36 14.56
C PRO C 338 -4.73 -59.08 14.86
N GLY C 339 -5.16 -57.81 14.97
CA GLY C 339 -6.58 -57.41 14.74
C GLY C 339 -7.29 -56.68 15.88
N SER C 340 -6.85 -56.81 17.15
CA SER C 340 -7.53 -56.20 18.32
C SER C 340 -6.52 -55.80 19.42
N SER C 341 -6.89 -54.84 20.27
CA SER C 341 -6.04 -54.21 21.33
C SER C 341 -6.32 -54.80 22.72
N ILE C 342 -7.38 -55.62 22.85
CA ILE C 342 -7.94 -56.09 24.16
C ILE C 342 -8.42 -57.55 24.03
N MET C 343 -8.86 -57.96 22.84
CA MET C 343 -9.35 -59.34 22.54
C MET C 343 -8.28 -60.06 21.70
N PRO C 344 -7.28 -60.70 22.34
CA PRO C 344 -6.13 -61.25 21.63
C PRO C 344 -6.47 -62.46 20.74
N GLY C 345 -5.91 -62.52 19.54
CA GLY C 345 -6.20 -63.55 18.53
C GLY C 345 -7.45 -63.26 17.69
N LYS C 346 -8.15 -62.14 17.94
CA LYS C 346 -9.33 -61.73 17.15
C LYS C 346 -8.86 -61.06 15.86
N VAL C 347 -9.19 -61.63 14.70
CA VAL C 347 -8.88 -61.03 13.37
C VAL C 347 -10.19 -60.53 12.76
N ASN C 348 -10.18 -59.30 12.28
CA ASN C 348 -11.37 -58.58 11.76
C ASN C 348 -11.29 -58.49 10.24
N PRO C 349 -12.44 -58.43 9.52
CA PRO C 349 -12.46 -58.20 8.08
C PRO C 349 -12.16 -56.74 7.72
N THR C 350 -10.92 -56.29 7.97
CA THR C 350 -10.51 -54.87 7.86
C THR C 350 -10.52 -54.41 6.39
N GLN C 351 -10.21 -55.29 5.42
CA GLN C 351 -10.23 -54.92 3.97
C GLN C 351 -11.66 -54.58 3.55
N CYS C 352 -12.67 -55.31 4.04
CA CYS C 352 -14.11 -55.04 3.85
C CYS C 352 -14.47 -53.66 4.41
N GLU C 353 -14.05 -53.35 5.63
CA GLU C 353 -14.40 -52.09 6.31
C GLU C 353 -13.80 -50.91 5.54
N SER C 354 -12.54 -51.01 5.14
CA SER C 354 -11.83 -49.99 4.31
C SER C 354 -12.65 -49.70 3.05
N LEU C 355 -12.97 -50.75 2.28
CA LEU C 355 -13.69 -50.62 0.99
C LEU C 355 -15.08 -50.01 1.22
N ARG C 356 -15.79 -50.45 2.26
CA ARG C 356 -17.14 -49.94 2.59
C ARG C 356 -17.07 -48.44 2.89
N MET C 357 -16.10 -48.00 3.70
CA MET C 357 -15.96 -46.55 4.02
C MET C 357 -15.65 -45.78 2.72
N VAL C 358 -14.73 -46.30 1.90
CA VAL C 358 -14.37 -45.69 0.58
C VAL C 358 -15.65 -45.54 -0.27
N CYS C 359 -16.51 -46.56 -0.33
CA CYS C 359 -17.74 -46.54 -1.15
C CYS C 359 -18.68 -45.45 -0.63
N LEU C 360 -18.83 -45.29 0.68
CA LEU C 360 -19.67 -44.22 1.26
C LEU C 360 -19.09 -42.86 0.86
N GLN C 361 -17.76 -42.69 0.93
CA GLN C 361 -17.10 -41.44 0.51
C GLN C 361 -17.36 -41.17 -0.98
N ILE C 362 -17.28 -42.18 -1.84
CA ILE C 362 -17.52 -42.00 -3.30
C ILE C 362 -18.96 -41.54 -3.53
N MET C 363 -19.92 -42.13 -2.81
CA MET C 363 -21.36 -41.78 -2.96
C MET C 363 -21.55 -40.32 -2.52
N GLY C 364 -20.91 -39.94 -1.42
CA GLY C 364 -20.94 -38.58 -0.87
C GLY C 364 -20.35 -37.61 -1.86
N ASN C 365 -19.22 -37.98 -2.44
CA ASN C 365 -18.53 -37.21 -3.51
C ASN C 365 -19.50 -36.98 -4.67
N HIS C 366 -20.26 -38.02 -5.08
CA HIS C 366 -21.29 -37.95 -6.15
C HIS C 366 -22.42 -36.99 -5.75
N PHE C 367 -22.91 -37.04 -4.52
CA PHE C 367 -23.94 -36.10 -4.01
C PHE C 367 -23.40 -34.66 -4.08
N THR C 368 -22.18 -34.43 -3.60
CA THR C 368 -21.52 -33.09 -3.64
C THR C 368 -21.42 -32.61 -5.10
N THR C 369 -20.91 -33.45 -6.02
CA THR C 369 -20.74 -33.11 -7.46
C THR C 369 -22.10 -32.79 -8.09
N SER C 370 -23.14 -33.59 -7.78
CA SER C 370 -24.52 -33.36 -8.24
C SER C 370 -24.98 -31.95 -7.84
N MET C 371 -24.77 -31.58 -6.57
CA MET C 371 -25.26 -30.28 -6.05
C MET C 371 -24.51 -29.15 -6.77
N ALA C 372 -23.18 -29.29 -6.93
CA ALA C 372 -22.33 -28.29 -7.62
C ALA C 372 -22.78 -28.12 -9.09
N ALA C 373 -23.09 -29.22 -9.79
CA ALA C 373 -23.48 -29.23 -11.21
C ALA C 373 -24.82 -28.51 -11.41
N SER C 374 -25.69 -28.51 -10.39
CA SER C 374 -27.04 -27.89 -10.39
C SER C 374 -26.99 -26.36 -10.26
N GLN C 375 -25.86 -25.78 -9.85
CA GLN C 375 -25.72 -24.34 -9.45
C GLN C 375 -25.16 -23.48 -10.61
N GLY C 376 -25.39 -23.87 -11.86
CA GLY C 376 -25.08 -23.02 -13.03
C GLY C 376 -25.77 -21.67 -12.93
N GLN C 377 -25.09 -20.58 -13.27
CA GLN C 377 -25.71 -19.22 -13.40
C GLN C 377 -25.29 -18.63 -14.74
N LEU C 378 -26.25 -18.49 -15.65
CA LEU C 378 -26.03 -17.93 -17.00
C LEU C 378 -24.82 -18.63 -17.65
N GLU C 379 -23.80 -17.90 -18.10
CA GLU C 379 -22.78 -18.41 -19.05
C GLU C 379 -21.71 -19.29 -18.37
N LEU C 380 -21.64 -19.36 -17.05
CA LEU C 380 -20.50 -20.08 -16.41
C LEU C 380 -20.93 -20.74 -15.09
N ASN C 381 -20.70 -22.06 -14.99
CA ASN C 381 -20.74 -22.78 -13.68
C ASN C 381 -19.48 -22.37 -12.92
N VAL C 382 -19.64 -21.78 -11.73
CA VAL C 382 -18.49 -21.33 -10.90
C VAL C 382 -18.41 -22.20 -9.65
N CYS C 383 -18.54 -23.52 -9.82
CA CYS C 383 -18.20 -24.54 -8.78
C CYS C 383 -17.17 -25.51 -9.34
N LYS C 384 -16.32 -25.07 -10.28
CA LYS C 384 -15.45 -25.97 -11.08
C LYS C 384 -14.41 -26.67 -10.19
N PRO C 385 -13.66 -25.96 -9.32
CA PRO C 385 -12.65 -26.63 -8.51
C PRO C 385 -13.22 -27.76 -7.60
N LEU C 386 -14.37 -27.52 -7.00
CA LEU C 386 -15.15 -28.49 -6.17
C LEU C 386 -15.50 -29.73 -6.99
N ILE C 387 -16.03 -29.55 -8.20
CA ILE C 387 -16.36 -30.68 -9.11
C ILE C 387 -15.08 -31.45 -9.44
N ALA C 388 -14.00 -30.75 -9.82
CA ALA C 388 -12.70 -31.38 -10.16
C ALA C 388 -12.17 -32.16 -8.95
N ALA C 389 -12.17 -31.53 -7.76
CA ALA C 389 -11.58 -32.11 -6.53
C ALA C 389 -12.33 -33.40 -6.19
N ASN C 390 -13.66 -33.35 -6.19
CA ASN C 390 -14.50 -34.53 -5.83
C ASN C 390 -14.22 -35.65 -6.83
N LEU C 391 -14.26 -35.36 -8.12
CA LEU C 391 -14.13 -36.40 -9.18
C LEU C 391 -12.74 -37.04 -9.13
N LEU C 392 -11.67 -36.23 -9.00
CA LEU C 392 -10.29 -36.75 -8.93
C LEU C 392 -10.09 -37.53 -7.63
N HIS C 393 -10.72 -37.12 -6.53
CA HIS C 393 -10.60 -37.85 -5.25
C HIS C 393 -11.25 -39.23 -5.44
N THR C 394 -12.41 -39.28 -6.07
CA THR C 394 -13.11 -40.55 -6.38
C THR C 394 -12.22 -41.43 -7.28
N CYS C 395 -11.51 -40.86 -8.26
CA CYS C 395 -10.63 -41.62 -9.18
C CYS C 395 -9.53 -42.28 -8.34
N GLU C 396 -8.90 -41.55 -7.43
CA GLU C 396 -7.79 -42.12 -6.62
C GLU C 396 -8.35 -43.20 -5.68
N LEU C 397 -9.47 -42.93 -5.00
CA LEU C 397 -10.13 -43.90 -4.09
C LEU C 397 -10.47 -45.18 -4.87
N LEU C 398 -11.16 -45.08 -6.00
CA LEU C 398 -11.51 -46.28 -6.82
C LEU C 398 -10.25 -47.05 -7.20
N THR C 399 -9.22 -46.34 -7.67
CA THR C 399 -7.95 -46.91 -8.16
C THR C 399 -7.27 -47.72 -7.04
N ASP C 400 -7.11 -47.11 -5.86
CA ASP C 400 -6.27 -47.66 -4.76
C ASP C 400 -7.04 -48.74 -4.01
N SER C 401 -8.31 -48.49 -3.69
CA SER C 401 -9.16 -49.34 -2.81
C SER C 401 -9.54 -50.66 -3.51
N THR C 402 -9.84 -50.64 -4.81
CA THR C 402 -10.27 -51.89 -5.52
C THR C 402 -9.06 -52.82 -5.63
N ARG C 403 -7.87 -52.24 -5.83
CA ARG C 403 -6.60 -52.98 -5.95
C ARG C 403 -6.21 -53.54 -4.58
N CYS C 404 -6.36 -52.72 -3.54
CA CYS C 404 -6.13 -53.11 -2.12
C CYS C 404 -7.01 -54.32 -1.80
N PHE C 405 -8.32 -54.24 -2.08
CA PHE C 405 -9.30 -55.31 -1.77
C PHE C 405 -8.98 -56.56 -2.58
N ALA C 406 -8.59 -56.40 -3.85
CA ALA C 406 -8.26 -57.51 -4.78
C ALA C 406 -7.09 -58.31 -4.22
N ASP C 407 -6.02 -57.60 -3.83
CA ASP C 407 -4.72 -58.21 -3.49
C ASP C 407 -4.71 -58.66 -2.02
N LYS C 408 -5.40 -57.96 -1.11
CA LYS C 408 -5.29 -58.20 0.36
C LYS C 408 -6.49 -58.98 0.91
N CYS C 409 -7.48 -59.30 0.07
CA CYS C 409 -8.70 -60.06 0.51
C CYS C 409 -9.01 -61.16 -0.50
N VAL C 410 -9.41 -60.82 -1.74
CA VAL C 410 -10.00 -61.78 -2.71
C VAL C 410 -8.94 -62.82 -3.13
N ARG C 411 -7.73 -62.40 -3.48
CA ARG C 411 -6.68 -63.28 -4.06
C ARG C 411 -6.54 -64.57 -3.23
N ASP C 412 -6.58 -64.45 -1.90
CA ASP C 412 -6.27 -65.58 -0.97
C ASP C 412 -7.53 -65.97 -0.18
N LEU C 413 -8.72 -65.61 -0.68
CA LEU C 413 -10.03 -66.07 -0.16
C LEU C 413 -10.03 -67.61 -0.14
N GLN C 414 -10.40 -68.19 1.00
CA GLN C 414 -10.59 -69.66 1.13
C GLN C 414 -11.98 -69.90 1.74
N LEU C 415 -12.43 -71.15 1.77
CA LEU C 415 -13.79 -71.50 2.25
C LEU C 415 -13.68 -72.38 3.49
N ASN C 416 -14.67 -72.29 4.38
CA ASN C 416 -14.93 -73.30 5.44
C ASN C 416 -15.89 -74.34 4.85
N ARG C 417 -15.34 -75.33 4.16
CA ARG C 417 -16.16 -76.27 3.34
C ARG C 417 -17.04 -77.10 4.27
N GLU C 418 -16.59 -77.36 5.49
CA GLU C 418 -17.36 -78.13 6.50
C GLU C 418 -18.66 -77.39 6.81
N LYS C 419 -18.56 -76.11 7.17
CA LYS C 419 -19.71 -75.25 7.58
C LYS C 419 -20.67 -75.13 6.39
N ILE C 420 -20.14 -74.89 5.18
CA ILE C 420 -20.95 -74.72 3.95
C ILE C 420 -21.78 -75.98 3.72
N GLN C 421 -21.18 -77.17 3.84
CA GLN C 421 -21.89 -78.45 3.59
C GLN C 421 -22.96 -78.67 4.68
N GLU C 422 -22.67 -78.30 5.93
CA GLU C 422 -23.67 -78.33 7.04
C GLU C 422 -24.94 -77.59 6.58
N TYR C 423 -24.79 -76.39 6.01
CA TYR C 423 -25.92 -75.51 5.60
C TYR C 423 -26.74 -76.21 4.49
N VAL C 424 -26.07 -76.84 3.52
CA VAL C 424 -26.78 -77.52 2.40
C VAL C 424 -27.67 -78.63 2.96
N ASP C 425 -27.17 -79.42 3.91
CA ASP C 425 -27.88 -80.57 4.51
C ASP C 425 -29.13 -80.07 5.27
N LYS C 426 -29.04 -78.91 5.93
CA LYS C 426 -30.03 -78.46 6.95
C LYS C 426 -31.09 -77.53 6.36
N SER C 427 -30.83 -76.83 5.24
CA SER C 427 -31.83 -75.93 4.64
C SER C 427 -33.10 -76.74 4.38
N LEU C 428 -34.24 -76.27 4.89
CA LEU C 428 -35.56 -76.92 4.70
C LEU C 428 -36.17 -76.45 3.38
N MET C 429 -35.61 -75.41 2.75
CA MET C 429 -36.17 -74.85 1.48
C MET C 429 -35.77 -75.70 0.28
N LEU C 430 -35.00 -76.78 0.50
CA LEU C 430 -34.82 -77.89 -0.47
C LEU C 430 -36.19 -78.42 -0.92
N VAL C 431 -37.23 -78.23 -0.09
CA VAL C 431 -38.65 -78.60 -0.37
C VAL C 431 -39.16 -77.91 -1.65
N THR C 432 -38.54 -76.78 -2.05
CA THR C 432 -38.92 -75.97 -3.24
C THR C 432 -39.02 -76.88 -4.47
N VAL C 433 -38.11 -77.84 -4.59
CA VAL C 433 -38.01 -78.78 -5.76
C VAL C 433 -39.23 -79.72 -5.80
N LEU C 434 -39.95 -79.93 -4.69
CA LEU C 434 -41.11 -80.87 -4.60
C LEU C 434 -42.42 -80.20 -5.03
N THR C 435 -42.43 -78.87 -5.22
CA THR C 435 -43.66 -78.05 -5.48
C THR C 435 -44.36 -78.49 -6.78
N PRO C 436 -43.63 -78.77 -7.89
CA PRO C 436 -44.27 -79.27 -9.12
C PRO C 436 -44.86 -80.70 -9.05
N HIS C 437 -44.65 -81.42 -7.95
CA HIS C 437 -45.14 -82.83 -7.74
C HIS C 437 -46.35 -82.85 -6.79
N ILE C 438 -46.29 -82.17 -5.64
CA ILE C 438 -47.33 -82.21 -4.57
C ILE C 438 -48.06 -80.86 -4.45
N GLY C 439 -47.54 -79.79 -5.07
CA GLY C 439 -48.15 -78.44 -5.05
C GLY C 439 -47.55 -77.57 -3.95
N TYR C 440 -47.73 -76.25 -4.05
CA TYR C 440 -47.19 -75.25 -3.10
C TYR C 440 -47.81 -75.47 -1.71
N ASP C 441 -49.13 -75.70 -1.66
CA ASP C 441 -49.95 -75.83 -0.41
C ASP C 441 -49.44 -77.00 0.43
N LEU C 442 -49.31 -78.19 -0.16
CA LEU C 442 -48.89 -79.43 0.54
C LEU C 442 -47.38 -79.40 0.81
N SER C 443 -46.59 -78.66 0.02
CA SER C 443 -45.14 -78.40 0.27
C SER C 443 -44.98 -77.54 1.54
N ALA C 444 -45.88 -76.56 1.75
CA ALA C 444 -45.91 -75.66 2.93
C ALA C 444 -46.22 -76.47 4.20
N LYS C 445 -47.30 -77.26 4.18
CA LYS C 445 -47.71 -78.17 5.30
C LYS C 445 -46.51 -79.04 5.72
N LEU C 446 -45.73 -79.53 4.76
CA LEU C 446 -44.58 -80.47 4.97
C LEU C 446 -43.47 -79.78 5.79
N VAL C 447 -42.96 -78.63 5.34
CA VAL C 447 -41.81 -77.91 5.95
C VAL C 447 -42.22 -77.36 7.34
N GLN C 448 -43.50 -77.00 7.52
CA GLN C 448 -44.09 -76.58 8.82
C GLN C 448 -44.01 -77.72 9.84
N HIS C 449 -44.25 -78.96 9.40
CA HIS C 449 -44.16 -80.20 10.23
C HIS C 449 -42.69 -80.49 10.59
N ALA C 450 -41.79 -80.38 9.61
CA ALA C 450 -40.32 -80.57 9.75
C ALA C 450 -39.75 -79.56 10.76
N SER C 451 -40.23 -78.31 10.72
CA SER C 451 -39.77 -77.19 11.59
C SER C 451 -40.24 -77.41 13.03
N LYS C 452 -41.54 -77.73 13.21
CA LYS C 452 -42.24 -77.76 14.53
C LYS C 452 -42.15 -79.16 15.18
N PHE C 453 -41.39 -80.09 14.59
CA PHE C 453 -41.08 -81.42 15.19
C PHE C 453 -39.57 -81.69 15.14
N LYS C 454 -38.75 -80.63 15.01
CA LYS C 454 -37.27 -80.66 14.93
C LYS C 454 -36.80 -81.80 14.02
N LYS C 455 -37.58 -82.13 12.98
CA LYS C 455 -37.40 -83.32 12.11
C LYS C 455 -36.91 -82.89 10.72
N GLY C 456 -36.18 -83.77 10.03
CA GLY C 456 -35.70 -83.56 8.64
C GLY C 456 -36.85 -83.62 7.65
N LEU C 457 -36.58 -83.29 6.38
CA LEU C 457 -37.60 -83.18 5.31
C LEU C 457 -38.14 -84.57 4.94
N ARG C 458 -37.26 -85.56 4.75
CA ARG C 458 -37.59 -86.95 4.31
C ARG C 458 -38.51 -87.63 5.33
N GLU C 459 -38.17 -87.54 6.62
CA GLU C 459 -38.95 -88.12 7.75
C GLU C 459 -40.36 -87.48 7.79
N SER C 460 -40.47 -86.19 7.47
CA SER C 460 -41.71 -85.37 7.55
C SER C 460 -42.66 -85.70 6.38
N ALA C 461 -42.11 -86.02 5.21
CA ALA C 461 -42.86 -86.34 3.96
C ALA C 461 -43.40 -87.77 4.01
N ILE C 462 -42.72 -88.66 4.75
CA ILE C 462 -43.16 -90.07 5.03
C ILE C 462 -44.23 -90.03 6.13
N GLU C 463 -43.91 -89.48 7.30
CA GLU C 463 -44.81 -89.38 8.48
C GLU C 463 -46.10 -88.62 8.11
N LEU C 464 -46.04 -87.68 7.15
CA LEU C 464 -47.20 -86.93 6.60
C LEU C 464 -47.80 -87.70 5.40
N ASN C 465 -46.97 -88.49 4.71
CA ASN C 465 -47.37 -89.44 3.61
C ASN C 465 -47.46 -88.69 2.28
N LEU C 466 -46.65 -87.65 2.08
CA LEU C 466 -46.72 -86.70 0.93
C LEU C 466 -45.92 -87.25 -0.27
N LEU C 467 -44.76 -87.84 -0.01
CA LEU C 467 -43.90 -88.49 -1.03
C LEU C 467 -43.12 -89.64 -0.36
N CYS C 468 -43.01 -90.78 -1.04
CA CYS C 468 -42.24 -91.97 -0.58
C CYS C 468 -40.75 -91.62 -0.50
N GLY C 469 -40.00 -92.37 0.31
CA GLY C 469 -38.56 -92.15 0.58
C GLY C 469 -37.69 -92.36 -0.66
N GLU C 470 -38.17 -93.13 -1.65
CA GLU C 470 -37.46 -93.43 -2.92
C GLU C 470 -37.68 -92.28 -3.92
N LYS C 471 -38.92 -91.78 -4.04
CA LYS C 471 -39.32 -90.65 -4.94
C LYS C 471 -38.58 -89.36 -4.52
N PHE C 472 -38.41 -89.15 -3.21
CA PHE C 472 -37.70 -88.00 -2.59
C PHE C 472 -36.21 -88.01 -2.98
N ASP C 473 -35.55 -89.17 -2.87
CA ASP C 473 -34.11 -89.36 -3.23
C ASP C 473 -33.89 -89.01 -4.71
N GLU C 474 -34.93 -89.10 -5.54
CA GLU C 474 -34.89 -88.76 -6.99
C GLU C 474 -34.84 -87.24 -7.17
N ILE C 475 -35.70 -86.50 -6.46
CA ILE C 475 -36.01 -85.06 -6.72
C ILE C 475 -35.17 -84.13 -5.83
N VAL C 476 -34.22 -84.63 -5.02
CA VAL C 476 -33.48 -83.84 -4.00
C VAL C 476 -31.96 -84.05 -4.12
N LYS C 477 -31.33 -83.43 -5.14
CA LYS C 477 -29.86 -83.46 -5.39
C LYS C 477 -29.30 -82.03 -5.39
N PRO C 478 -28.61 -81.57 -4.32
CA PRO C 478 -28.10 -80.20 -4.24
C PRO C 478 -27.28 -79.66 -5.43
N MET C 479 -26.38 -80.48 -6.02
CA MET C 479 -25.56 -80.06 -7.18
C MET C 479 -26.47 -79.82 -8.40
N GLU C 480 -27.48 -80.70 -8.58
CA GLU C 480 -28.48 -80.60 -9.68
C GLU C 480 -29.39 -79.38 -9.44
N MET C 481 -29.58 -78.98 -8.19
CA MET C 481 -30.47 -77.84 -7.83
C MET C 481 -29.80 -76.50 -8.18
N ALA C 482 -28.49 -76.38 -8.04
CA ALA C 482 -27.70 -75.17 -8.38
C ALA C 482 -27.56 -75.01 -9.90
N PHE C 483 -27.52 -76.12 -10.65
CA PHE C 483 -27.40 -76.15 -12.14
C PHE C 483 -28.52 -77.00 -12.72
N PRO C 484 -29.79 -76.58 -12.64
CA PRO C 484 -30.90 -77.39 -13.12
C PRO C 484 -30.99 -77.46 -14.65
N HIS C 485 -30.15 -76.70 -15.38
CA HIS C 485 -29.98 -76.76 -16.85
C HIS C 485 -31.32 -76.48 -17.54
N LEU D 9 -17.84 19.76 -2.41
CA LEU D 9 -17.76 21.17 -2.91
C LEU D 9 -18.98 21.98 -2.43
N ARG D 10 -18.79 23.27 -2.16
CA ARG D 10 -19.83 24.22 -1.70
C ARG D 10 -19.78 25.50 -2.55
N VAL D 11 -20.91 26.19 -2.69
CA VAL D 11 -21.05 27.43 -3.50
C VAL D 11 -21.01 28.63 -2.55
N VAL D 12 -20.01 29.50 -2.71
CA VAL D 12 -19.84 30.75 -1.92
C VAL D 12 -19.96 31.95 -2.88
N GLU D 13 -20.18 33.15 -2.34
CA GLU D 13 -20.50 34.37 -3.12
C GLU D 13 -19.73 35.58 -2.58
N ASP D 14 -19.28 36.46 -3.47
CA ASP D 14 -18.82 37.84 -3.15
C ASP D 14 -19.51 38.82 -4.12
N SER D 15 -19.16 40.12 -4.02
CA SER D 15 -19.75 41.22 -4.81
C SER D 15 -19.51 41.03 -6.31
N LEU D 16 -18.67 40.06 -6.72
CA LEU D 16 -18.37 39.76 -8.14
C LEU D 16 -19.22 38.59 -8.66
N GLY D 17 -19.50 37.57 -7.84
CA GLY D 17 -20.28 36.39 -8.26
C GLY D 17 -20.06 35.18 -7.36
N LYS D 18 -20.51 34.01 -7.82
CA LYS D 18 -20.46 32.71 -7.09
C LYS D 18 -19.26 31.90 -7.57
N ILE D 19 -18.78 30.95 -6.74
CA ILE D 19 -17.56 30.11 -6.98
C ILE D 19 -17.57 28.91 -6.03
N ASN D 20 -16.81 27.85 -6.38
CA ASN D 20 -16.72 26.56 -5.63
C ASN D 20 -15.52 26.57 -4.67
N VAL D 21 -15.71 26.01 -3.46
CA VAL D 21 -14.64 25.67 -2.48
C VAL D 21 -14.89 24.25 -1.98
N PRO D 22 -13.86 23.50 -1.51
CA PRO D 22 -14.09 22.21 -0.88
C PRO D 22 -15.04 22.34 0.33
N LEU D 23 -16.02 21.44 0.46
CA LEU D 23 -17.12 21.53 1.44
C LEU D 23 -16.56 21.72 2.86
N GLU D 24 -15.43 21.08 3.17
CA GLU D 24 -14.86 20.97 4.55
C GLU D 24 -13.89 22.13 4.87
N ARG D 25 -13.64 23.05 3.94
CA ARG D 25 -12.80 24.26 4.20
C ARG D 25 -13.68 25.36 4.79
N TYR D 26 -13.08 26.26 5.56
CA TYR D 26 -13.80 27.39 6.23
C TYR D 26 -13.63 28.66 5.40
N TYR D 27 -12.67 28.67 4.47
CA TYR D 27 -12.40 29.88 3.64
C TYR D 27 -13.50 30.03 2.56
N GLY D 28 -13.64 31.24 2.03
CA GLY D 28 -14.79 31.65 1.20
C GLY D 28 -14.39 32.08 -0.21
N ALA D 29 -15.19 32.98 -0.79
CA ALA D 29 -15.19 33.31 -2.24
C ALA D 29 -13.88 34.01 -2.59
N GLN D 30 -13.47 34.99 -1.77
CA GLN D 30 -12.26 35.81 -2.04
C GLN D 30 -11.03 34.91 -1.93
N THR D 31 -11.02 33.96 -1.00
CA THR D 31 -9.87 33.02 -0.85
C THR D 31 -9.79 32.14 -2.10
N ALA D 32 -10.93 31.59 -2.55
CA ALA D 32 -11.07 30.74 -3.74
C ALA D 32 -10.53 31.48 -4.97
N ARG D 33 -10.90 32.75 -5.13
CA ARG D 33 -10.49 33.57 -6.29
C ARG D 33 -8.98 33.82 -6.26
N SER D 34 -8.46 34.24 -5.10
CA SER D 34 -7.02 34.53 -4.88
C SER D 34 -6.19 33.28 -5.21
N LEU D 35 -6.67 32.11 -4.76
CA LEU D 35 -6.01 30.80 -4.96
C LEU D 35 -5.79 30.57 -6.46
N GLY D 36 -6.79 30.87 -7.30
CA GLY D 36 -6.75 30.64 -8.77
C GLY D 36 -6.03 31.76 -9.51
N ASN D 37 -6.09 32.98 -8.96
CA ASN D 37 -5.66 34.25 -9.63
C ASN D 37 -4.16 34.46 -9.45
N PHE D 38 -3.54 33.89 -8.41
CA PHE D 38 -2.12 34.09 -8.08
C PHE D 38 -1.45 32.73 -7.89
N ASN D 39 -1.42 31.96 -8.97
CA ASN D 39 -0.72 30.66 -9.08
C ASN D 39 0.78 30.91 -9.31
N VAL D 40 1.46 31.41 -8.27
CA VAL D 40 2.91 31.80 -8.33
C VAL D 40 3.65 31.13 -7.17
N CYS D 41 4.40 30.07 -7.45
CA CYS D 41 5.20 29.31 -6.46
C CYS D 41 4.27 28.86 -5.33
N THR D 42 3.11 28.29 -5.65
CA THR D 42 2.05 27.95 -4.66
C THR D 42 2.62 26.90 -3.68
N ARG D 43 3.59 26.09 -4.10
CA ARG D 43 4.11 24.94 -3.32
C ARG D 43 5.02 25.44 -2.19
N SER D 44 5.83 26.48 -2.44
CA SER D 44 6.92 26.94 -1.53
C SER D 44 6.62 28.32 -0.91
N ASP D 45 5.84 29.19 -1.55
CA ASP D 45 5.79 30.63 -1.18
C ASP D 45 4.44 31.01 -0.58
N THR D 46 3.82 30.10 0.20
CA THR D 46 2.63 30.39 1.01
C THR D 46 2.89 31.61 1.90
N MET D 47 1.90 32.48 2.11
CA MET D 47 1.97 33.58 3.11
C MET D 47 2.42 32.96 4.42
N PRO D 48 3.49 33.47 5.06
CA PRO D 48 3.94 32.94 6.35
C PRO D 48 2.81 32.83 7.39
N LEU D 49 2.75 31.70 8.09
CA LEU D 49 1.67 31.46 9.09
C LEU D 49 1.82 32.46 10.26
N GLN D 50 3.01 33.02 10.50
CA GLN D 50 3.23 34.04 11.57
C GLN D 50 2.32 35.23 11.29
N ILE D 51 2.13 35.62 10.02
CA ILE D 51 1.22 36.74 9.61
C ILE D 51 -0.24 36.32 9.93
N VAL D 52 -0.65 35.13 9.50
CA VAL D 52 -2.04 34.61 9.75
C VAL D 52 -2.32 34.58 11.27
N TYR D 53 -1.45 34.00 12.08
CA TYR D 53 -1.61 33.91 13.55
C TYR D 53 -1.73 35.30 14.16
N SER D 54 -0.94 36.27 13.68
CA SER D 54 -0.93 37.65 14.22
C SER D 54 -2.24 38.33 13.80
N LEU D 55 -2.70 38.10 12.57
CA LEU D 55 -4.01 38.63 12.13
C LEU D 55 -5.10 38.06 13.06
N ALA D 56 -5.02 36.79 13.40
CA ALA D 56 -6.03 36.15 14.27
C ALA D 56 -5.99 36.80 15.66
N MET D 57 -4.79 37.09 16.19
CA MET D 57 -4.62 37.78 17.49
C MET D 57 -5.29 39.15 17.44
N ILE D 58 -5.07 39.88 16.34
CA ILE D 58 -5.63 41.25 16.16
C ILE D 58 -7.16 41.17 16.03
N LYS D 59 -7.71 40.17 15.33
CA LYS D 59 -9.18 40.05 15.15
C LYS D 59 -9.81 39.74 16.52
N GLU D 60 -9.11 39.00 17.39
CA GLU D 60 -9.58 38.69 18.76
C GLU D 60 -9.77 40.00 19.53
N VAL D 61 -8.73 40.81 19.64
CA VAL D 61 -8.75 42.06 20.45
C VAL D 61 -9.67 43.09 19.76
N ALA D 62 -9.87 42.98 18.44
CA ALA D 62 -10.79 43.86 17.67
C ALA D 62 -12.23 43.55 18.08
N ALA D 63 -12.58 42.27 18.19
CA ALA D 63 -13.93 41.81 18.58
C ALA D 63 -14.23 42.30 20.01
N CYS D 64 -13.29 42.08 20.93
CA CYS D 64 -13.38 42.55 22.34
C CYS D 64 -13.52 44.09 22.38
N THR D 65 -12.69 44.82 21.65
CA THR D 65 -12.68 46.30 21.65
C THR D 65 -13.98 46.80 21.01
N ASN D 66 -14.44 46.15 19.94
CA ASN D 66 -15.70 46.53 19.26
C ASN D 66 -16.87 46.27 20.20
N PHE D 67 -16.84 45.18 20.97
CA PHE D 67 -17.90 44.89 21.98
C PHE D 67 -17.88 45.99 23.06
N LYS D 68 -16.71 46.29 23.62
CA LYS D 68 -16.56 47.27 24.72
C LYS D 68 -16.97 48.67 24.22
N LEU D 69 -16.83 48.95 22.92
CA LEU D 69 -17.24 50.27 22.34
C LEU D 69 -18.66 50.19 21.76
N GLY D 70 -19.41 49.12 22.03
CA GLY D 70 -20.85 49.01 21.70
C GLY D 70 -21.12 48.92 20.21
N ARG D 71 -20.22 48.33 19.41
CA ARG D 71 -20.34 48.27 17.93
C ARG D 71 -20.75 46.87 17.47
N ILE D 72 -20.81 45.90 18.38
CA ILE D 72 -21.12 44.47 18.07
C ILE D 72 -21.63 43.80 19.35
N SER D 73 -22.44 42.76 19.19
CA SER D 73 -23.02 41.95 20.30
C SER D 73 -21.94 41.11 20.98
N SER D 74 -22.16 40.71 22.24
CA SER D 74 -21.26 39.81 23.00
C SER D 74 -21.40 38.37 22.47
N LYS D 75 -22.51 38.04 21.82
CA LYS D 75 -22.76 36.72 21.17
C LYS D 75 -21.80 36.54 19.99
N LEU D 76 -21.77 37.52 19.07
CA LEU D 76 -20.88 37.49 17.87
C LEU D 76 -19.42 37.57 18.35
N SER D 77 -19.15 38.47 19.30
CA SER D 77 -17.81 38.76 19.88
C SER D 77 -17.15 37.48 20.43
N ASP D 78 -17.86 36.71 21.25
CA ASP D 78 -17.31 35.49 21.90
C ASP D 78 -17.03 34.42 20.83
N ALA D 79 -17.88 34.31 19.81
CA ALA D 79 -17.71 33.32 18.72
C ALA D 79 -16.43 33.65 17.94
N ILE D 80 -16.29 34.90 17.49
CA ILE D 80 -15.09 35.38 16.72
C ILE D 80 -13.84 35.06 17.56
N VAL D 81 -13.86 35.39 18.86
CA VAL D 81 -12.68 35.21 19.77
C VAL D 81 -12.28 33.73 19.79
N LYS D 82 -13.25 32.84 19.96
CA LYS D 82 -12.99 31.38 20.08
C LYS D 82 -12.36 30.86 18.78
N ALA D 83 -12.86 31.30 17.63
CA ALA D 83 -12.33 30.92 16.29
C ALA D 83 -10.91 31.45 16.15
N CYS D 84 -10.65 32.68 16.59
CA CYS D 84 -9.30 33.30 16.53
C CYS D 84 -8.30 32.42 17.27
N ARG D 85 -8.65 31.97 18.48
CA ARG D 85 -7.71 31.20 19.35
C ARG D 85 -7.40 29.86 18.69
N GLU D 86 -8.38 29.26 18.00
CA GLU D 86 -8.18 28.00 17.24
C GLU D 86 -7.13 28.25 16.16
N VAL D 87 -7.23 29.37 15.45
CA VAL D 87 -6.24 29.70 14.37
C VAL D 87 -4.84 29.81 14.99
N TYR D 88 -4.62 30.67 15.99
CA TYR D 88 -3.24 30.96 16.46
C TYR D 88 -2.72 29.85 17.39
N HIS D 89 -3.55 28.90 17.81
CA HIS D 89 -3.08 27.64 18.47
C HIS D 89 -2.76 26.59 17.40
N GLY D 90 -2.99 26.90 16.12
CA GLY D 90 -2.57 26.06 14.98
C GLY D 90 -3.55 24.93 14.70
N GLN D 91 -4.86 25.19 14.80
CA GLN D 91 -5.90 24.15 14.55
C GLN D 91 -6.44 24.28 13.12
N HIS D 92 -6.02 25.30 12.36
CA HIS D 92 -6.61 25.59 11.02
C HIS D 92 -5.54 25.96 9.98
N ASP D 93 -4.35 25.38 10.04
CA ASP D 93 -3.19 25.81 9.19
C ASP D 93 -3.51 25.62 7.69
N ASN D 94 -4.39 24.66 7.35
CA ASN D 94 -4.72 24.29 5.94
C ASN D 94 -5.89 25.14 5.41
N GLU D 95 -6.40 26.11 6.18
CA GLU D 95 -7.44 27.05 5.70
C GLU D 95 -6.77 28.27 5.06
N PHE D 96 -5.44 28.30 4.96
CA PHE D 96 -4.66 29.49 4.49
C PHE D 96 -3.72 29.07 3.37
N PRO D 97 -4.24 28.91 2.11
CA PRO D 97 -3.40 28.47 0.99
C PRO D 97 -2.80 29.59 0.11
N LEU D 98 -3.10 30.85 0.40
CA LEU D 98 -2.72 31.99 -0.47
C LEU D 98 -1.21 32.26 -0.37
N VAL D 99 -0.63 32.81 -1.44
CA VAL D 99 0.84 33.01 -1.58
C VAL D 99 1.22 34.44 -1.17
N ILE D 100 2.52 34.64 -0.94
CA ILE D 100 3.16 35.98 -0.75
C ILE D 100 2.75 36.86 -1.93
N TRP D 101 2.77 36.30 -3.15
CA TRP D 101 2.69 37.04 -4.44
C TRP D 101 1.23 37.34 -4.78
N GLN D 102 0.54 38.01 -3.86
CA GLN D 102 -0.88 38.38 -4.00
C GLN D 102 -0.94 39.90 -4.16
N THR D 103 -2.08 40.52 -3.86
CA THR D 103 -2.19 41.99 -3.78
C THR D 103 -1.16 42.53 -2.79
N GLY D 104 -0.55 43.68 -3.12
CA GLY D 104 0.55 44.29 -2.35
C GLY D 104 0.12 44.82 -1.00
N SER D 105 -1.19 44.95 -0.77
CA SER D 105 -1.77 45.40 0.52
C SER D 105 -1.97 44.22 1.47
N GLY D 106 -1.80 42.99 0.96
CA GLY D 106 -2.13 41.75 1.68
C GLY D 106 -3.60 41.63 2.01
N THR D 107 -4.47 42.31 1.24
CA THR D 107 -5.94 42.29 1.39
C THR D 107 -6.47 40.85 1.33
N GLN D 108 -5.91 40.02 0.44
CA GLN D 108 -6.50 38.68 0.16
C GLN D 108 -6.25 37.79 1.39
N THR D 109 -5.08 37.89 2.03
CA THR D 109 -4.79 37.18 3.31
C THR D 109 -5.69 37.74 4.42
N ASN D 110 -5.90 39.05 4.49
CA ASN D 110 -6.85 39.67 5.47
C ASN D 110 -8.23 39.01 5.31
N MET D 111 -8.74 38.93 4.07
CA MET D 111 -10.08 38.40 3.75
C MET D 111 -10.09 36.88 3.98
N ASN D 112 -9.00 36.17 3.69
CA ASN D 112 -8.83 34.73 4.03
C ASN D 112 -9.07 34.54 5.55
N VAL D 113 -8.42 35.34 6.40
CA VAL D 113 -8.63 35.27 7.89
C VAL D 113 -10.11 35.64 8.18
N ASN D 114 -10.63 36.71 7.57
CA ASN D 114 -12.00 37.25 7.83
C ASN D 114 -13.02 36.16 7.52
N GLU D 115 -12.81 35.44 6.42
CA GLU D 115 -13.71 34.38 5.88
C GLU D 115 -13.67 33.16 6.80
N VAL D 116 -12.48 32.72 7.21
CA VAL D 116 -12.30 31.50 8.04
C VAL D 116 -12.85 31.74 9.46
N LEU D 117 -12.66 32.93 10.01
CA LEU D 117 -13.21 33.30 11.35
C LEU D 117 -14.72 33.49 11.23
N SER D 118 -15.20 34.06 10.12
CA SER D 118 -16.64 34.31 9.83
C SER D 118 -17.38 32.96 9.79
N SER D 119 -16.88 32.01 9.01
CA SER D 119 -17.58 30.72 8.77
C SER D 119 -17.52 29.86 10.04
N ARG D 120 -16.41 29.91 10.78
CA ARG D 120 -16.20 29.09 12.01
C ARG D 120 -17.03 29.68 13.15
N ALA D 121 -16.96 31.00 13.37
CA ALA D 121 -17.80 31.72 14.34
C ALA D 121 -19.29 31.42 14.06
N SER D 122 -19.72 31.49 12.79
CA SER D 122 -21.09 31.16 12.34
C SER D 122 -21.46 29.72 12.75
N GLU D 123 -20.56 28.77 12.52
CA GLU D 123 -20.79 27.36 12.89
C GLU D 123 -20.95 27.23 14.42
N LEU D 124 -20.14 27.97 15.19
CA LEU D 124 -20.13 27.88 16.67
C LEU D 124 -21.44 28.44 17.25
N ILE D 125 -21.99 29.51 16.68
CA ILE D 125 -23.27 30.12 17.16
C ILE D 125 -24.43 29.22 16.73
N ASP D 126 -24.58 28.97 15.43
CA ASP D 126 -25.67 28.15 14.82
C ASP D 126 -25.65 26.72 15.38
N GLY D 127 -24.46 26.13 15.54
CA GLY D 127 -24.27 24.71 15.86
C GLY D 127 -24.12 23.86 14.61
N SER D 128 -24.48 24.40 13.44
CA SER D 128 -24.33 23.75 12.11
C SER D 128 -23.70 24.72 11.10
N ARG D 129 -23.23 24.18 9.97
CA ARG D 129 -22.70 24.94 8.81
C ARG D 129 -23.88 25.32 7.89
N SER D 130 -24.22 26.59 7.84
CA SER D 130 -25.36 27.14 7.06
C SER D 130 -24.85 27.83 5.80
N SER D 131 -25.71 27.97 4.80
CA SER D 131 -25.46 28.71 3.53
C SER D 131 -25.31 30.20 3.84
N ARG D 132 -26.34 30.79 4.50
CA ARG D 132 -26.32 32.18 5.03
C ARG D 132 -25.49 32.18 6.33
N LEU D 133 -24.57 33.13 6.48
CA LEU D 133 -23.62 33.24 7.63
C LEU D 133 -24.19 34.19 8.69
N THR D 134 -24.21 33.75 9.95
CA THR D 134 -24.58 34.58 11.13
C THR D 134 -23.53 35.68 11.32
N VAL D 135 -22.25 35.33 11.19
CA VAL D 135 -21.09 36.26 11.33
C VAL D 135 -20.58 36.64 9.93
N HIS D 136 -20.74 37.90 9.55
CA HIS D 136 -20.34 38.51 8.25
C HIS D 136 -18.85 38.89 8.31
N PRO D 137 -18.04 38.51 7.30
CA PRO D 137 -16.59 38.71 7.36
C PRO D 137 -16.18 40.20 7.33
N ASN D 138 -16.97 41.04 6.67
CA ASN D 138 -16.71 42.50 6.50
C ASN D 138 -17.34 43.30 7.65
N ASP D 139 -18.66 43.16 7.86
CA ASP D 139 -19.46 44.00 8.80
C ASP D 139 -19.16 43.62 10.26
N HIS D 140 -18.62 42.42 10.52
CA HIS D 140 -18.40 41.89 11.89
C HIS D 140 -16.91 41.64 12.15
N VAL D 141 -16.29 40.66 11.48
CA VAL D 141 -14.90 40.21 11.79
C VAL D 141 -13.92 41.36 11.50
N ASN D 142 -14.18 42.12 10.43
CA ASN D 142 -13.31 43.20 9.90
C ASN D 142 -13.77 44.57 10.38
N LEU D 143 -14.73 44.64 11.33
CA LEU D 143 -15.37 45.90 11.77
C LEU D 143 -14.32 46.90 12.29
N GLY D 144 -14.32 48.13 11.76
CA GLY D 144 -13.40 49.20 12.19
C GLY D 144 -12.00 49.08 11.60
N GLN D 145 -11.84 48.22 10.59
CA GLN D 145 -10.51 47.77 10.09
C GLN D 145 -10.42 47.96 8.57
N SER D 146 -9.21 48.18 8.09
CA SER D 146 -8.81 48.03 6.68
C SER D 146 -7.70 46.99 6.65
N SER D 147 -7.48 46.34 5.50
CA SER D 147 -6.23 45.61 5.19
C SER D 147 -5.07 46.60 5.30
N ASN D 148 -5.32 47.86 4.96
CA ASN D 148 -4.29 48.92 4.85
C ASN D 148 -3.65 49.18 6.21
N ASP D 149 -4.42 49.11 7.29
CA ASP D 149 -3.90 49.35 8.66
C ASP D 149 -3.66 48.02 9.39
N ILE D 150 -4.46 46.99 9.14
CA ILE D 150 -4.37 45.73 9.93
C ILE D 150 -3.24 44.83 9.40
N PHE D 151 -2.95 44.82 8.10
CA PHE D 151 -1.82 44.00 7.59
C PHE D 151 -0.49 44.54 8.13
N PRO D 152 -0.20 45.87 8.04
CA PRO D 152 0.99 46.40 8.71
C PRO D 152 0.95 46.13 10.23
N THR D 153 -0.22 46.17 10.87
CA THR D 153 -0.30 45.86 12.33
C THR D 153 0.22 44.42 12.51
N ALA D 154 -0.25 43.48 11.69
CA ALA D 154 0.11 42.04 11.81
C ALA D 154 1.59 41.83 11.42
N MET D 155 2.09 42.59 10.45
CA MET D 155 3.54 42.58 10.13
C MET D 155 4.33 42.94 11.40
N ASN D 156 4.03 44.09 12.00
CA ASN D 156 4.79 44.57 13.20
C ASN D 156 4.61 43.60 14.37
N LEU D 157 3.39 43.11 14.61
CA LEU D 157 3.11 42.17 15.72
C LEU D 157 3.92 40.87 15.52
N SER D 158 3.78 40.23 14.36
CA SER D 158 4.43 38.93 14.04
C SER D 158 5.96 39.07 14.16
N ILE D 159 6.51 40.14 13.61
CA ILE D 159 8.00 40.33 13.59
C ILE D 159 8.49 40.69 15.01
N ALA D 160 7.71 41.44 15.81
CA ALA D 160 8.10 41.80 17.21
C ALA D 160 8.22 40.53 18.05
N MET D 161 7.26 39.63 17.91
CA MET D 161 7.23 38.36 18.67
C MET D 161 8.40 37.46 18.25
N GLU D 162 8.64 37.29 16.94
CA GLU D 162 9.78 36.47 16.42
C GLU D 162 11.08 37.06 16.96
N THR D 163 11.23 38.39 16.89
CA THR D 163 12.51 39.07 17.24
C THR D 163 12.74 38.95 18.76
N ALA D 164 11.71 39.24 19.56
CA ALA D 164 11.83 39.30 21.04
C ALA D 164 12.02 37.89 21.61
N TRP D 165 11.21 36.95 21.13
CA TRP D 165 11.04 35.63 21.78
C TRP D 165 11.92 34.56 21.11
N LYS D 166 12.40 34.76 19.88
CA LYS D 166 13.19 33.72 19.17
C LYS D 166 14.57 34.25 18.76
N VAL D 167 14.64 35.35 18.03
CA VAL D 167 15.96 35.89 17.58
C VAL D 167 16.84 36.22 18.78
N LEU D 168 16.37 37.04 19.71
CA LEU D 168 17.23 37.60 20.79
C LEU D 168 17.73 36.48 21.70
N PRO D 169 16.91 35.49 22.10
CA PRO D 169 17.41 34.37 22.89
C PRO D 169 18.49 33.55 22.16
N SER D 170 18.35 33.38 20.84
CA SER D 170 19.36 32.68 20.01
C SER D 170 20.66 33.47 20.00
N LEU D 171 20.61 34.78 19.78
CA LEU D 171 21.84 35.62 19.76
C LEU D 171 22.48 35.63 21.16
N ASN D 172 21.68 35.80 22.22
CA ASN D 172 22.21 35.79 23.61
C ASN D 172 22.86 34.44 23.89
N HIS D 173 22.27 33.35 23.40
CA HIS D 173 22.82 31.98 23.59
C HIS D 173 24.21 31.89 22.93
N LEU D 174 24.32 32.36 21.69
CA LEU D 174 25.61 32.36 20.95
C LEU D 174 26.63 33.24 21.72
N ILE D 175 26.24 34.41 22.22
CA ILE D 175 27.12 35.31 23.01
C ILE D 175 27.63 34.55 24.25
N ASN D 176 26.73 33.86 24.94
CA ASN D 176 27.04 33.16 26.22
C ASN D 176 28.03 32.02 25.96
N VAL D 177 27.81 31.21 24.93
CA VAL D 177 28.75 30.10 24.56
C VAL D 177 30.11 30.72 24.16
N LEU D 178 30.13 31.78 23.35
CA LEU D 178 31.41 32.45 23.01
C LEU D 178 32.13 32.92 24.28
N LYS D 179 31.39 33.48 25.24
CA LYS D 179 31.95 34.01 26.52
C LYS D 179 32.61 32.88 27.32
N ILE D 180 31.97 31.71 27.40
CA ILE D 180 32.57 30.49 28.04
C ILE D 180 33.97 30.31 27.47
N LYS D 181 34.13 30.32 26.15
CA LYS D 181 35.41 30.00 25.47
C LYS D 181 36.38 31.18 25.61
N MET D 182 35.86 32.41 25.58
CA MET D 182 36.64 33.66 25.82
C MET D 182 37.36 33.59 27.18
N HIS D 183 36.65 33.21 28.25
CA HIS D 183 37.22 33.07 29.62
C HIS D 183 38.17 31.88 29.65
N GLU D 184 37.75 30.73 29.11
CA GLU D 184 38.56 29.48 29.12
C GLU D 184 39.94 29.71 28.47
N PHE D 185 40.03 30.54 27.43
CA PHE D 185 41.23 30.72 26.59
C PHE D 185 41.82 32.13 26.73
N MET D 186 41.48 32.85 27.81
CA MET D 186 41.90 34.27 28.00
C MET D 186 43.41 34.38 28.20
N ASN D 187 44.07 33.34 28.70
CA ASN D 187 45.53 33.38 28.98
C ASN D 187 46.30 32.54 27.94
N VAL D 188 45.65 32.10 26.86
CA VAL D 188 46.37 31.40 25.75
C VAL D 188 46.86 32.48 24.78
N ILE D 189 48.18 32.66 24.68
CA ILE D 189 48.80 33.70 23.81
C ILE D 189 48.91 33.14 22.39
N LYS D 190 48.39 33.89 21.41
CA LYS D 190 48.50 33.58 19.97
C LYS D 190 49.04 34.83 19.26
N ILE D 191 49.27 34.73 17.95
CA ILE D 191 49.77 35.87 17.13
C ILE D 191 48.57 36.45 16.38
N GLY D 192 48.33 37.75 16.58
CA GLY D 192 47.41 38.53 15.75
C GLY D 192 47.93 38.53 14.32
N ARG D 193 47.01 38.61 13.36
CA ARG D 193 47.30 38.75 11.91
C ARG D 193 46.48 39.93 11.38
N THR D 194 47.15 40.89 10.75
CA THR D 194 46.52 42.01 10.01
C THR D 194 47.00 41.93 8.57
N HIS D 195 46.08 42.08 7.61
CA HIS D 195 46.32 41.89 6.15
C HIS D 195 46.77 40.45 5.89
N MET D 196 46.41 39.53 6.78
CA MET D 196 46.84 38.09 6.80
C MET D 196 48.35 37.96 7.04
N GLN D 197 49.01 39.04 7.48
CA GLN D 197 50.48 39.06 7.77
C GLN D 197 50.68 38.93 9.28
N ASP D 198 51.76 38.26 9.68
CA ASP D 198 52.13 38.09 11.12
C ASP D 198 52.14 39.46 11.79
N ALA D 199 51.45 39.60 12.92
CA ALA D 199 51.44 40.85 13.73
C ALA D 199 51.96 40.56 15.14
N VAL D 200 51.40 41.20 16.17
CA VAL D 200 51.91 41.14 17.57
C VAL D 200 51.05 40.17 18.37
N PRO D 201 51.50 39.79 19.59
CA PRO D 201 50.76 38.82 20.41
C PRO D 201 49.44 39.38 20.94
N MET D 202 48.48 38.49 21.10
CA MET D 202 47.16 38.71 21.73
C MET D 202 46.73 37.37 22.29
N SER D 203 45.68 37.32 23.12
CA SER D 203 45.15 36.03 23.63
C SER D 203 44.04 35.55 22.71
N VAL D 204 43.76 34.25 22.75
CA VAL D 204 42.59 33.65 22.05
C VAL D 204 41.33 34.31 22.61
N GLY D 205 41.25 34.51 23.92
CA GLY D 205 40.11 35.15 24.61
C GLY D 205 39.87 36.57 24.15
N GLN D 206 40.92 37.37 23.99
CA GLN D 206 40.85 38.75 23.42
C GLN D 206 40.24 38.69 22.01
N GLU D 207 40.70 37.76 21.17
CA GLU D 207 40.22 37.60 19.77
C GLU D 207 38.74 37.21 19.83
N LEU D 208 38.37 36.29 20.72
CA LEU D 208 36.96 35.86 20.90
C LEU D 208 36.12 37.03 21.43
N SER D 209 36.68 37.89 22.29
CA SER D 209 35.95 39.06 22.87
C SER D 209 35.46 40.00 21.75
N GLY D 210 36.20 40.10 20.63
CA GLY D 210 35.80 40.92 19.48
C GLY D 210 34.50 40.46 18.86
N TYR D 211 34.30 39.15 18.68
CA TYR D 211 33.01 38.62 18.17
C TYR D 211 31.93 38.90 19.22
N VAL D 212 32.24 38.68 20.50
CA VAL D 212 31.27 38.91 21.62
C VAL D 212 30.79 40.35 21.57
N SER D 213 31.69 41.30 21.36
CA SER D 213 31.40 42.75 21.33
C SER D 213 30.49 43.05 20.14
N GLN D 214 30.87 42.58 18.96
CA GLN D 214 30.08 42.83 17.72
C GLN D 214 28.67 42.25 17.91
N LEU D 215 28.55 41.03 18.44
CA LEU D 215 27.21 40.42 18.62
C LEU D 215 26.44 41.17 19.72
N GLN D 216 27.11 41.66 20.77
CA GLN D 216 26.41 42.43 21.84
C GLN D 216 25.90 43.75 21.25
N GLN D 217 26.69 44.43 20.43
CA GLN D 217 26.26 45.68 19.76
C GLN D 217 24.98 45.40 18.95
N ALA D 218 24.92 44.25 18.26
CA ALA D 218 23.78 43.87 17.39
C ALA D 218 22.54 43.65 18.27
N VAL D 219 22.69 42.91 19.36
CA VAL D 219 21.59 42.66 20.34
C VAL D 219 21.05 43.97 20.91
N ASP D 220 21.95 44.87 21.32
CA ASP D 220 21.57 46.19 21.89
C ASP D 220 20.78 46.97 20.84
N SER D 221 21.21 46.96 19.57
CA SER D 221 20.51 47.67 18.46
C SER D 221 19.10 47.10 18.28
N ILE D 222 18.95 45.78 18.34
CA ILE D 222 17.63 45.12 18.12
C ILE D 222 16.70 45.43 19.29
N LYS D 223 17.19 45.32 20.52
CA LYS D 223 16.40 45.63 21.74
C LYS D 223 15.90 47.08 21.67
N SER D 224 16.70 48.03 21.18
CA SER D 224 16.32 49.45 21.09
C SER D 224 15.28 49.66 19.99
N GLN D 225 15.33 48.89 18.90
CA GLN D 225 14.42 49.07 17.74
C GLN D 225 13.04 48.45 18.07
N LEU D 226 12.98 47.41 18.90
CA LEU D 226 11.70 46.68 19.16
C LEU D 226 10.56 47.61 19.62
N PRO D 227 10.76 48.52 20.60
CA PRO D 227 9.70 49.43 21.03
C PRO D 227 9.14 50.27 19.87
N LEU D 228 10.00 50.59 18.89
CA LEU D 228 9.60 51.42 17.73
C LEU D 228 8.71 50.62 16.77
N ILE D 229 8.96 49.31 16.63
N ILE D 229 8.88 49.31 16.61
CA ILE D 229 8.15 48.35 15.82
CA ILE D 229 8.02 48.50 15.70
C ILE D 229 6.75 48.26 16.44
C ILE D 229 6.76 48.05 16.46
N CYS D 230 6.69 48.29 17.77
CA CYS D 230 5.45 48.07 18.57
C CYS D 230 4.52 49.28 18.44
N HIS D 231 4.92 50.32 17.68
CA HIS D 231 3.99 51.38 17.19
C HIS D 231 3.18 50.84 16.00
N LEU D 232 1.87 50.70 16.15
CA LEU D 232 0.99 49.95 15.21
C LEU D 232 0.15 50.92 14.37
N ALA D 233 -0.14 50.53 13.14
CA ALA D 233 -0.95 51.33 12.19
C ALA D 233 -2.44 51.29 12.55
N VAL D 234 -2.85 50.38 13.44
CA VAL D 234 -4.28 50.11 13.79
C VAL D 234 -5.04 51.42 14.06
N GLY D 235 -6.21 51.58 13.46
CA GLY D 235 -7.08 52.77 13.55
C GLY D 235 -6.93 53.70 12.37
N GLY D 236 -5.89 53.51 11.54
CA GLY D 236 -5.65 54.36 10.35
C GLY D 236 -6.68 54.11 9.26
N THR D 237 -7.31 52.93 9.28
CA THR D 237 -8.24 52.37 8.25
C THR D 237 -7.70 52.63 6.83
N ALA D 238 -8.47 53.26 5.95
CA ALA D 238 -8.25 53.23 4.47
C ALA D 238 -6.96 53.98 4.10
N VAL D 239 -6.79 55.22 4.54
CA VAL D 239 -5.71 56.13 4.07
C VAL D 239 -4.97 56.76 5.27
N GLY D 240 -5.37 56.44 6.51
CA GLY D 240 -4.77 56.96 7.75
C GLY D 240 -5.64 57.94 8.53
N THR D 241 -6.80 58.35 7.99
CA THR D 241 -7.73 59.33 8.62
C THR D 241 -8.57 58.68 9.73
N GLY D 242 -8.72 57.36 9.71
CA GLY D 242 -9.50 56.60 10.72
C GLY D 242 -11.00 56.62 10.46
N LEU D 243 -11.42 56.98 9.25
CA LEU D 243 -12.83 56.92 8.80
C LEU D 243 -13.38 55.51 9.08
N ASN D 244 -14.58 55.43 9.66
CA ASN D 244 -15.31 54.17 9.99
C ASN D 244 -14.62 53.42 11.14
N CYS D 245 -13.65 54.04 11.82
CA CYS D 245 -13.08 53.52 13.08
C CYS D 245 -13.58 54.38 14.25
N SER D 246 -14.00 53.76 15.35
CA SER D 246 -14.53 54.50 16.53
C SER D 246 -13.36 55.10 17.32
N LYS D 247 -13.56 56.30 17.87
CA LYS D 247 -12.58 57.00 18.75
C LYS D 247 -12.25 56.07 19.94
N GLY D 248 -10.95 55.94 20.24
CA GLY D 248 -10.45 55.07 21.32
C GLY D 248 -10.05 53.68 20.83
N PHE D 249 -10.51 53.26 19.65
CA PHE D 249 -10.38 51.86 19.16
C PHE D 249 -8.90 51.45 19.13
N ASP D 250 -8.04 52.27 18.52
CA ASP D 250 -6.58 52.02 18.40
C ASP D 250 -5.97 51.87 19.80
N GLU D 251 -6.24 52.81 20.70
CA GLU D 251 -5.72 52.81 22.09
C GLU D 251 -6.18 51.55 22.84
N GLU D 252 -7.47 51.24 22.78
CA GLU D 252 -8.05 50.09 23.52
C GLU D 252 -7.44 48.79 22.97
N LEU D 253 -7.44 48.63 21.65
CA LEU D 253 -6.89 47.42 20.98
C LEU D 253 -5.43 47.22 21.36
N CYS D 254 -4.62 48.28 21.37
CA CYS D 254 -3.17 48.20 21.67
C CYS D 254 -2.97 47.73 23.11
N VAL D 255 -3.77 48.23 24.06
CA VAL D 255 -3.72 47.81 25.49
C VAL D 255 -4.10 46.33 25.57
N SER D 256 -5.16 45.92 24.87
CA SER D 256 -5.61 44.51 24.87
C SER D 256 -4.54 43.59 24.22
N LEU D 257 -3.91 44.04 23.14
CA LEU D 257 -2.87 43.27 22.42
C LEU D 257 -1.66 43.08 23.32
N THR D 258 -1.25 44.13 24.05
CA THR D 258 -0.15 44.08 25.03
C THR D 258 -0.45 42.96 26.03
N GLN D 259 -1.67 42.90 26.53
CA GLN D 259 -2.06 41.90 27.56
C GLN D 259 -2.07 40.50 26.93
N LEU D 260 -2.63 40.34 25.74
CA LEU D 260 -2.68 39.03 25.02
C LEU D 260 -1.25 38.50 24.83
N THR D 261 -0.32 39.33 24.34
CA THR D 261 1.07 38.88 24.02
C THR D 261 1.80 38.58 25.33
N ASP D 262 1.54 39.35 26.39
CA ASP D 262 2.08 39.08 27.75
C ASP D 262 1.66 37.68 28.20
N ARG D 263 0.37 37.37 28.14
CA ARG D 263 -0.17 36.00 28.47
C ARG D 263 0.44 34.93 27.55
N LEU D 264 0.47 35.16 26.23
CA LEU D 264 0.99 34.17 25.25
C LEU D 264 2.44 33.81 25.59
N TYR D 265 3.30 34.80 25.87
CA TYR D 265 4.71 34.55 26.23
C TYR D 265 4.77 33.54 27.39
N ARG D 266 3.97 33.80 28.43
CA ARG D 266 4.05 33.07 29.72
C ARG D 266 3.42 31.68 29.58
N THR D 267 2.55 31.46 28.60
CA THR D 267 2.04 30.10 28.26
C THR D 267 3.13 29.32 27.51
N MET D 268 3.93 30.00 26.68
CA MET D 268 4.92 29.35 25.76
C MET D 268 6.22 29.07 26.51
N TYR D 269 6.66 29.98 27.38
CA TYR D 269 8.00 29.96 28.02
C TYR D 269 7.83 30.12 29.53
N LYS D 270 8.03 29.03 30.26
CA LYS D 270 7.88 28.96 31.73
C LYS D 270 9.19 29.38 32.38
N GLU D 271 9.12 30.01 33.56
CA GLU D 271 10.31 30.34 34.41
C GLU D 271 11.29 31.15 33.56
N SER D 272 10.75 32.18 32.90
CA SER D 272 11.44 32.94 31.84
C SER D 272 10.95 34.39 31.85
N THR D 273 11.88 35.32 31.78
CA THR D 273 11.62 36.77 31.64
C THR D 273 11.85 37.14 30.19
N PRO D 274 10.88 37.81 29.52
CA PRO D 274 11.09 38.22 28.13
C PRO D 274 12.32 39.13 28.10
N VAL D 275 13.14 39.04 27.04
CA VAL D 275 14.34 39.91 26.87
C VAL D 275 13.86 41.35 26.77
N VAL D 276 12.72 41.58 26.12
CA VAL D 276 12.08 42.92 26.04
C VAL D 276 10.57 42.74 26.24
N ASP D 277 9.94 43.63 27.00
CA ASP D 277 8.45 43.69 27.11
C ASP D 277 7.92 44.33 25.83
N LEU D 278 6.94 43.70 25.21
CA LEU D 278 6.32 44.23 23.96
C LEU D 278 5.15 45.11 24.40
N ILE D 279 5.33 46.43 24.35
CA ILE D 279 4.25 47.42 24.70
C ILE D 279 3.74 48.02 23.39
N PHE D 280 2.55 47.61 22.95
CA PHE D 280 1.93 48.09 21.69
C PHE D 280 1.26 49.44 21.96
N LYS D 281 1.45 50.38 21.03
CA LYS D 281 0.89 51.75 21.09
C LYS D 281 0.49 52.13 19.67
N PRO D 282 -0.53 53.00 19.51
CA PRO D 282 -0.85 53.57 18.20
C PRO D 282 0.34 54.38 17.66
N ALA D 283 0.65 54.25 16.37
CA ALA D 283 1.65 55.11 15.69
C ALA D 283 1.19 56.57 15.81
N GLU D 284 2.12 57.52 15.98
CA GLU D 284 1.75 58.95 16.17
C GLU D 284 1.27 59.51 14.82
N ASN D 285 1.75 58.95 13.69
CA ASN D 285 1.29 59.37 12.35
C ASN D 285 0.85 58.13 11.55
N LYS D 286 -0.47 57.97 11.39
CA LYS D 286 -1.09 56.79 10.74
C LYS D 286 -0.77 56.84 9.24
N PHE D 287 -0.63 58.02 8.65
CA PHE D 287 -0.33 58.20 7.21
C PHE D 287 1.03 57.53 6.91
N ALA D 288 2.06 57.84 7.70
CA ALA D 288 3.41 57.23 7.59
C ALA D 288 3.34 55.72 7.81
N ALA D 289 2.47 55.30 8.73
CA ALA D 289 2.28 53.89 9.13
C ALA D 289 1.77 53.04 7.95
N LEU D 290 1.01 53.64 7.02
CA LEU D 290 0.42 52.97 5.83
C LEU D 290 1.33 53.16 4.62
N ALA D 291 1.98 54.33 4.52
CA ALA D 291 2.70 54.80 3.32
C ALA D 291 4.12 54.22 3.27
N GLY D 292 4.64 53.81 4.42
CA GLY D 292 6.01 53.27 4.54
C GLY D 292 6.12 52.28 5.67
N HIS D 293 7.26 51.59 5.70
CA HIS D 293 7.65 50.61 6.74
C HIS D 293 9.02 50.99 7.30
N ASP D 294 9.23 52.26 7.64
CA ASP D 294 10.55 52.78 8.08
C ASP D 294 11.06 51.99 9.30
N ALA D 295 10.21 51.76 10.31
CA ALA D 295 10.64 51.08 11.56
C ALA D 295 11.10 49.65 11.22
N LEU D 296 10.37 48.94 10.35
CA LEU D 296 10.74 47.56 9.96
C LEU D 296 12.03 47.58 9.15
N LEU D 297 12.16 48.54 8.23
CA LEU D 297 13.41 48.66 7.45
C LEU D 297 14.57 48.91 8.43
N GLN D 298 14.36 49.70 9.47
CA GLN D 298 15.40 50.00 10.47
C GLN D 298 15.78 48.69 11.18
N LEU D 299 14.81 47.83 11.49
CA LEU D 299 15.08 46.52 12.12
C LEU D 299 15.83 45.64 11.13
N SER D 300 15.43 45.65 9.85
CA SER D 300 16.11 44.92 8.74
C SER D 300 17.59 45.32 8.71
N GLY D 301 17.86 46.62 8.84
CA GLY D 301 19.22 47.20 8.95
C GLY D 301 20.00 46.60 10.11
N CYS D 302 19.37 46.51 11.30
CA CYS D 302 19.98 45.85 12.50
C CYS D 302 20.34 44.39 12.17
N PHE D 303 19.46 43.66 11.46
CA PHE D 303 19.72 42.25 11.06
C PHE D 303 20.87 42.18 10.05
N ASN D 304 20.87 43.08 9.06
CA ASN D 304 21.98 43.22 8.08
C ASN D 304 23.30 43.31 8.84
N THR D 305 23.40 44.21 9.83
CA THR D 305 24.66 44.44 10.58
C THR D 305 25.04 43.17 11.38
N THR D 306 24.07 42.53 11.99
CA THR D 306 24.24 41.22 12.66
C THR D 306 24.86 40.22 11.68
N ALA D 307 24.36 40.13 10.46
CA ALA D 307 24.86 39.17 9.44
C ALA D 307 26.33 39.48 9.14
N THR D 308 26.71 40.76 9.04
CA THR D 308 28.11 41.13 8.73
C THR D 308 29.04 40.67 9.85
N ALA D 309 28.60 40.73 11.11
CA ALA D 309 29.39 40.30 12.30
C ALA D 309 29.51 38.78 12.32
N LEU D 310 28.39 38.09 12.11
CA LEU D 310 28.35 36.61 12.01
C LEU D 310 29.18 36.11 10.83
N MET D 311 29.20 36.83 9.72
CA MET D 311 30.06 36.50 8.55
C MET D 311 31.52 36.41 8.98
N ARG D 312 32.00 37.37 9.78
CA ARG D 312 33.42 37.39 10.22
C ARG D 312 33.67 36.25 11.22
N LEU D 313 32.72 35.97 12.12
CA LEU D 313 32.81 34.83 13.07
C LEU D 313 33.01 33.53 12.26
N SER D 314 32.17 33.32 11.24
N SER D 314 32.15 33.31 11.26
CA SER D 314 32.21 32.10 10.38
CA SER D 314 32.20 32.13 10.37
C SER D 314 33.55 32.06 9.63
C SER D 314 33.54 32.07 9.65
N ASN D 315 33.90 33.12 8.92
CA ASN D 315 35.11 33.15 8.05
C ASN D 315 36.35 32.96 8.91
N ASP D 316 36.38 33.56 10.10
CA ASP D 316 37.57 33.52 11.01
C ASP D 316 37.74 32.09 11.56
N PHE D 317 36.64 31.44 11.95
CA PHE D 317 36.68 30.04 12.46
C PHE D 317 37.18 29.12 11.34
N CYS D 318 36.79 29.38 10.09
CA CYS D 318 37.17 28.57 8.92
C CYS D 318 38.69 28.72 8.68
N LEU D 319 39.19 29.95 8.69
CA LEU D 319 40.62 30.26 8.46
C LEU D 319 41.49 29.63 9.56
N LEU D 320 41.13 29.86 10.82
CA LEU D 320 41.95 29.43 12.00
C LEU D 320 41.91 27.90 12.14
N SER D 321 40.89 27.24 11.60
CA SER D 321 40.77 25.75 11.60
C SER D 321 41.28 25.15 10.29
N SER D 322 41.86 25.96 9.39
CA SER D 322 42.42 25.47 8.10
C SER D 322 43.54 24.47 8.42
N GLY D 323 43.63 23.41 7.62
CA GLY D 323 44.61 22.33 7.85
C GLY D 323 44.03 20.99 7.38
N PRO D 324 44.33 19.88 8.07
CA PRO D 324 45.09 19.89 9.33
C PRO D 324 46.61 20.05 9.27
N ASN D 325 47.24 19.96 8.09
CA ASN D 325 48.73 19.96 7.95
C ASN D 325 49.25 21.09 7.06
N CYS D 326 48.40 21.73 6.25
CA CYS D 326 48.83 22.72 5.23
C CYS D 326 48.07 24.05 5.41
N GLY D 327 47.56 24.32 6.62
CA GLY D 327 46.83 25.56 6.96
C GLY D 327 47.29 26.13 8.29
N LEU D 328 46.51 27.02 8.91
CA LEU D 328 46.91 27.71 10.17
C LEU D 328 46.85 26.72 11.35
N SER D 329 45.77 25.93 11.42
CA SER D 329 45.55 24.86 12.44
C SER D 329 45.74 25.39 13.86
N GLU D 330 45.15 26.54 14.18
CA GLU D 330 45.05 27.08 15.56
C GLU D 330 43.82 26.51 16.25
N PHE D 331 42.68 26.46 15.57
CA PHE D 331 41.38 26.04 16.14
C PHE D 331 41.09 24.60 15.69
N VAL D 332 40.54 23.82 16.61
CA VAL D 332 40.02 22.45 16.38
C VAL D 332 38.52 22.52 16.63
N LEU D 333 37.76 22.56 15.53
CA LEU D 333 36.27 22.56 15.55
C LEU D 333 35.81 21.12 15.72
N PRO D 334 34.65 20.89 16.37
CA PRO D 334 34.09 19.55 16.48
C PRO D 334 33.86 18.94 15.09
N ALA D 335 34.32 17.69 14.91
CA ALA D 335 34.16 16.88 13.67
C ALA D 335 32.81 16.18 13.73
N ASN D 336 31.77 16.80 13.15
CA ASN D 336 30.36 16.37 13.32
C ASN D 336 29.98 15.34 12.25
N GLU D 337 30.71 15.25 11.14
CA GLU D 337 30.33 14.35 10.00
C GLU D 337 31.49 14.20 9.01
N PRO D 338 31.48 13.15 8.16
CA PRO D 338 32.49 13.03 7.11
C PRO D 338 32.40 14.22 6.13
N GLY D 339 33.56 14.73 5.71
CA GLY D 339 33.69 15.94 4.89
C GLY D 339 33.54 15.70 3.40
N SER D 340 33.97 14.53 2.88
CA SER D 340 34.20 14.31 1.42
C SER D 340 33.70 12.94 0.94
N SER D 341 33.05 12.92 -0.21
CA SER D 341 32.56 11.67 -0.89
C SER D 341 33.75 10.94 -1.54
N ILE D 342 34.83 11.66 -1.86
CA ILE D 342 35.98 11.14 -2.67
C ILE D 342 37.26 11.11 -1.82
N MET D 343 37.41 12.04 -0.87
CA MET D 343 38.63 12.18 -0.03
C MET D 343 38.34 11.59 1.36
N PRO D 344 38.80 10.34 1.63
CA PRO D 344 38.43 9.65 2.86
C PRO D 344 39.12 10.31 4.07
N GLY D 345 38.40 10.46 5.17
CA GLY D 345 38.93 10.97 6.45
C GLY D 345 38.93 12.49 6.51
N LYS D 346 38.56 13.17 5.43
CA LYS D 346 38.52 14.65 5.38
C LYS D 346 37.34 15.14 6.22
N VAL D 347 37.56 16.16 7.04
CA VAL D 347 36.50 16.81 7.84
C VAL D 347 36.57 18.31 7.53
N ASN D 348 35.42 18.88 7.16
CA ASN D 348 35.25 20.27 6.70
C ASN D 348 34.56 21.13 7.76
N PRO D 349 34.87 22.44 7.82
CA PRO D 349 34.20 23.37 8.74
C PRO D 349 32.79 23.69 8.22
N THR D 350 31.89 22.71 8.30
CA THR D 350 30.55 22.77 7.65
C THR D 350 29.63 23.74 8.43
N GLN D 351 29.78 23.87 9.76
CA GLN D 351 28.98 24.85 10.57
C GLN D 351 29.31 26.28 10.12
N CYS D 352 30.59 26.54 9.81
CA CYS D 352 31.06 27.85 9.29
C CYS D 352 30.40 28.13 7.93
N GLU D 353 30.38 27.13 7.05
CA GLU D 353 29.81 27.26 5.67
C GLU D 353 28.31 27.53 5.75
N SER D 354 27.56 26.75 6.53
CA SER D 354 26.11 26.95 6.75
C SER D 354 25.85 28.40 7.17
N LEU D 355 26.52 28.87 8.23
CA LEU D 355 26.36 30.22 8.82
C LEU D 355 26.68 31.28 7.78
N ARG D 356 27.78 31.12 7.04
CA ARG D 356 28.22 32.10 6.01
C ARG D 356 27.13 32.23 4.93
N MET D 357 26.58 31.12 4.43
CA MET D 357 25.50 31.18 3.42
C MET D 357 24.25 31.83 4.03
N VAL D 358 23.91 31.50 5.28
CA VAL D 358 22.76 32.14 5.98
C VAL D 358 22.97 33.66 6.03
N CYS D 359 24.18 34.11 6.35
CA CYS D 359 24.51 35.56 6.44
C CYS D 359 24.34 36.25 5.09
N LEU D 360 24.75 35.64 3.98
CA LEU D 360 24.57 36.21 2.61
C LEU D 360 23.07 36.32 2.29
N GLN D 361 22.28 35.31 2.64
CA GLN D 361 20.82 35.35 2.44
C GLN D 361 20.18 36.47 3.27
N ILE D 362 20.63 36.69 4.50
CA ILE D 362 20.10 37.79 5.37
C ILE D 362 20.45 39.12 4.72
N MET D 363 21.66 39.24 4.17
CA MET D 363 22.07 40.53 3.55
C MET D 363 21.20 40.75 2.30
N GLY D 364 21.02 39.72 1.45
CA GLY D 364 20.14 39.81 0.27
C GLY D 364 18.71 40.12 0.66
N ASN D 365 18.20 39.48 1.72
CA ASN D 365 16.87 39.83 2.27
C ASN D 365 16.82 41.32 2.62
N HIS D 366 17.84 41.84 3.32
CA HIS D 366 17.90 43.29 3.65
C HIS D 366 17.86 44.14 2.36
N PHE D 367 18.59 43.75 1.31
CA PHE D 367 18.63 44.52 0.04
C PHE D 367 17.25 44.52 -0.60
N THR D 368 16.58 43.36 -0.59
CA THR D 368 15.21 43.18 -1.13
C THR D 368 14.22 44.05 -0.33
N THR D 369 14.27 43.97 1.01
CA THR D 369 13.41 44.78 1.90
C THR D 369 13.64 46.26 1.61
N SER D 370 14.91 46.68 1.44
CA SER D 370 15.27 48.10 1.17
C SER D 370 14.58 48.57 -0.12
N MET D 371 14.63 47.77 -1.19
CA MET D 371 14.06 48.15 -2.51
C MET D 371 12.52 48.23 -2.37
N ALA D 372 11.90 47.24 -1.72
CA ALA D 372 10.45 47.21 -1.45
C ALA D 372 10.02 48.46 -0.67
N ALA D 373 10.77 48.81 0.39
CA ALA D 373 10.50 49.98 1.26
C ALA D 373 10.53 51.27 0.45
N SER D 374 11.31 51.32 -0.63
CA SER D 374 11.54 52.55 -1.44
C SER D 374 10.43 52.78 -2.48
N GLN D 375 9.46 51.86 -2.64
CA GLN D 375 8.46 51.85 -3.75
C GLN D 375 7.09 52.38 -3.27
N GLY D 376 7.05 53.17 -2.20
CA GLY D 376 5.80 53.78 -1.68
C GLY D 376 5.10 54.56 -2.76
N GLN D 377 3.77 54.49 -2.81
CA GLN D 377 2.97 55.17 -3.86
C GLN D 377 1.81 55.90 -3.17
N LEU D 378 1.98 57.19 -2.94
CA LEU D 378 0.97 58.04 -2.27
C LEU D 378 0.59 57.36 -0.95
N GLU D 379 -0.68 57.02 -0.72
CA GLU D 379 -1.17 56.73 0.66
C GLU D 379 -0.75 55.33 1.12
N LEU D 380 -0.18 54.48 0.26
CA LEU D 380 -0.01 53.03 0.62
C LEU D 380 1.18 52.39 -0.09
N ASN D 381 2.11 51.82 0.69
CA ASN D 381 3.17 50.94 0.14
C ASN D 381 2.51 49.61 -0.20
N VAL D 382 2.57 49.18 -1.47
CA VAL D 382 1.90 47.92 -1.90
C VAL D 382 2.97 46.86 -2.21
N CYS D 383 4.00 46.78 -1.37
CA CYS D 383 4.97 45.66 -1.36
C CYS D 383 4.96 44.96 0.01
N LYS D 384 3.83 44.97 0.73
CA LYS D 384 3.79 44.59 2.16
C LYS D 384 4.13 43.11 2.33
N PRO D 385 3.52 42.16 1.57
CA PRO D 385 3.83 40.75 1.75
C PRO D 385 5.32 40.38 1.55
N LEU D 386 5.95 41.02 0.57
CA LEU D 386 7.38 40.86 0.26
C LEU D 386 8.22 41.31 1.47
N ILE D 387 7.92 42.48 2.03
CA ILE D 387 8.64 42.98 3.25
C ILE D 387 8.39 41.99 4.39
N ALA D 388 7.12 41.57 4.61
CA ALA D 388 6.76 40.59 5.67
C ALA D 388 7.60 39.31 5.52
N ALA D 389 7.64 38.73 4.32
CA ALA D 389 8.23 37.39 4.06
C ALA D 389 9.75 37.43 4.21
N ASN D 390 10.39 38.47 3.71
CA ASN D 390 11.86 38.65 3.85
C ASN D 390 12.19 38.83 5.36
N LEU D 391 11.50 39.73 6.07
CA LEU D 391 11.81 39.94 7.51
C LEU D 391 11.55 38.68 8.35
N LEU D 392 10.46 37.95 8.11
CA LEU D 392 10.16 36.71 8.87
C LEU D 392 11.17 35.61 8.54
N HIS D 393 11.57 35.47 7.27
CA HIS D 393 12.63 34.51 6.83
C HIS D 393 13.93 34.85 7.57
N THR D 394 14.33 36.12 7.56
CA THR D 394 15.52 36.57 8.34
C THR D 394 15.40 36.15 9.80
N CYS D 395 14.26 36.39 10.45
CA CYS D 395 14.03 36.02 11.87
C CYS D 395 14.32 34.54 12.07
N GLU D 396 13.80 33.68 11.20
CA GLU D 396 13.92 32.20 11.35
C GLU D 396 15.39 31.82 11.12
N LEU D 397 16.04 32.36 10.08
CA LEU D 397 17.46 32.08 9.78
C LEU D 397 18.33 32.49 10.99
N LEU D 398 18.15 33.70 11.53
CA LEU D 398 18.99 34.15 12.69
C LEU D 398 18.72 33.25 13.89
N THR D 399 17.46 32.91 14.15
CA THR D 399 17.06 32.06 15.30
C THR D 399 17.79 30.72 15.20
N ASP D 400 17.66 30.04 14.06
CA ASP D 400 18.09 28.63 13.88
C ASP D 400 19.60 28.56 13.70
N SER D 401 20.17 29.45 12.88
CA SER D 401 21.60 29.39 12.47
C SER D 401 22.54 29.73 13.64
N THR D 402 22.19 30.70 14.49
CA THR D 402 23.09 31.14 15.59
C THR D 402 23.15 30.04 16.67
N ARG D 403 22.03 29.40 16.92
CA ARG D 403 21.94 28.25 17.87
C ARG D 403 22.72 27.06 17.33
N CYS D 404 22.59 26.81 16.04
CA CYS D 404 23.29 25.73 15.32
C CYS D 404 24.79 25.91 15.48
N PHE D 405 25.30 27.10 15.10
CA PHE D 405 26.74 27.42 15.22
C PHE D 405 27.20 27.33 16.68
N ALA D 406 26.43 27.91 17.61
CA ALA D 406 26.74 27.90 19.06
C ALA D 406 26.93 26.46 19.53
N ASP D 407 25.96 25.59 19.24
CA ASP D 407 25.84 24.25 19.86
C ASP D 407 26.72 23.23 19.12
N LYS D 408 26.91 23.38 17.81
CA LYS D 408 27.56 22.36 16.95
C LYS D 408 29.00 22.74 16.60
N CYS D 409 29.44 23.94 16.96
CA CYS D 409 30.81 24.42 16.64
C CYS D 409 31.45 25.03 17.90
N VAL D 410 30.92 26.15 18.40
CA VAL D 410 31.62 26.95 19.44
C VAL D 410 31.72 26.16 20.75
N ARG D 411 30.68 25.43 21.14
CA ARG D 411 30.55 24.82 22.49
C ARG D 411 31.74 23.89 22.76
N ASP D 412 32.24 23.21 21.73
CA ASP D 412 33.32 22.20 21.84
C ASP D 412 34.58 22.67 21.12
N LEU D 413 34.71 23.97 20.85
CA LEU D 413 35.96 24.57 20.30
C LEU D 413 37.14 24.15 21.20
N GLN D 414 38.22 23.66 20.58
CA GLN D 414 39.50 23.35 21.27
C GLN D 414 40.62 23.99 20.45
N LEU D 415 41.82 24.02 21.02
CA LEU D 415 42.97 24.71 20.37
C LEU D 415 44.07 23.68 20.11
N ASN D 416 44.90 23.94 19.10
CA ASN D 416 46.19 23.25 18.89
C ASN D 416 47.28 24.07 19.58
N ARG D 417 47.56 23.75 20.84
CA ARG D 417 48.39 24.60 21.74
C ARG D 417 49.82 24.66 21.18
N GLU D 418 50.34 23.55 20.65
CA GLU D 418 51.71 23.46 20.11
C GLU D 418 51.83 24.40 18.90
N LYS D 419 50.89 24.33 17.97
CA LYS D 419 50.93 25.15 16.74
C LYS D 419 50.86 26.64 17.13
N ILE D 420 49.94 26.98 18.03
CA ILE D 420 49.76 28.39 18.51
C ILE D 420 51.08 28.93 19.07
N GLN D 421 51.77 28.18 19.93
CA GLN D 421 53.02 28.63 20.60
C GLN D 421 54.17 28.74 19.57
N GLU D 422 54.21 27.83 18.60
CA GLU D 422 55.16 27.90 17.46
C GLU D 422 55.02 29.28 16.78
N TYR D 423 53.80 29.74 16.49
CA TYR D 423 53.58 31.06 15.83
C TYR D 423 54.12 32.19 16.73
N VAL D 424 53.80 32.16 18.02
CA VAL D 424 54.32 33.16 19.02
C VAL D 424 55.85 33.15 18.95
N ASP D 425 56.48 31.97 18.95
CA ASP D 425 57.96 31.83 18.85
C ASP D 425 58.47 32.50 17.56
N LYS D 426 57.76 32.37 16.43
CA LYS D 426 58.31 32.63 15.07
C LYS D 426 58.01 34.03 14.53
N SER D 427 56.94 34.71 14.95
CA SER D 427 56.59 36.05 14.39
C SER D 427 57.72 37.04 14.65
N LEU D 428 58.23 37.66 13.58
CA LEU D 428 59.30 38.68 13.65
C LEU D 428 58.75 40.02 14.16
N MET D 429 57.41 40.20 14.14
CA MET D 429 56.78 41.48 14.55
C MET D 429 56.74 41.63 16.08
N LEU D 430 57.31 40.66 16.83
CA LEU D 430 57.66 40.83 18.27
C LEU D 430 58.63 42.01 18.43
N VAL D 431 59.39 42.32 17.38
CA VAL D 431 60.33 43.49 17.28
C VAL D 431 59.59 44.80 17.65
N THR D 432 58.25 44.81 17.56
CA THR D 432 57.38 46.00 17.80
C THR D 432 57.66 46.60 19.18
N VAL D 433 57.99 45.79 20.18
CA VAL D 433 58.30 46.25 21.57
C VAL D 433 59.64 46.99 21.62
N LEU D 434 60.53 46.81 20.65
CA LEU D 434 61.90 47.40 20.67
C LEU D 434 61.91 48.81 20.07
N THR D 435 60.87 49.25 19.34
CA THR D 435 60.88 50.56 18.62
C THR D 435 61.00 51.72 19.61
N PRO D 436 60.36 51.67 20.81
CA PRO D 436 60.55 52.74 21.79
C PRO D 436 61.98 52.79 22.38
N HIS D 437 62.75 51.70 22.22
CA HIS D 437 64.16 51.57 22.69
C HIS D 437 65.15 51.98 21.58
N ILE D 438 65.02 51.42 20.36
CA ILE D 438 66.05 51.56 19.28
C ILE D 438 65.52 52.40 18.11
N GLY D 439 64.23 52.75 18.09
CA GLY D 439 63.62 53.56 17.02
C GLY D 439 63.12 52.72 15.85
N TYR D 440 62.11 53.21 15.12
CA TYR D 440 61.43 52.50 14.00
C TYR D 440 62.44 52.12 12.92
N ASP D 441 63.40 53.01 12.61
CA ASP D 441 64.38 52.85 11.50
C ASP D 441 65.30 51.65 11.79
N LEU D 442 65.87 51.55 12.99
CA LEU D 442 66.81 50.45 13.37
C LEU D 442 66.05 49.13 13.58
N SER D 443 64.76 49.19 13.94
CA SER D 443 63.90 47.99 14.12
C SER D 443 63.64 47.33 12.76
N ALA D 444 63.30 48.13 11.75
CA ALA D 444 63.09 47.70 10.34
C ALA D 444 64.33 46.95 9.83
N LYS D 445 65.53 47.50 10.04
CA LYS D 445 66.84 46.94 9.57
C LYS D 445 67.12 45.61 10.27
N LEU D 446 66.73 45.48 11.55
CA LEU D 446 66.79 44.21 12.34
C LEU D 446 65.87 43.15 11.71
N VAL D 447 64.61 43.48 11.46
CA VAL D 447 63.61 42.57 10.82
C VAL D 447 64.12 42.17 9.43
N GLN D 448 64.52 43.16 8.62
CA GLN D 448 65.02 42.97 7.23
C GLN D 448 66.23 42.03 7.24
N HIS D 449 67.07 42.14 8.28
CA HIS D 449 68.26 41.28 8.49
C HIS D 449 67.79 39.85 8.81
N ALA D 450 67.02 39.67 9.88
CA ALA D 450 66.50 38.36 10.37
C ALA D 450 65.84 37.58 9.23
N SER D 451 65.08 38.30 8.39
CA SER D 451 64.32 37.76 7.23
C SER D 451 65.27 37.31 6.12
N LYS D 452 66.03 38.25 5.53
CA LYS D 452 66.91 38.01 4.35
C LYS D 452 67.98 36.95 4.66
N PHE D 453 68.33 36.73 5.93
CA PHE D 453 69.40 35.79 6.37
C PHE D 453 68.82 34.68 7.28
N LYS D 454 67.53 34.37 7.14
CA LYS D 454 66.82 33.24 7.80
C LYS D 454 67.40 33.00 9.20
N LYS D 455 67.21 33.95 10.12
CA LYS D 455 67.68 33.89 11.54
C LYS D 455 66.60 34.51 12.46
N GLY D 456 66.63 34.14 13.75
CA GLY D 456 65.71 34.63 14.80
C GLY D 456 66.03 36.06 15.21
N LEU D 457 65.11 36.69 15.95
CA LEU D 457 65.21 38.13 16.35
C LEU D 457 66.39 38.32 17.30
N ARG D 458 66.46 37.51 18.36
CA ARG D 458 67.57 37.48 19.36
C ARG D 458 68.92 37.49 18.61
N GLU D 459 69.14 36.53 17.72
CA GLU D 459 70.43 36.34 16.98
C GLU D 459 70.78 37.59 16.19
N SER D 460 69.79 38.21 15.52
CA SER D 460 69.99 39.36 14.58
C SER D 460 70.27 40.65 15.35
N ALA D 461 69.66 40.79 16.54
CA ALA D 461 69.82 41.95 17.45
C ALA D 461 71.25 41.97 18.01
N ILE D 462 71.74 40.81 18.46
CA ILE D 462 73.16 40.59 18.91
C ILE D 462 74.09 40.89 17.72
N GLU D 463 73.88 40.21 16.58
CA GLU D 463 74.72 40.31 15.35
C GLU D 463 74.86 41.78 14.91
N LEU D 464 73.74 42.53 14.92
CA LEU D 464 73.70 43.95 14.45
C LEU D 464 74.13 44.90 15.57
N ASN D 465 74.49 44.39 16.76
CA ASN D 465 74.99 45.18 17.92
C ASN D 465 73.92 46.18 18.37
N LEU D 466 72.67 45.74 18.49
CA LEU D 466 71.50 46.62 18.81
C LEU D 466 71.06 46.40 20.26
N LEU D 467 70.98 45.14 20.70
CA LEU D 467 70.72 44.76 22.11
C LEU D 467 71.49 43.47 22.42
N CYS D 468 71.90 43.29 23.68
CA CYS D 468 72.50 42.04 24.22
C CYS D 468 71.39 41.00 24.42
N GLY D 469 71.74 39.72 24.49
CA GLY D 469 70.81 38.59 24.65
C GLY D 469 70.01 38.67 25.95
N GLU D 470 70.63 39.17 27.02
CA GLU D 470 69.99 39.35 28.35
C GLU D 470 68.90 40.42 28.26
N LYS D 471 69.22 41.56 27.64
CA LYS D 471 68.31 42.74 27.46
C LYS D 471 67.06 42.34 26.65
N PHE D 472 67.28 41.66 25.51
CA PHE D 472 66.21 41.11 24.62
C PHE D 472 65.25 40.25 25.44
N ASP D 473 65.78 39.34 26.27
CA ASP D 473 65.01 38.33 27.05
C ASP D 473 64.12 39.03 28.11
N GLU D 474 64.50 40.23 28.56
CA GLU D 474 63.79 41.01 29.60
C GLU D 474 62.61 41.77 28.98
N ILE D 475 62.80 42.31 27.76
CA ILE D 475 61.83 43.18 27.02
C ILE D 475 60.79 42.33 26.29
N VAL D 476 61.22 41.27 25.58
CA VAL D 476 60.34 40.50 24.65
C VAL D 476 59.66 39.36 25.41
N LYS D 477 58.59 39.68 26.14
CA LYS D 477 57.73 38.73 26.90
C LYS D 477 56.32 38.73 26.29
N PRO D 478 56.01 37.75 25.41
CA PRO D 478 54.69 37.69 24.76
C PRO D 478 53.44 37.82 25.65
N MET D 479 53.46 37.29 26.88
CA MET D 479 52.32 37.38 27.84
C MET D 479 52.10 38.86 28.21
N GLU D 480 53.19 39.57 28.53
CA GLU D 480 53.16 41.01 28.88
C GLU D 480 52.77 41.82 27.64
N MET D 481 53.07 41.31 26.44
CA MET D 481 52.75 42.02 25.16
C MET D 481 51.23 41.99 24.90
N ALA D 482 50.53 40.89 25.18
CA ALA D 482 49.07 40.77 24.98
C ALA D 482 48.31 41.67 25.98
N PHE D 483 48.84 41.86 27.19
CA PHE D 483 48.20 42.68 28.26
C PHE D 483 49.21 43.68 28.81
N PRO D 484 49.59 44.71 28.02
CA PRO D 484 50.66 45.63 28.41
C PRO D 484 50.30 46.68 29.47
N HIS D 485 49.03 46.81 29.86
CA HIS D 485 48.55 47.82 30.85
C HIS D 485 48.28 47.14 32.21
N ASN D 486 48.99 46.05 32.53
CA ASN D 486 48.82 45.24 33.76
C ASN D 486 49.97 45.51 34.73
C1 LMR E . -45.08 -12.32 -3.74
O1A LMR E . -44.02 -12.07 -3.07
O1B LMR E . -45.24 -11.81 -4.87
C2 LMR E . -46.18 -13.23 -3.18
O2 LMR E . -45.65 -14.48 -2.76
C3 LMR E . -46.79 -12.48 -2.00
C4 LMR E . -48.14 -13.06 -1.58
O4A LMR E . -48.75 -12.52 -0.61
O4B LMR E . -48.66 -14.03 -2.20
H2 LMR E . -46.93 -13.39 -3.96
HO2 LMR E . -45.82 -14.58 -1.80
H3 LMR E . -46.95 -11.44 -2.29
H3A LMR E . -46.12 -12.51 -1.15
C1 GOL F . -12.55 -37.58 3.77
O1 GOL F . -11.62 -37.71 2.70
C2 GOL F . -12.84 -36.13 4.12
O2 GOL F . -12.08 -35.27 3.26
C3 GOL F . -14.30 -35.76 4.04
O3 GOL F . -14.51 -34.42 3.62
H11 GOL F . -12.19 -38.04 4.57
H12 GOL F . -13.40 -38.02 3.52
HO1 GOL F . -11.52 -38.54 2.55
H2 GOL F . -12.53 -35.98 5.04
HO2 GOL F . -12.63 -34.74 2.88
H31 GOL F . -14.70 -35.90 4.92
H32 GOL F . -14.75 -36.38 3.41
HO3 GOL F . -14.12 -34.31 2.88
C ACT G . -20.11 -33.22 8.46
O ACT G . -20.53 -34.27 8.88
OXT ACT G . -18.94 -33.05 8.16
CH3 ACT G . -21.07 -32.01 8.30
H1 ACT G . -21.98 -32.29 8.49
H2 ACT G . -21.02 -31.69 7.39
H3 ACT G . -20.82 -31.31 8.91
C1 LMR H . 11.36 65.88 -22.13
O1A LMR H . 10.87 64.75 -22.45
O1B LMR H . 10.59 66.75 -21.62
C2 LMR H . 12.85 66.23 -22.35
O2 LMR H . 13.74 65.32 -21.71
C3 LMR H . 13.05 66.23 -23.86
C4 LMR H . 14.33 66.95 -24.30
O4A LMR H . 14.64 66.97 -25.52
O4B LMR H . 15.07 67.52 -23.45
H2 LMR H . 13.03 67.23 -21.96
HO2 LMR H . 14.29 64.88 -22.37
H3 LMR H . 12.20 66.71 -24.34
H3A LMR H . 13.11 65.21 -24.23
C1 GOL I . -8.76 48.42 -11.11
O1 GOL I . -7.43 48.04 -10.81
C2 GOL I . -9.09 48.11 -12.55
O2 GOL I . -9.24 46.70 -12.72
C3 GOL I . -8.03 48.65 -13.48
O3 GOL I . -8.55 48.94 -14.77
H11 GOL I . -8.89 49.39 -10.96
H12 GOL I . -9.38 47.92 -10.54
HO1 GOL I . -7.29 48.24 -9.99
H2 GOL I . -9.95 48.55 -12.77
HO2 GOL I . -8.69 46.44 -13.32
H31 GOL I . -7.29 47.99 -13.57
H32 GOL I . -7.65 49.48 -13.09
HO3 GOL I . -9.36 49.20 -14.70
C1 GOL J . 16.95 30.90 -0.36
O1 GOL J . 15.93 30.74 0.62
C2 GOL J . 16.39 31.40 -1.68
O2 GOL J . 15.23 30.65 -2.01
C3 GOL J . 16.05 32.88 -1.67
O3 GOL J . 15.20 33.25 -2.76
H11 GOL J . 17.41 30.04 -0.51
H12 GOL J . 17.61 31.55 -0.03
HO1 GOL J . 16.31 30.46 1.32
H2 GOL J . 17.08 31.25 -2.38
HO2 GOL J . 14.61 31.19 -2.14
H31 GOL J . 16.90 33.41 -1.73
H32 GOL J . 15.62 33.10 -0.82
HO3 GOL J . 15.25 32.65 -3.35
C ACT K . 19.04 34.81 -9.08
O ACT K . 18.29 34.08 -8.44
OXT ACT K . 20.24 34.70 -9.06
CH3 ACT K . 18.39 35.89 -9.97
H1 ACT K . 19.07 36.42 -10.40
H2 ACT K . 17.83 36.47 -9.42
H3 ACT K . 17.83 35.47 -10.64
C1 LMR L . -38.19 -64.78 -0.85
O1A LMR L . -38.48 -65.43 0.21
O1B LMR L . -37.01 -64.69 -1.28
C2 LMR L . -39.32 -64.11 -1.64
O2 LMR L . -38.95 -62.80 -2.03
C3 LMR L . -39.53 -65.03 -2.85
C4 LMR L . -40.88 -64.82 -3.54
O4A LMR L . -41.79 -64.07 -3.08
O4B LMR L . -41.06 -65.45 -4.62
H2 LMR L . -40.22 -64.07 -1.04
HO2 LMR L . -38.92 -62.75 -3.00
H3 LMR L . -39.48 -66.05 -2.51
H3A LMR L . -38.75 -64.86 -3.57
C ACT M . -17.65 -37.90 -7.65
O ACT M . -16.54 -37.67 -7.16
OXT ACT M . -18.36 -37.03 -8.14
CH3 ACT M . -18.16 -39.36 -7.62
H1 ACT M . -19.08 -39.40 -7.94
H2 ACT M . -18.13 -39.70 -6.71
H3 ACT M . -17.60 -39.91 -8.18
C1 LMR N . 49.45 46.75 9.49
O1A LMR N . 48.53 46.14 10.11
O1B LMR N . 50.48 46.15 9.03
C2 LMR N . 49.32 48.24 9.26
O2 LMR N . 48.03 48.54 8.77
C3 LMR N . 49.59 48.89 10.63
C4 LMR N . 49.84 50.39 10.58
O4A LMR N . 49.87 51.03 9.48
O4B LMR N . 50.01 51.00 11.68
H2 LMR N . 50.07 48.57 8.55
HO2 LMR N . 47.56 49.12 9.40
H3 LMR N . 50.46 48.40 11.08
H3A LMR N . 48.74 48.72 11.28
C1 GOL O . 38.30 21.52 12.69
O1 GOL O . 39.70 21.47 12.42
C2 GOL O . 37.47 20.87 11.62
O2 GOL O . 37.16 19.52 12.00
C3 GOL O . 38.12 20.88 10.25
O3 GOL O . 37.14 20.97 9.22
H11 GOL O . 38.04 22.47 12.76
H12 GOL O . 38.12 21.08 13.55
HO1 GOL O . 40.08 21.85 13.06
H2 GOL O . 36.61 21.36 11.55
HO2 GOL O . 37.41 19.00 11.39
H31 GOL O . 38.65 20.05 10.13
H32 GOL O . 38.73 21.65 10.19
HO3 GOL O . 36.54 20.40 9.39
C ACT P . 15.32 41.33 5.94
O ACT P . 14.73 40.26 5.87
OXT ACT P . 14.84 42.40 5.56
CH3 ACT P . 16.75 41.31 6.51
H1 ACT P . 17.14 42.20 6.45
H2 ACT P . 17.30 40.69 6.00
H3 ACT P . 16.73 41.03 7.43
#